data_7RJF
# 
_entry.id   7RJF 
# 
_audit_conform.dict_name       mmcif_pdbx.dic 
_audit_conform.dict_version    5.397 
_audit_conform.dict_location   http://mmcif.pdb.org/dictionaries/ascii/mmcif_pdbx.dic 
# 
loop_
_database_2.database_id 
_database_2.database_code 
_database_2.pdbx_database_accession 
_database_2.pdbx_DOI 
PDB   7RJF         pdb_00007rjf 10.2210/pdb7rjf/pdb 
WWPDB D_1000258280 ?            ?                   
# 
loop_
_pdbx_audit_revision_history.ordinal 
_pdbx_audit_revision_history.data_content_type 
_pdbx_audit_revision_history.major_revision 
_pdbx_audit_revision_history.minor_revision 
_pdbx_audit_revision_history.revision_date 
1 'Structure model' 1 0 2021-10-27 
2 'Structure model' 1 1 2021-11-24 
3 'Structure model' 1 2 2023-10-18 
4 'Structure model' 1 3 2024-10-23 
# 
_pdbx_audit_revision_details.ordinal             1 
_pdbx_audit_revision_details.revision_ordinal    1 
_pdbx_audit_revision_details.data_content_type   'Structure model' 
_pdbx_audit_revision_details.provider            repository 
_pdbx_audit_revision_details.type                'Initial release' 
_pdbx_audit_revision_details.description         ? 
_pdbx_audit_revision_details.details             ? 
# 
loop_
_pdbx_audit_revision_group.ordinal 
_pdbx_audit_revision_group.revision_ordinal 
_pdbx_audit_revision_group.data_content_type 
_pdbx_audit_revision_group.group 
1 2 'Structure model' 'Database references'    
2 3 'Structure model' 'Data collection'        
3 3 'Structure model' 'Refinement description' 
4 4 'Structure model' 'Structure summary'      
# 
loop_
_pdbx_audit_revision_category.ordinal 
_pdbx_audit_revision_category.revision_ordinal 
_pdbx_audit_revision_category.data_content_type 
_pdbx_audit_revision_category.category 
1 2 'Structure model' citation                      
2 2 'Structure model' citation_author               
3 3 'Structure model' chem_comp_atom                
4 3 'Structure model' chem_comp_bond                
5 3 'Structure model' pdbx_initial_refinement_model 
6 4 'Structure model' pdbx_entry_details            
7 4 'Structure model' pdbx_modification_feature     
# 
loop_
_pdbx_audit_revision_item.ordinal 
_pdbx_audit_revision_item.revision_ordinal 
_pdbx_audit_revision_item.data_content_type 
_pdbx_audit_revision_item.item 
1 2 'Structure model' '_citation.journal_volume'                     
2 2 'Structure model' '_citation.page_first'                         
3 2 'Structure model' '_citation.page_last'                          
4 2 'Structure model' '_citation_author.identifier_ORCID'            
5 4 'Structure model' '_pdbx_entry_details.has_protein_modification' 
# 
_pdbx_database_status.status_code                     REL 
_pdbx_database_status.status_code_sf                  REL 
_pdbx_database_status.status_code_mr                  ? 
_pdbx_database_status.entry_id                        7RJF 
_pdbx_database_status.recvd_initial_deposition_date   2021-07-20 
_pdbx_database_status.SG_entry                        N 
_pdbx_database_status.deposit_site                    RCSB 
_pdbx_database_status.process_site                    RCSB 
_pdbx_database_status.status_code_cs                  ? 
_pdbx_database_status.status_code_nmr_data            ? 
_pdbx_database_status.methods_development_category    ? 
_pdbx_database_status.pdb_format_compatible           Y 
# 
loop_
_audit_author.name 
_audit_author.pdbx_ordinal 
_audit_author.identifier_ORCID 
'Huawu, Y.'    1 0000-0002-7583-4961 
'Conan, K.W.'  2 0000-0002-7973-7632 
'Gordon, J.K.' 3 0000-0001-5592-5789 
'Brett, M.C.'  4 0000-0002-6070-3774 
'Yen-Hua, H.'  5 0000-0001-6937-2660 
'David, J.C.'  6 0000-0003-0007-6796 
# 
_citation.abstract                  ? 
_citation.abstract_id_CAS           ? 
_citation.book_id_ISBN              ? 
_citation.book_publisher            ? 
_citation.book_publisher_city       ? 
_citation.book_title                ? 
_citation.coordinate_linkage        ? 
_citation.country                   US 
_citation.database_id_Medline       ? 
_citation.details                   ? 
_citation.id                        primary 
_citation.journal_abbrev            J.Am.Chem.Soc. 
_citation.journal_id_ASTM           JACSAT 
_citation.journal_id_CSD            ? 
_citation.journal_id_ISSN           1520-5126 
_citation.journal_full              ? 
_citation.journal_issue             ? 
_citation.journal_volume            143 
_citation.language                  ? 
_citation.page_first                18536 
_citation.page_last                 18547 
_citation.title                     
'Rational Design of Potent Peptide Inhibitors of the PD-1:PD-L1 Interaction for Cancer Immunotherapy.' 
_citation.year                      2021 
_citation.database_id_CSD           ? 
_citation.pdbx_database_id_DOI      10.1021/jacs.1c08132 
_citation.pdbx_database_id_PubMed   34661406 
_citation.pdbx_database_id_patent   ? 
_citation.unpublished_flag          ? 
# 
loop_
_citation_author.citation_id 
_citation_author.name 
_citation_author.ordinal 
_citation_author.identifier_ORCID 
primary 'Yin, H.'       1 ? 
primary 'Zhou, X.'      2 ? 
primary 'Huang, Y.H.'   3 ? 
primary 'King, G.J.'    4 ? 
primary 'Collins, B.M.' 5 ? 
primary 'Gao, Y.'       6 ? 
primary 'Craik, D.J.'   7 ? 
primary 'Wang, C.K.'    8 ? 
# 
loop_
_entity.id 
_entity.type 
_entity.src_method 
_entity.pdbx_description 
_entity.formula_weight 
_entity.pdbx_number_of_molecules 
_entity.pdbx_ec 
_entity.pdbx_mutation 
_entity.pdbx_fragment 
_entity.details 
1 polymer     syn '[L47W]MOPD-1' 5799.658 2  ? ? ? ? 
2 non-polymer syn 'ZINC ION'     65.409   2  ? ? ? ? 
3 non-polymer syn 'MALONATE ION' 102.046  2  ? ? ? ? 
4 water       nat water          18.015   25 ? ? ? ? 
# 
_entity_poly.entity_id                      1 
_entity_poly.type                           'polypeptide(L)' 
_entity_poly.nstd_linkage                   no 
_entity_poly.nstd_monomer                   no 
_entity_poly.pdbx_seq_one_letter_code       IQIREYKRCGQDEERVRRECKERGERQNCHYVIHKEGNCYVCGIICW 
_entity_poly.pdbx_seq_one_letter_code_can   IQIREYKRCGQDEERVRRECKERGERQNCHYVIHKEGNCYVCGIICW 
_entity_poly.pdbx_strand_id                 A,B 
_entity_poly.pdbx_target_identifier         ? 
# 
loop_
_pdbx_entity_nonpoly.entity_id 
_pdbx_entity_nonpoly.name 
_pdbx_entity_nonpoly.comp_id 
2 'ZINC ION'     ZN  
3 'MALONATE ION' MLI 
4 water          HOH 
# 
loop_
_entity_poly_seq.entity_id 
_entity_poly_seq.num 
_entity_poly_seq.mon_id 
_entity_poly_seq.hetero 
1 1  ILE n 
1 2  GLN n 
1 3  ILE n 
1 4  ARG n 
1 5  GLU n 
1 6  TYR n 
1 7  LYS n 
1 8  ARG n 
1 9  CYS n 
1 10 GLY n 
1 11 GLN n 
1 12 ASP n 
1 13 GLU n 
1 14 GLU n 
1 15 ARG n 
1 16 VAL n 
1 17 ARG n 
1 18 ARG n 
1 19 GLU n 
1 20 CYS n 
1 21 LYS n 
1 22 GLU n 
1 23 ARG n 
1 24 GLY n 
1 25 GLU n 
1 26 ARG n 
1 27 GLN n 
1 28 ASN n 
1 29 CYS n 
1 30 HIS n 
1 31 TYR n 
1 32 VAL n 
1 33 ILE n 
1 34 HIS n 
1 35 LYS n 
1 36 GLU n 
1 37 GLY n 
1 38 ASN n 
1 39 CYS n 
1 40 TYR n 
1 41 VAL n 
1 42 CYS n 
1 43 GLY n 
1 44 ILE n 
1 45 ILE n 
1 46 CYS n 
1 47 TRP n 
# 
_pdbx_entity_src_syn.entity_id              1 
_pdbx_entity_src_syn.pdbx_src_id            1 
_pdbx_entity_src_syn.pdbx_alt_source_flag   sample 
_pdbx_entity_src_syn.pdbx_beg_seq_num       1 
_pdbx_entity_src_syn.pdbx_end_seq_num       47 
_pdbx_entity_src_syn.organism_scientific    'synthetic construct' 
_pdbx_entity_src_syn.organism_common_name   ? 
_pdbx_entity_src_syn.ncbi_taxonomy_id       32630 
_pdbx_entity_src_syn.details                ? 
# 
loop_
_chem_comp.id 
_chem_comp.type 
_chem_comp.mon_nstd_flag 
_chem_comp.name 
_chem_comp.pdbx_synonyms 
_chem_comp.formula 
_chem_comp.formula_weight 
ARG 'L-peptide linking' y ARGININE        ? 'C6 H15 N4 O2 1' 175.209 
ASN 'L-peptide linking' y ASPARAGINE      ? 'C4 H8 N2 O3'    132.118 
ASP 'L-peptide linking' y 'ASPARTIC ACID' ? 'C4 H7 N O4'     133.103 
CYS 'L-peptide linking' y CYSTEINE        ? 'C3 H7 N O2 S'   121.158 
GLN 'L-peptide linking' y GLUTAMINE       ? 'C5 H10 N2 O3'   146.144 
GLU 'L-peptide linking' y 'GLUTAMIC ACID' ? 'C5 H9 N O4'     147.129 
GLY 'peptide linking'   y GLYCINE         ? 'C2 H5 N O2'     75.067  
HIS 'L-peptide linking' y HISTIDINE       ? 'C6 H10 N3 O2 1' 156.162 
HOH non-polymer         . WATER           ? 'H2 O'           18.015  
ILE 'L-peptide linking' y ISOLEUCINE      ? 'C6 H13 N O2'    131.173 
LYS 'L-peptide linking' y LYSINE          ? 'C6 H15 N2 O2 1' 147.195 
MLI non-polymer         . 'MALONATE ION'  ? 'C3 H2 O4 -2'    102.046 
TRP 'L-peptide linking' y TRYPTOPHAN      ? 'C11 H12 N2 O2'  204.225 
TYR 'L-peptide linking' y TYROSINE        ? 'C9 H11 N O3'    181.189 
VAL 'L-peptide linking' y VALINE          ? 'C5 H11 N O2'    117.146 
ZN  non-polymer         . 'ZINC ION'      ? 'Zn 2'           65.409  
# 
loop_
_pdbx_poly_seq_scheme.asym_id 
_pdbx_poly_seq_scheme.entity_id 
_pdbx_poly_seq_scheme.seq_id 
_pdbx_poly_seq_scheme.mon_id 
_pdbx_poly_seq_scheme.ndb_seq_num 
_pdbx_poly_seq_scheme.pdb_seq_num 
_pdbx_poly_seq_scheme.auth_seq_num 
_pdbx_poly_seq_scheme.pdb_mon_id 
_pdbx_poly_seq_scheme.auth_mon_id 
_pdbx_poly_seq_scheme.pdb_strand_id 
_pdbx_poly_seq_scheme.pdb_ins_code 
_pdbx_poly_seq_scheme.hetero 
A 1 1  ILE 1  1  1  ILE ILE A . n 
A 1 2  GLN 2  2  2  GLN GLN A . n 
A 1 3  ILE 3  3  3  ILE ILE A . n 
A 1 4  ARG 4  4  4  ARG ARG A . n 
A 1 5  GLU 5  5  5  GLU GLU A . n 
A 1 6  TYR 6  6  6  TYR TYR A . n 
A 1 7  LYS 7  7  7  LYS LYS A . n 
A 1 8  ARG 8  8  8  ARG ARG A . n 
A 1 9  CYS 9  9  9  CYS CYS A . n 
A 1 10 GLY 10 10 10 GLY GLY A . n 
A 1 11 GLN 11 11 11 GLN GLN A . n 
A 1 12 ASP 12 12 12 ASP ASP A . n 
A 1 13 GLU 13 13 13 GLU GLU A . n 
A 1 14 GLU 14 14 14 GLU GLU A . n 
A 1 15 ARG 15 15 15 ARG ARG A . n 
A 1 16 VAL 16 16 16 VAL VAL A . n 
A 1 17 ARG 17 17 17 ARG ARG A . n 
A 1 18 ARG 18 18 18 ARG ARG A . n 
A 1 19 GLU 19 19 19 GLU GLU A . n 
A 1 20 CYS 20 20 20 CYS CYS A . n 
A 1 21 LYS 21 21 21 LYS LYS A . n 
A 1 22 GLU 22 22 22 GLU GLU A . n 
A 1 23 ARG 23 23 23 ARG ARG A . n 
A 1 24 GLY 24 24 24 GLY GLY A . n 
A 1 25 GLU 25 25 25 GLU GLU A . n 
A 1 26 ARG 26 26 26 ARG ARG A . n 
A 1 27 GLN 27 27 27 GLN GLN A . n 
A 1 28 ASN 28 28 28 ASN ASN A . n 
A 1 29 CYS 29 29 29 CYS CYS A . n 
A 1 30 HIS 30 30 30 HIS HIS A . n 
A 1 31 TYR 31 31 31 TYR TYR A . n 
A 1 32 VAL 32 32 32 VAL VAL A . n 
A 1 33 ILE 33 33 33 ILE ILE A . n 
A 1 34 HIS 34 34 34 HIS HIS A . n 
A 1 35 LYS 35 35 35 LYS LYS A . n 
A 1 36 GLU 36 36 36 GLU GLU A . n 
A 1 37 GLY 37 37 37 GLY GLY A . n 
A 1 38 ASN 38 38 38 ASN ASN A . n 
A 1 39 CYS 39 39 39 CYS CYS A . n 
A 1 40 TYR 40 40 40 TYR TYR A . n 
A 1 41 VAL 41 41 41 VAL VAL A . n 
A 1 42 CYS 42 42 42 CYS CYS A . n 
A 1 43 GLY 43 43 43 GLY GLY A . n 
A 1 44 ILE 44 44 44 ILE ILE A . n 
A 1 45 ILE 45 45 45 ILE ILE A . n 
A 1 46 CYS 46 46 46 CYS CYS A . n 
A 1 47 TRP 47 47 47 TRP TRP A . n 
B 1 1  ILE 1  1  1  ILE ILE B . n 
B 1 2  GLN 2  2  2  GLN GLN B . n 
B 1 3  ILE 3  3  3  ILE ILE B . n 
B 1 4  ARG 4  4  4  ARG ARG B . n 
B 1 5  GLU 5  5  5  GLU GLU B . n 
B 1 6  TYR 6  6  6  TYR TYR B . n 
B 1 7  LYS 7  7  7  LYS LYS B . n 
B 1 8  ARG 8  8  8  ARG ARG B . n 
B 1 9  CYS 9  9  9  CYS CYS B . n 
B 1 10 GLY 10 10 10 GLY GLY B . n 
B 1 11 GLN 11 11 11 GLN GLN B . n 
B 1 12 ASP 12 12 12 ASP ASP B . n 
B 1 13 GLU 13 13 13 GLU GLU B . n 
B 1 14 GLU 14 14 14 GLU GLU B . n 
B 1 15 ARG 15 15 15 ARG ARG B . n 
B 1 16 VAL 16 16 16 VAL VAL B . n 
B 1 17 ARG 17 17 17 ARG ARG B . n 
B 1 18 ARG 18 18 18 ARG ARG B . n 
B 1 19 GLU 19 19 19 GLU GLU B . n 
B 1 20 CYS 20 20 20 CYS CYS B . n 
B 1 21 LYS 21 21 21 LYS LYS B . n 
B 1 22 GLU 22 22 22 GLU GLU B . n 
B 1 23 ARG 23 23 23 ARG ARG B . n 
B 1 24 GLY 24 24 24 GLY GLY B . n 
B 1 25 GLU 25 25 25 GLU GLU B . n 
B 1 26 ARG 26 26 26 ARG ARG B . n 
B 1 27 GLN 27 27 27 GLN GLN B . n 
B 1 28 ASN 28 28 28 ASN ASN B . n 
B 1 29 CYS 29 29 29 CYS CYS B . n 
B 1 30 HIS 30 30 30 HIS HIS B . n 
B 1 31 TYR 31 31 31 TYR TYR B . n 
B 1 32 VAL 32 32 32 VAL VAL B . n 
B 1 33 ILE 33 33 33 ILE ILE B . n 
B 1 34 HIS 34 34 34 HIS HIS B . n 
B 1 35 LYS 35 35 35 LYS LYS B . n 
B 1 36 GLU 36 36 36 GLU GLU B . n 
B 1 37 GLY 37 37 37 GLY GLY B . n 
B 1 38 ASN 38 38 38 ASN ASN B . n 
B 1 39 CYS 39 39 39 CYS CYS B . n 
B 1 40 TYR 40 40 40 TYR TYR B . n 
B 1 41 VAL 41 41 41 VAL VAL B . n 
B 1 42 CYS 42 42 42 CYS CYS B . n 
B 1 43 GLY 43 43 43 GLY GLY B . n 
B 1 44 ILE 44 44 44 ILE ILE B . n 
B 1 45 ILE 45 45 45 ILE ILE B . n 
B 1 46 CYS 46 46 46 CYS CYS B . n 
B 1 47 TRP 47 47 47 TRP TRP B . n 
# 
loop_
_pdbx_nonpoly_scheme.asym_id 
_pdbx_nonpoly_scheme.entity_id 
_pdbx_nonpoly_scheme.mon_id 
_pdbx_nonpoly_scheme.ndb_seq_num 
_pdbx_nonpoly_scheme.pdb_seq_num 
_pdbx_nonpoly_scheme.auth_seq_num 
_pdbx_nonpoly_scheme.pdb_mon_id 
_pdbx_nonpoly_scheme.auth_mon_id 
_pdbx_nonpoly_scheme.pdb_strand_id 
_pdbx_nonpoly_scheme.pdb_ins_code 
C 2 ZN  1  101 1  ZN  ZN  A . 
D 2 ZN  1  102 1  ZN  ZN  A . 
E 3 MLI 1  103 1  MLI MLA A . 
F 3 MLI 1  104 1  MLI MLA A . 
G 4 HOH 1  201 15 HOH HOH A . 
G 4 HOH 2  202 5  HOH HOH A . 
G 4 HOH 3  203 4  HOH HOH A . 
G 4 HOH 4  204 2  HOH HOH A . 
G 4 HOH 5  205 16 HOH HOH A . 
G 4 HOH 6  206 12 HOH HOH A . 
G 4 HOH 7  207 10 HOH HOH A . 
G 4 HOH 8  208 18 HOH HOH A . 
G 4 HOH 9  209 6  HOH HOH A . 
G 4 HOH 10 210 23 HOH HOH A . 
G 4 HOH 11 211 25 HOH HOH A . 
G 4 HOH 12 212 17 HOH HOH A . 
G 4 HOH 13 213 21 HOH HOH A . 
G 4 HOH 14 214 14 HOH HOH A . 
G 4 HOH 15 215 7  HOH HOH A . 
G 4 HOH 16 216 20 HOH HOH A . 
G 4 HOH 17 217 19 HOH HOH A . 
H 4 HOH 1  101 11 HOH HOH B . 
H 4 HOH 2  102 9  HOH HOH B . 
H 4 HOH 3  103 3  HOH HOH B . 
H 4 HOH 4  104 1  HOH HOH B . 
H 4 HOH 5  105 8  HOH HOH B . 
H 4 HOH 6  106 13 HOH HOH B . 
H 4 HOH 7  107 24 HOH HOH B . 
H 4 HOH 8  108 22 HOH HOH B . 
# 
loop_
_software.citation_id 
_software.classification 
_software.compiler_name 
_software.compiler_version 
_software.contact_author 
_software.contact_author_email 
_software.date 
_software.description 
_software.dependencies 
_software.hardware 
_software.language 
_software.location 
_software.mods 
_software.name 
_software.os 
_software.os_version 
_software.type 
_software.version 
_software.pdbx_ordinal 
? refinement        ? ? ? ? ? ? ? ? ? ? ? PHENIX      ? ? ? 1.18.2_3874 1 
? 'data extraction' ? ? ? ? ? ? ? ? ? ? ? PDB_EXTRACT ? ? ? 3.27        2 
? 'data scaling'    ? ? ? ? ? ? ? ? ? ? ? Aimless     ? ? ? .           3 
? phasing           ? ? ? ? ? ? ? ? ? ? ? PHASER      ? ? ? .           4 
# 
_cell.angle_alpha                  90.000 
_cell.angle_alpha_esd              ? 
_cell.angle_beta                   90.000 
_cell.angle_beta_esd               ? 
_cell.angle_gamma                  90.000 
_cell.angle_gamma_esd              ? 
_cell.entry_id                     7RJF 
_cell.details                      ? 
_cell.formula_units_Z              ? 
_cell.length_a                     41.377 
_cell.length_a_esd                 ? 
_cell.length_b                     41.377 
_cell.length_b_esd                 ? 
_cell.length_c                     127.399 
_cell.length_c_esd                 ? 
_cell.volume                       218114.239 
_cell.volume_esd                   ? 
_cell.Z_PDB                        16 
_cell.reciprocal_angle_alpha       ? 
_cell.reciprocal_angle_beta        ? 
_cell.reciprocal_angle_gamma       ? 
_cell.reciprocal_angle_alpha_esd   ? 
_cell.reciprocal_angle_beta_esd    ? 
_cell.reciprocal_angle_gamma_esd   ? 
_cell.reciprocal_length_a          ? 
_cell.reciprocal_length_b          ? 
_cell.reciprocal_length_c          ? 
_cell.reciprocal_length_a_esd      ? 
_cell.reciprocal_length_b_esd      ? 
_cell.reciprocal_length_c_esd      ? 
_cell.pdbx_unique_axis             ? 
# 
_symmetry.entry_id                         7RJF 
_symmetry.cell_setting                     ? 
_symmetry.Int_Tables_number                92 
_symmetry.space_group_name_Hall            'P 4abw 2nw' 
_symmetry.space_group_name_H-M             'P 41 21 2' 
_symmetry.pdbx_full_space_group_name_H-M   ? 
# 
_exptl.absorpt_coefficient_mu     ? 
_exptl.absorpt_correction_T_max   ? 
_exptl.absorpt_correction_T_min   ? 
_exptl.absorpt_correction_type    ? 
_exptl.absorpt_process_details    ? 
_exptl.entry_id                   7RJF 
_exptl.crystals_number            1 
_exptl.details                    ? 
_exptl.method                     'X-RAY DIFFRACTION' 
_exptl.method_details             ? 
# 
_exptl_crystal.colour                      ? 
_exptl_crystal.density_diffrn              ? 
_exptl_crystal.density_Matthews            2.35 
_exptl_crystal.density_method              ? 
_exptl_crystal.density_percent_sol         47.67 
_exptl_crystal.description                 ? 
_exptl_crystal.F_000                       ? 
_exptl_crystal.id                          1 
_exptl_crystal.preparation                 ? 
_exptl_crystal.size_max                    ? 
_exptl_crystal.size_mid                    ? 
_exptl_crystal.size_min                    ? 
_exptl_crystal.size_rad                    ? 
_exptl_crystal.colour_lustre               ? 
_exptl_crystal.colour_modifier             ? 
_exptl_crystal.colour_primary              ? 
_exptl_crystal.density_meas                ? 
_exptl_crystal.density_meas_esd            ? 
_exptl_crystal.density_meas_gt             ? 
_exptl_crystal.density_meas_lt             ? 
_exptl_crystal.density_meas_temp           ? 
_exptl_crystal.density_meas_temp_esd       ? 
_exptl_crystal.density_meas_temp_gt        ? 
_exptl_crystal.density_meas_temp_lt        ? 
_exptl_crystal.pdbx_crystal_image_url      ? 
_exptl_crystal.pdbx_crystal_image_format   ? 
_exptl_crystal.pdbx_mosaicity              ? 
_exptl_crystal.pdbx_mosaicity_esd          ? 
# 
_exptl_crystal_grow.apparatus       ? 
_exptl_crystal_grow.atmosphere      ? 
_exptl_crystal_grow.crystal_id      1 
_exptl_crystal_grow.details         ? 
_exptl_crystal_grow.method          'VAPOR DIFFUSION, HANGING DROP' 
_exptl_crystal_grow.method_ref      ? 
_exptl_crystal_grow.pH              ? 
_exptl_crystal_grow.pressure        ? 
_exptl_crystal_grow.pressure_esd    ? 
_exptl_crystal_grow.seeding         ? 
_exptl_crystal_grow.seeding_ref     ? 
_exptl_crystal_grow.temp            293.15 
_exptl_crystal_grow.temp_details    ? 
_exptl_crystal_grow.temp_esd        ? 
_exptl_crystal_grow.time            ? 
_exptl_crystal_grow.pdbx_details    
'200 nL 5 mg/mL peptide + 200 nL 0.1 M zinc chloride, 8% v/v Tacsimate, pH 6.0, 16% w/v PEG3350' 
_exptl_crystal_grow.pdbx_pH_range   ? 
# 
_diffrn.ambient_environment              ? 
_diffrn.ambient_temp                     100 
_diffrn.ambient_temp_details             ? 
_diffrn.ambient_temp_esd                 ? 
_diffrn.crystal_id                       1 
_diffrn.crystal_support                  ? 
_diffrn.crystal_treatment                ? 
_diffrn.details                          ? 
_diffrn.id                               1 
_diffrn.ambient_pressure                 ? 
_diffrn.ambient_pressure_esd             ? 
_diffrn.ambient_pressure_gt              ? 
_diffrn.ambient_pressure_lt              ? 
_diffrn.ambient_temp_gt                  ? 
_diffrn.ambient_temp_lt                  ? 
_diffrn.pdbx_serial_crystal_experiment   N 
# 
_diffrn_detector.details                      ? 
_diffrn_detector.detector                     PIXEL 
_diffrn_detector.diffrn_id                    1 
_diffrn_detector.type                         'DECTRIS EIGER X 9M' 
_diffrn_detector.area_resol_mean              ? 
_diffrn_detector.dtime                        ? 
_diffrn_detector.pdbx_frames_total            ? 
_diffrn_detector.pdbx_collection_time_total   ? 
_diffrn_detector.pdbx_collection_date         2020-10-07 
_diffrn_detector.pdbx_frequency               ? 
# 
_diffrn_radiation.collimation                      ? 
_diffrn_radiation.diffrn_id                        1 
_diffrn_radiation.filter_edge                      ? 
_diffrn_radiation.inhomogeneity                    ? 
_diffrn_radiation.monochromator                    ? 
_diffrn_radiation.polarisn_norm                    ? 
_diffrn_radiation.polarisn_ratio                   ? 
_diffrn_radiation.probe                            ? 
_diffrn_radiation.type                             ? 
_diffrn_radiation.xray_symbol                      ? 
_diffrn_radiation.wavelength_id                    1 
_diffrn_radiation.pdbx_monochromatic_or_laue_m_l   M 
_diffrn_radiation.pdbx_wavelength_list             ? 
_diffrn_radiation.pdbx_wavelength                  ? 
_diffrn_radiation.pdbx_diffrn_protocol             'SINGLE WAVELENGTH' 
_diffrn_radiation.pdbx_analyzer                    ? 
_diffrn_radiation.pdbx_scattering_type             x-ray 
# 
_diffrn_radiation_wavelength.id           1 
_diffrn_radiation_wavelength.wavelength   0.97625 
_diffrn_radiation_wavelength.wt           1.0 
# 
_diffrn_source.current                     ? 
_diffrn_source.details                     ? 
_diffrn_source.diffrn_id                   1 
_diffrn_source.power                       ? 
_diffrn_source.size                        ? 
_diffrn_source.source                      SYNCHROTRON 
_diffrn_source.target                      ? 
_diffrn_source.type                        'AUSTRALIAN SYNCHROTRON BEAMLINE MX1' 
_diffrn_source.voltage                     ? 
_diffrn_source.take-off_angle              ? 
_diffrn_source.pdbx_wavelength_list        0.97625 
_diffrn_source.pdbx_wavelength             ? 
_diffrn_source.pdbx_synchrotron_beamline   MX1 
_diffrn_source.pdbx_synchrotron_site       'Australian Synchrotron' 
# 
_reflns.B_iso_Wilson_estimate                          28.89 
_reflns.entry_id                                       7RJF 
_reflns.data_reduction_details                         ? 
_reflns.data_reduction_method                          ? 
_reflns.d_resolution_high                              1.8 
_reflns.d_resolution_low                               42.47 
_reflns.details                                        ? 
_reflns.limit_h_max                                    ? 
_reflns.limit_h_min                                    ? 
_reflns.limit_k_max                                    ? 
_reflns.limit_k_min                                    ? 
_reflns.limit_l_max                                    ? 
_reflns.limit_l_min                                    ? 
_reflns.number_all                                     ? 
_reflns.number_obs                                     10906 
_reflns.observed_criterion                             ? 
_reflns.observed_criterion_F_max                       ? 
_reflns.observed_criterion_F_min                       ? 
_reflns.observed_criterion_I_max                       ? 
_reflns.observed_criterion_I_min                       ? 
_reflns.observed_criterion_sigma_F                     ? 
_reflns.observed_criterion_sigma_I                     ? 
_reflns.percent_possible_obs                           99.53 
_reflns.R_free_details                                 ? 
_reflns.Rmerge_F_all                                   ? 
_reflns.Rmerge_F_obs                                   ? 
_reflns.Friedel_coverage                               ? 
_reflns.number_gt                                      ? 
_reflns.threshold_expression                           ? 
_reflns.pdbx_redundancy                                2.0 
_reflns.pdbx_Rmerge_I_obs                              ? 
_reflns.pdbx_Rmerge_I_all                              ? 
_reflns.pdbx_Rsym_value                                ? 
_reflns.pdbx_netI_over_av_sigmaI                       ? 
_reflns.pdbx_netI_over_sigmaI                          19.55 
_reflns.pdbx_res_netI_over_av_sigmaI_2                 ? 
_reflns.pdbx_res_netI_over_sigmaI_2                    ? 
_reflns.pdbx_chi_squared                               ? 
_reflns.pdbx_scaling_rejects                           ? 
_reflns.pdbx_d_res_high_opt                            ? 
_reflns.pdbx_d_res_low_opt                             ? 
_reflns.pdbx_d_res_opt_method                          ? 
_reflns.phase_calculation_details                      ? 
_reflns.pdbx_Rrim_I_all                                ? 
_reflns.pdbx_Rpim_I_all                                ? 
_reflns.pdbx_d_opt                                     ? 
_reflns.pdbx_number_measured_all                       ? 
_reflns.pdbx_diffrn_id                                 1 
_reflns.pdbx_ordinal                                   1 
_reflns.pdbx_CC_half                                   0.999 
_reflns.pdbx_CC_star                                   ? 
_reflns.pdbx_R_split                                   ? 
_reflns.pdbx_aniso_diffraction_limit_axis_1_ortho[1]   ? 
_reflns.pdbx_aniso_diffraction_limit_axis_1_ortho[2]   ? 
_reflns.pdbx_aniso_diffraction_limit_axis_1_ortho[3]   ? 
_reflns.pdbx_aniso_diffraction_limit_axis_2_ortho[1]   ? 
_reflns.pdbx_aniso_diffraction_limit_axis_2_ortho[2]   ? 
_reflns.pdbx_aniso_diffraction_limit_axis_2_ortho[3]   ? 
_reflns.pdbx_aniso_diffraction_limit_axis_3_ortho[1]   ? 
_reflns.pdbx_aniso_diffraction_limit_axis_3_ortho[2]   ? 
_reflns.pdbx_aniso_diffraction_limit_axis_3_ortho[3]   ? 
_reflns.pdbx_aniso_diffraction_limit_1                 ? 
_reflns.pdbx_aniso_diffraction_limit_2                 ? 
_reflns.pdbx_aniso_diffraction_limit_3                 ? 
_reflns.pdbx_aniso_B_tensor_eigenvector_1_ortho[1]     ? 
_reflns.pdbx_aniso_B_tensor_eigenvector_1_ortho[2]     ? 
_reflns.pdbx_aniso_B_tensor_eigenvector_1_ortho[3]     ? 
_reflns.pdbx_aniso_B_tensor_eigenvector_2_ortho[1]     ? 
_reflns.pdbx_aniso_B_tensor_eigenvector_2_ortho[2]     ? 
_reflns.pdbx_aniso_B_tensor_eigenvector_2_ortho[3]     ? 
_reflns.pdbx_aniso_B_tensor_eigenvector_3_ortho[1]     ? 
_reflns.pdbx_aniso_B_tensor_eigenvector_3_ortho[2]     ? 
_reflns.pdbx_aniso_B_tensor_eigenvector_3_ortho[3]     ? 
_reflns.pdbx_aniso_B_tensor_eigenvalue_1               ? 
_reflns.pdbx_aniso_B_tensor_eigenvalue_2               ? 
_reflns.pdbx_aniso_B_tensor_eigenvalue_3               ? 
_reflns.pdbx_orthogonalization_convention              ? 
_reflns.pdbx_percent_possible_ellipsoidal              ? 
_reflns.pdbx_percent_possible_spherical                ? 
_reflns.pdbx_percent_possible_ellipsoidal_anomalous    ? 
_reflns.pdbx_percent_possible_spherical_anomalous      ? 
_reflns.pdbx_redundancy_anomalous                      ? 
_reflns.pdbx_CC_half_anomalous                         ? 
_reflns.pdbx_absDiff_over_sigma_anomalous              ? 
_reflns.pdbx_percent_possible_anomalous                ? 
_reflns.pdbx_observed_signal_threshold                 ? 
_reflns.pdbx_signal_type                               ? 
_reflns.pdbx_signal_details                            ? 
_reflns.pdbx_signal_software_id                        ? 
# 
_reflns_shell.d_res_high                                    1.8 
_reflns_shell.d_res_low                                     1.84 
_reflns_shell.meanI_over_sigI_all                           ? 
_reflns_shell.meanI_over_sigI_obs                           ? 
_reflns_shell.number_measured_all                           ? 
_reflns_shell.number_measured_obs                           ? 
_reflns_shell.number_possible                               ? 
_reflns_shell.number_unique_all                             ? 
_reflns_shell.number_unique_obs                             1010 
_reflns_shell.percent_possible_all                          ? 
_reflns_shell.percent_possible_obs                          ? 
_reflns_shell.Rmerge_F_all                                  ? 
_reflns_shell.Rmerge_F_obs                                  ? 
_reflns_shell.Rmerge_I_all                                  ? 
_reflns_shell.Rmerge_I_obs                                  0.231 
_reflns_shell.meanI_over_sigI_gt                            ? 
_reflns_shell.meanI_over_uI_all                             ? 
_reflns_shell.meanI_over_uI_gt                              ? 
_reflns_shell.number_measured_gt                            ? 
_reflns_shell.number_unique_gt                              ? 
_reflns_shell.percent_possible_gt                           ? 
_reflns_shell.Rmerge_F_gt                                   ? 
_reflns_shell.Rmerge_I_gt                                   ? 
_reflns_shell.pdbx_redundancy                               ? 
_reflns_shell.pdbx_Rsym_value                               ? 
_reflns_shell.pdbx_chi_squared                              ? 
_reflns_shell.pdbx_netI_over_sigmaI_all                     ? 
_reflns_shell.pdbx_netI_over_sigmaI_obs                     ? 
_reflns_shell.pdbx_Rrim_I_all                               ? 
_reflns_shell.pdbx_Rpim_I_all                               ? 
_reflns_shell.pdbx_rejects                                  ? 
_reflns_shell.pdbx_ordinal                                  1 
_reflns_shell.pdbx_diffrn_id                                1 
_reflns_shell.pdbx_CC_half                                  ? 
_reflns_shell.pdbx_CC_star                                  ? 
_reflns_shell.pdbx_R_split                                  ? 
_reflns_shell.pdbx_percent_possible_ellipsoidal             ? 
_reflns_shell.pdbx_percent_possible_spherical               ? 
_reflns_shell.pdbx_percent_possible_ellipsoidal_anomalous   ? 
_reflns_shell.pdbx_percent_possible_spherical_anomalous     ? 
_reflns_shell.pdbx_redundancy_anomalous                     ? 
_reflns_shell.pdbx_CC_half_anomalous                        ? 
_reflns_shell.pdbx_absDiff_over_sigma_anomalous             ? 
_reflns_shell.pdbx_percent_possible_anomalous               ? 
# 
_refine.aniso_B[1][1]                            ? 
_refine.aniso_B[1][2]                            ? 
_refine.aniso_B[1][3]                            ? 
_refine.aniso_B[2][2]                            ? 
_refine.aniso_B[2][3]                            ? 
_refine.aniso_B[3][3]                            ? 
_refine.B_iso_max                                ? 
_refine.B_iso_mean                               44.02 
_refine.B_iso_min                                ? 
_refine.correlation_coeff_Fo_to_Fc               ? 
_refine.correlation_coeff_Fo_to_Fc_free          ? 
_refine.details                                  ? 
_refine.diff_density_max                         ? 
_refine.diff_density_max_esd                     ? 
_refine.diff_density_min                         ? 
_refine.diff_density_min_esd                     ? 
_refine.diff_density_rms                         ? 
_refine.diff_density_rms_esd                     ? 
_refine.entry_id                                 7RJF 
_refine.pdbx_refine_id                           'X-RAY DIFFRACTION' 
_refine.ls_abs_structure_details                 ? 
_refine.ls_abs_structure_Flack                   ? 
_refine.ls_abs_structure_Flack_esd               ? 
_refine.ls_abs_structure_Rogers                  ? 
_refine.ls_abs_structure_Rogers_esd              ? 
_refine.ls_d_res_high                            1.80 
_refine.ls_d_res_low                             39.35 
_refine.ls_extinction_coef                       ? 
_refine.ls_extinction_coef_esd                   ? 
_refine.ls_extinction_expression                 ? 
_refine.ls_extinction_method                     ? 
_refine.ls_goodness_of_fit_all                   ? 
_refine.ls_goodness_of_fit_all_esd               ? 
_refine.ls_goodness_of_fit_obs                   ? 
_refine.ls_goodness_of_fit_obs_esd               ? 
_refine.ls_hydrogen_treatment                    ? 
_refine.ls_matrix_type                           ? 
_refine.ls_number_constraints                    ? 
_refine.ls_number_parameters                     ? 
_refine.ls_number_reflns_all                     ? 
_refine.ls_number_reflns_obs                     10899 
_refine.ls_number_reflns_R_free                  1091 
_refine.ls_number_reflns_R_work                  9808 
_refine.ls_number_restraints                     ? 
_refine.ls_percent_reflns_obs                    99.40 
_refine.ls_percent_reflns_R_free                 10.01 
_refine.ls_R_factor_all                          ? 
_refine.ls_R_factor_obs                          0.2366 
_refine.ls_R_factor_R_free                       0.2767 
_refine.ls_R_factor_R_free_error                 ? 
_refine.ls_R_factor_R_free_error_details         ? 
_refine.ls_R_factor_R_work                       0.2322 
_refine.ls_R_Fsqd_factor_obs                     ? 
_refine.ls_R_I_factor_obs                        ? 
_refine.ls_redundancy_reflns_all                 ? 
_refine.ls_redundancy_reflns_obs                 ? 
_refine.ls_restrained_S_all                      ? 
_refine.ls_restrained_S_obs                      ? 
_refine.ls_shift_over_esd_max                    ? 
_refine.ls_shift_over_esd_mean                   ? 
_refine.ls_structure_factor_coef                 ? 
_refine.ls_weighting_details                     ? 
_refine.ls_weighting_scheme                      ? 
_refine.ls_wR_factor_all                         ? 
_refine.ls_wR_factor_obs                         ? 
_refine.ls_wR_factor_R_free                      ? 
_refine.ls_wR_factor_R_work                      ? 
_refine.occupancy_max                            ? 
_refine.occupancy_min                            ? 
_refine.solvent_model_details                    'FLAT BULK SOLVENT MODEL' 
_refine.solvent_model_param_bsol                 ? 
_refine.solvent_model_param_ksol                 ? 
_refine.pdbx_R_complete                          ? 
_refine.ls_R_factor_gt                           ? 
_refine.ls_goodness_of_fit_gt                    ? 
_refine.ls_goodness_of_fit_ref                   ? 
_refine.ls_shift_over_su_max                     ? 
_refine.ls_shift_over_su_max_lt                  ? 
_refine.ls_shift_over_su_mean                    ? 
_refine.ls_shift_over_su_mean_lt                 ? 
_refine.pdbx_ls_sigma_I                          ? 
_refine.pdbx_ls_sigma_F                          1.38 
_refine.pdbx_ls_sigma_Fsqd                       ? 
_refine.pdbx_data_cutoff_high_absF               ? 
_refine.pdbx_data_cutoff_high_rms_absF           ? 
_refine.pdbx_data_cutoff_low_absF                ? 
_refine.pdbx_isotropic_thermal_model             ? 
_refine.pdbx_ls_cross_valid_method               'FREE R-VALUE' 
_refine.pdbx_method_to_determine_struct          'MOLECULAR REPLACEMENT' 
_refine.pdbx_starting_model                      'PDB entry 5JG9 (scaffold)' 
_refine.pdbx_stereochemistry_target_values       'GeoStd + Monomer Library + CDL v1.2' 
_refine.pdbx_R_Free_selection_details            ? 
_refine.pdbx_stereochem_target_val_spec_case     ? 
_refine.pdbx_overall_ESU_R                       ? 
_refine.pdbx_overall_ESU_R_Free                  ? 
_refine.pdbx_solvent_vdw_probe_radii             1.1100 
_refine.pdbx_solvent_ion_probe_radii             ? 
_refine.pdbx_solvent_shrinkage_radii             0.9000 
_refine.pdbx_real_space_R                        ? 
_refine.pdbx_density_correlation                 ? 
_refine.pdbx_pd_number_of_powder_patterns        ? 
_refine.pdbx_pd_number_of_points                 ? 
_refine.pdbx_pd_meas_number_of_points            ? 
_refine.pdbx_pd_proc_ls_prof_R_factor            ? 
_refine.pdbx_pd_proc_ls_prof_wR_factor           ? 
_refine.pdbx_pd_Marquardt_correlation_coeff      ? 
_refine.pdbx_pd_Fsqrd_R_factor                   ? 
_refine.pdbx_pd_ls_matrix_band_width             ? 
_refine.pdbx_overall_phase_error                 26.6433 
_refine.pdbx_overall_SU_R_free_Cruickshank_DPI   ? 
_refine.pdbx_overall_SU_R_free_Blow_DPI          ? 
_refine.pdbx_overall_SU_R_Blow_DPI               ? 
_refine.pdbx_TLS_residual_ADP_flag               ? 
_refine.pdbx_diffrn_id                           1 
_refine.overall_SU_B                             ? 
_refine.overall_SU_ML                            0.2044 
_refine.overall_SU_R_Cruickshank_DPI             ? 
_refine.overall_SU_R_free                        ? 
_refine.overall_FOM_free_R_set                   ? 
_refine.overall_FOM_work_R_set                   ? 
_refine.pdbx_average_fsc_overall                 ? 
_refine.pdbx_average_fsc_work                    ? 
_refine.pdbx_average_fsc_free                    ? 
# 
_refine_hist.pdbx_refine_id                   'X-RAY DIFFRACTION' 
_refine_hist.cycle_id                         LAST 
_refine_hist.details                          ? 
_refine_hist.d_res_high                       1.80 
_refine_hist.d_res_low                        39.35 
_refine_hist.number_atoms_solvent             25 
_refine_hist.number_atoms_total               843 
_refine_hist.number_reflns_all                ? 
_refine_hist.number_reflns_obs                ? 
_refine_hist.number_reflns_R_free             ? 
_refine_hist.number_reflns_R_work             ? 
_refine_hist.R_factor_all                     ? 
_refine_hist.R_factor_obs                     ? 
_refine_hist.R_factor_R_free                  ? 
_refine_hist.R_factor_R_work                  ? 
_refine_hist.pdbx_number_residues_total       ? 
_refine_hist.pdbx_B_iso_mean_ligand           ? 
_refine_hist.pdbx_B_iso_mean_solvent          ? 
_refine_hist.pdbx_number_atoms_protein        802 
_refine_hist.pdbx_number_atoms_nucleic_acid   0 
_refine_hist.pdbx_number_atoms_ligand         16 
_refine_hist.pdbx_number_atoms_lipid          ? 
_refine_hist.pdbx_number_atoms_carb           ? 
_refine_hist.pdbx_pseudo_atom_details         ? 
# 
loop_
_refine_ls_restr.pdbx_refine_id 
_refine_ls_restr.criterion 
_refine_ls_restr.dev_ideal 
_refine_ls_restr.dev_ideal_target 
_refine_ls_restr.number 
_refine_ls_restr.rejects 
_refine_ls_restr.type 
_refine_ls_restr.weight 
_refine_ls_restr.pdbx_restraint_function 
'X-RAY DIFFRACTION' ? 0.0119  ? 826  ? f_bond_d           ? ? 
'X-RAY DIFFRACTION' ? 1.1340  ? 1096 ? f_angle_d          ? ? 
'X-RAY DIFFRACTION' ? 0.0762  ? 102  ? f_chiral_restr     ? ? 
'X-RAY DIFFRACTION' ? 0.0070  ? 148  ? f_plane_restr      ? ? 
'X-RAY DIFFRACTION' ? 32.6320 ? 330  ? f_dihedral_angle_d ? ? 
# 
loop_
_refine_ls_shell.pdbx_refine_id 
_refine_ls_shell.d_res_high 
_refine_ls_shell.d_res_low 
_refine_ls_shell.number_reflns_all 
_refine_ls_shell.number_reflns_obs 
_refine_ls_shell.number_reflns_R_free 
_refine_ls_shell.number_reflns_R_work 
_refine_ls_shell.percent_reflns_obs 
_refine_ls_shell.percent_reflns_R_free 
_refine_ls_shell.R_factor_all 
_refine_ls_shell.R_factor_obs 
_refine_ls_shell.R_factor_R_free 
_refine_ls_shell.R_factor_R_free_error 
_refine_ls_shell.R_factor_R_work 
_refine_ls_shell.redundancy_reflns_all 
_refine_ls_shell.redundancy_reflns_obs 
_refine_ls_shell.wR_factor_all 
_refine_ls_shell.wR_factor_obs 
_refine_ls_shell.wR_factor_R_free 
_refine_ls_shell.wR_factor_R_work 
_refine_ls_shell.pdbx_R_complete 
_refine_ls_shell.pdbx_total_number_of_bins_used 
_refine_ls_shell.pdbx_phase_error 
_refine_ls_shell.pdbx_fsc_work 
_refine_ls_shell.pdbx_fsc_free 
'X-RAY DIFFRACTION' 1.80 1.88  . . 128 1148 95.44  . . . 0.3416 . 0.3103 . . . . . . . . . . . 
'X-RAY DIFFRACTION' 1.88 1.98  . . 132 1181 99.85  . . . 0.2946 . 0.2646 . . . . . . . . . . . 
'X-RAY DIFFRACTION' 1.98 2.10  . . 133 1203 99.78  . . . 0.2370 . 0.2555 . . . . . . . . . . . 
'X-RAY DIFFRACTION' 2.10 2.27  . . 134 1205 100.00 . . . 0.2856 . 0.2560 . . . . . . . . . . . 
'X-RAY DIFFRACTION' 2.27 2.49  . . 136 1220 100.00 . . . 0.2697 . 0.2563 . . . . . . . . . . . 
'X-RAY DIFFRACTION' 2.50 2.86  . . 136 1230 100.00 . . . 0.3072 . 0.2463 . . . . . . . . . . . 
'X-RAY DIFFRACTION' 2.86 3.60  . . 140 1256 100.00 . . . 0.3119 . 0.2367 . . . . . . . . . . . 
'X-RAY DIFFRACTION' 3.60 39.35 . . 152 1365 100.00 . . . 0.2482 . 0.2038 . . . . . . . . . . . 
# 
_struct.entry_id                     7RJF 
_struct.title                        'MOPD-1 mutant-L47W' 
_struct.pdbx_model_details           ? 
_struct.pdbx_formula_weight          ? 
_struct.pdbx_formula_weight_method   ? 
_struct.pdbx_model_type_details      ? 
_struct.pdbx_CASP_flag               N 
# 
_struct_keywords.entry_id        7RJF 
_struct_keywords.text            'Synthetic peptide, disulfide-rich peptide, antitumor peptide, peptide mimetic, ANTITUMOR PROTEIN' 
_struct_keywords.pdbx_keywords   'ANTITUMOR PROTEIN' 
# 
loop_
_struct_asym.id 
_struct_asym.pdbx_blank_PDB_chainid_flag 
_struct_asym.pdbx_modified 
_struct_asym.entity_id 
_struct_asym.details 
A N N 1 ? 
B N N 1 ? 
C N N 2 ? 
D N N 2 ? 
E N N 3 ? 
F N N 3 ? 
G N N 4 ? 
H N N 4 ? 
# 
_struct_ref.id                         1 
_struct_ref.db_name                    PDB 
_struct_ref.db_code                    7RJF 
_struct_ref.pdbx_db_accession          7RJF 
_struct_ref.pdbx_db_isoform            ? 
_struct_ref.entity_id                  1 
_struct_ref.pdbx_seq_one_letter_code   ? 
_struct_ref.pdbx_align_begin           1 
# 
loop_
_struct_ref_seq.align_id 
_struct_ref_seq.ref_id 
_struct_ref_seq.pdbx_PDB_id_code 
_struct_ref_seq.pdbx_strand_id 
_struct_ref_seq.seq_align_beg 
_struct_ref_seq.pdbx_seq_align_beg_ins_code 
_struct_ref_seq.seq_align_end 
_struct_ref_seq.pdbx_seq_align_end_ins_code 
_struct_ref_seq.pdbx_db_accession 
_struct_ref_seq.db_align_beg 
_struct_ref_seq.pdbx_db_align_beg_ins_code 
_struct_ref_seq.db_align_end 
_struct_ref_seq.pdbx_db_align_end_ins_code 
_struct_ref_seq.pdbx_auth_seq_align_beg 
_struct_ref_seq.pdbx_auth_seq_align_end 
1 1 7RJF A 1 ? 47 ? 7RJF 1 ? 47 ? 1 47 
2 1 7RJF B 1 ? 47 ? 7RJF 1 ? 47 ? 1 47 
# 
loop_
_pdbx_struct_assembly.id 
_pdbx_struct_assembly.details 
_pdbx_struct_assembly.method_details 
_pdbx_struct_assembly.oligomeric_details 
_pdbx_struct_assembly.oligomeric_count 
1 author_defined_assembly ? monomeric 1 
2 author_defined_assembly ? monomeric 1 
# 
loop_
_pdbx_struct_assembly_gen.assembly_id 
_pdbx_struct_assembly_gen.oper_expression 
_pdbx_struct_assembly_gen.asym_id_list 
1 1 A,C,D,E,F,G 
2 1 B,H         
# 
_pdbx_struct_assembly_auth_evidence.id                     1 
_pdbx_struct_assembly_auth_evidence.assembly_id            1 
_pdbx_struct_assembly_auth_evidence.experimental_support   none 
_pdbx_struct_assembly_auth_evidence.details                ? 
# 
_pdbx_struct_oper_list.id                   1 
_pdbx_struct_oper_list.type                 'identity operation' 
_pdbx_struct_oper_list.name                 1_555 
_pdbx_struct_oper_list.symmetry_operation   x,y,z 
_pdbx_struct_oper_list.matrix[1][1]         1.0000000000 
_pdbx_struct_oper_list.matrix[1][2]         0.0000000000 
_pdbx_struct_oper_list.matrix[1][3]         0.0000000000 
_pdbx_struct_oper_list.vector[1]            0.0000000000 
_pdbx_struct_oper_list.matrix[2][1]         0.0000000000 
_pdbx_struct_oper_list.matrix[2][2]         1.0000000000 
_pdbx_struct_oper_list.matrix[2][3]         0.0000000000 
_pdbx_struct_oper_list.vector[2]            0.0000000000 
_pdbx_struct_oper_list.matrix[3][1]         0.0000000000 
_pdbx_struct_oper_list.matrix[3][2]         0.0000000000 
_pdbx_struct_oper_list.matrix[3][3]         1.0000000000 
_pdbx_struct_oper_list.vector[3]            0.0000000000 
# 
loop_
_struct_conf.conf_type_id 
_struct_conf.id 
_struct_conf.pdbx_PDB_helix_id 
_struct_conf.beg_label_comp_id 
_struct_conf.beg_label_asym_id 
_struct_conf.beg_label_seq_id 
_struct_conf.pdbx_beg_PDB_ins_code 
_struct_conf.end_label_comp_id 
_struct_conf.end_label_asym_id 
_struct_conf.end_label_seq_id 
_struct_conf.pdbx_end_PDB_ins_code 
_struct_conf.beg_auth_comp_id 
_struct_conf.beg_auth_asym_id 
_struct_conf.beg_auth_seq_id 
_struct_conf.end_auth_comp_id 
_struct_conf.end_auth_asym_id 
_struct_conf.end_auth_seq_id 
_struct_conf.pdbx_PDB_helix_class 
_struct_conf.details 
_struct_conf.pdbx_PDB_helix_length 
HELX_P HELX_P1 AA1 ASP A 12 ? ASN A 28 ? ASP A 12 ASN A 28 1 ? 17 
HELX_P HELX_P2 AA2 ASP B 12 ? ASN B 28 ? ASP B 12 ASN B 28 1 ? 17 
# 
_struct_conf_type.id          HELX_P 
_struct_conf_type.criteria    ? 
_struct_conf_type.reference   ? 
# 
loop_
_struct_conn.id 
_struct_conn.conn_type_id 
_struct_conn.pdbx_leaving_atom_flag 
_struct_conn.pdbx_PDB_id 
_struct_conn.ptnr1_label_asym_id 
_struct_conn.ptnr1_label_comp_id 
_struct_conn.ptnr1_label_seq_id 
_struct_conn.ptnr1_label_atom_id 
_struct_conn.pdbx_ptnr1_label_alt_id 
_struct_conn.pdbx_ptnr1_PDB_ins_code 
_struct_conn.pdbx_ptnr1_standard_comp_id 
_struct_conn.ptnr1_symmetry 
_struct_conn.ptnr2_label_asym_id 
_struct_conn.ptnr2_label_comp_id 
_struct_conn.ptnr2_label_seq_id 
_struct_conn.ptnr2_label_atom_id 
_struct_conn.pdbx_ptnr2_label_alt_id 
_struct_conn.pdbx_ptnr2_PDB_ins_code 
_struct_conn.ptnr1_auth_asym_id 
_struct_conn.ptnr1_auth_comp_id 
_struct_conn.ptnr1_auth_seq_id 
_struct_conn.ptnr2_auth_asym_id 
_struct_conn.ptnr2_auth_comp_id 
_struct_conn.ptnr2_auth_seq_id 
_struct_conn.ptnr2_symmetry 
_struct_conn.pdbx_ptnr3_label_atom_id 
_struct_conn.pdbx_ptnr3_label_seq_id 
_struct_conn.pdbx_ptnr3_label_comp_id 
_struct_conn.pdbx_ptnr3_label_asym_id 
_struct_conn.pdbx_ptnr3_label_alt_id 
_struct_conn.pdbx_ptnr3_PDB_ins_code 
_struct_conn.details 
_struct_conn.pdbx_dist_value 
_struct_conn.pdbx_value_order 
_struct_conn.pdbx_role 
disulf1 disulf ? ? A CYS 9  SG  ? ? ? 1_555 A CYS 39 SG  ? ? A CYS 9   A CYS 39  1_555 ? ? ? ? ? ? ? 2.011 ? ? 
disulf2 disulf ? ? A CYS 20 SG  ? ? ? 1_555 A CYS 42 SG  ? ? A CYS 20  A CYS 42  1_555 ? ? ? ? ? ? ? 2.041 ? ? 
disulf3 disulf ? ? A CYS 29 SG  ? ? ? 1_555 A CYS 46 SG  ? ? A CYS 29  A CYS 46  1_555 ? ? ? ? ? ? ? 2.025 ? ? 
disulf4 disulf ? ? B CYS 9  SG  ? ? ? 1_555 B CYS 39 SG  ? ? B CYS 9   B CYS 39  1_555 ? ? ? ? ? ? ? 2.043 ? ? 
disulf5 disulf ? ? B CYS 20 SG  ? ? ? 1_555 B CYS 42 SG  ? ? B CYS 20  B CYS 42  1_555 ? ? ? ? ? ? ? 2.045 ? ? 
disulf6 disulf ? ? B CYS 29 SG  ? ? ? 1_555 B CYS 46 SG  ? ? B CYS 29  B CYS 46  1_555 ? ? ? ? ? ? ? 2.062 ? ? 
metalc1 metalc ? ? A GLU 22 OE1 ? ? ? 1_555 C ZN  .  ZN  ? ? A GLU 22  A ZN  101 6_465 ? ? ? ? ? ? ? 2.022 ? ? 
metalc2 metalc ? ? A GLU 25 OE1 ? ? ? 1_555 C ZN  .  ZN  ? ? A GLU 25  A ZN  101 6_465 ? ? ? ? ? ? ? 1.933 ? ? 
metalc3 metalc ? ? A HIS 30 NE2 ? ? ? 1_555 D ZN  .  ZN  ? ? A HIS 30  A ZN  102 1_555 ? ? ? ? ? ? ? 2.110 ? ? 
metalc4 metalc ? ? A HIS 34 ND1 ? ? ? 1_555 C ZN  .  ZN  ? ? A HIS 34  A ZN  101 1_555 ? ? ? ? ? ? ? 2.117 ? ? 
metalc5 metalc ? ? C ZN  .  ZN  ? ? ? 1_555 B HIS 30 NE2 ? ? A ZN  101 B HIS 30  1_555 ? ? ? ? ? ? ? 2.075 ? ? 
metalc6 metalc ? ? D ZN  .  ZN  ? ? ? 1_555 E MLI .  O8  ? ? A ZN  102 A MLI 103 1_555 ? ? ? ? ? ? ? 2.060 ? ? 
metalc7 metalc ? ? D ZN  .  ZN  ? ? ? 1_555 F MLI .  O8  ? ? A ZN  102 A MLI 104 1_555 ? ? ? ? ? ? ? 1.935 ? ? 
metalc8 metalc ? ? D ZN  .  ZN  ? ? ? 1_555 F MLI .  O9  ? ? A ZN  102 A MLI 104 1_555 ? ? ? ? ? ? ? 2.659 ? ? 
metalc9 metalc ? ? D ZN  .  ZN  ? ? ? 1_555 B HIS 34 ND1 ? ? A ZN  102 B HIS 34  1_555 ? ? ? ? ? ? ? 2.163 ? ? 
# 
loop_
_struct_conn_type.id 
_struct_conn_type.criteria 
_struct_conn_type.reference 
disulf ? ? 
metalc ? ? 
# 
loop_
_pdbx_struct_conn_angle.id 
_pdbx_struct_conn_angle.ptnr1_label_atom_id 
_pdbx_struct_conn_angle.ptnr1_label_alt_id 
_pdbx_struct_conn_angle.ptnr1_label_asym_id 
_pdbx_struct_conn_angle.ptnr1_label_comp_id 
_pdbx_struct_conn_angle.ptnr1_label_seq_id 
_pdbx_struct_conn_angle.ptnr1_auth_atom_id 
_pdbx_struct_conn_angle.ptnr1_auth_asym_id 
_pdbx_struct_conn_angle.ptnr1_auth_comp_id 
_pdbx_struct_conn_angle.ptnr1_auth_seq_id 
_pdbx_struct_conn_angle.ptnr1_PDB_ins_code 
_pdbx_struct_conn_angle.ptnr1_symmetry 
_pdbx_struct_conn_angle.ptnr2_label_atom_id 
_pdbx_struct_conn_angle.ptnr2_label_alt_id 
_pdbx_struct_conn_angle.ptnr2_label_asym_id 
_pdbx_struct_conn_angle.ptnr2_label_comp_id 
_pdbx_struct_conn_angle.ptnr2_label_seq_id 
_pdbx_struct_conn_angle.ptnr2_auth_atom_id 
_pdbx_struct_conn_angle.ptnr2_auth_asym_id 
_pdbx_struct_conn_angle.ptnr2_auth_comp_id 
_pdbx_struct_conn_angle.ptnr2_auth_seq_id 
_pdbx_struct_conn_angle.ptnr2_PDB_ins_code 
_pdbx_struct_conn_angle.ptnr2_symmetry 
_pdbx_struct_conn_angle.ptnr3_label_atom_id 
_pdbx_struct_conn_angle.ptnr3_label_alt_id 
_pdbx_struct_conn_angle.ptnr3_label_asym_id 
_pdbx_struct_conn_angle.ptnr3_label_comp_id 
_pdbx_struct_conn_angle.ptnr3_label_seq_id 
_pdbx_struct_conn_angle.ptnr3_auth_atom_id 
_pdbx_struct_conn_angle.ptnr3_auth_asym_id 
_pdbx_struct_conn_angle.ptnr3_auth_comp_id 
_pdbx_struct_conn_angle.ptnr3_auth_seq_id 
_pdbx_struct_conn_angle.ptnr3_PDB_ins_code 
_pdbx_struct_conn_angle.ptnr3_symmetry 
_pdbx_struct_conn_angle.value 
_pdbx_struct_conn_angle.value_esd 
1  OE1 ? A GLU 22 ? A GLU 22  ? 1_555 ZN ? C ZN . ? A ZN 101 ? 6_465 OE1 ? A GLU 25 ? A GLU 25  ? 1_555 99.4  ? 
2  OE1 ? A GLU 22 ? A GLU 22  ? 1_555 ZN ? C ZN . ? A ZN 101 ? 6_465 ND1 ? A HIS 34 ? A HIS 34  ? 1_555 52.3  ? 
3  OE1 ? A GLU 25 ? A GLU 25  ? 1_555 ZN ? C ZN . ? A ZN 101 ? 6_465 ND1 ? A HIS 34 ? A HIS 34  ? 1_555 76.1  ? 
4  OE1 ? A GLU 22 ? A GLU 22  ? 1_555 ZN ? C ZN . ? A ZN 101 ? 6_465 NE2 ? B HIS 30 ? B HIS 30  ? 1_555 59.9  ? 
5  OE1 ? A GLU 25 ? A GLU 25  ? 1_555 ZN ? C ZN . ? A ZN 101 ? 6_465 NE2 ? B HIS 30 ? B HIS 30  ? 1_555 76.3  ? 
6  ND1 ? A HIS 34 ? A HIS 34  ? 1_555 ZN ? C ZN . ? A ZN 101 ? 6_465 NE2 ? B HIS 30 ? B HIS 30  ? 1_555 8.4   ? 
7  NE2 ? A HIS 30 ? A HIS 30  ? 1_555 ZN ? D ZN . ? A ZN 102 ? 1_555 O8  ? E MLI .  ? A MLI 103 ? 1_555 110.0 ? 
8  NE2 ? A HIS 30 ? A HIS 30  ? 1_555 ZN ? D ZN . ? A ZN 102 ? 1_555 O8  ? F MLI .  ? A MLI 104 ? 1_555 126.7 ? 
9  O8  ? E MLI .  ? A MLI 103 ? 1_555 ZN ? D ZN . ? A ZN 102 ? 1_555 O8  ? F MLI .  ? A MLI 104 ? 1_555 74.8  ? 
10 NE2 ? A HIS 30 ? A HIS 30  ? 1_555 ZN ? D ZN . ? A ZN 102 ? 1_555 O9  ? F MLI .  ? A MLI 104 ? 1_555 93.3  ? 
11 O8  ? E MLI .  ? A MLI 103 ? 1_555 ZN ? D ZN . ? A ZN 102 ? 1_555 O9  ? F MLI .  ? A MLI 104 ? 1_555 127.1 ? 
12 O8  ? F MLI .  ? A MLI 104 ? 1_555 ZN ? D ZN . ? A ZN 102 ? 1_555 O9  ? F MLI .  ? A MLI 104 ? 1_555 53.8  ? 
13 NE2 ? A HIS 30 ? A HIS 30  ? 1_555 ZN ? D ZN . ? A ZN 102 ? 1_555 ND1 ? B HIS 34 ? B HIS 34  ? 1_555 116.0 ? 
14 O8  ? E MLI .  ? A MLI 103 ? 1_555 ZN ? D ZN . ? A ZN 102 ? 1_555 ND1 ? B HIS 34 ? B HIS 34  ? 1_555 115.7 ? 
15 O8  ? F MLI .  ? A MLI 104 ? 1_555 ZN ? D ZN . ? A ZN 102 ? 1_555 ND1 ? B HIS 34 ? B HIS 34  ? 1_555 107.2 ? 
16 O9  ? F MLI .  ? A MLI 104 ? 1_555 ZN ? D ZN . ? A ZN 102 ? 1_555 ND1 ? B HIS 34 ? B HIS 34  ? 1_555 92.9  ? 
# 
loop_
_pdbx_modification_feature.ordinal 
_pdbx_modification_feature.label_comp_id 
_pdbx_modification_feature.label_asym_id 
_pdbx_modification_feature.label_seq_id 
_pdbx_modification_feature.label_alt_id 
_pdbx_modification_feature.modified_residue_label_comp_id 
_pdbx_modification_feature.modified_residue_label_asym_id 
_pdbx_modification_feature.modified_residue_label_seq_id 
_pdbx_modification_feature.modified_residue_label_alt_id 
_pdbx_modification_feature.auth_comp_id 
_pdbx_modification_feature.auth_asym_id 
_pdbx_modification_feature.auth_seq_id 
_pdbx_modification_feature.PDB_ins_code 
_pdbx_modification_feature.symmetry 
_pdbx_modification_feature.modified_residue_auth_comp_id 
_pdbx_modification_feature.modified_residue_auth_asym_id 
_pdbx_modification_feature.modified_residue_auth_seq_id 
_pdbx_modification_feature.modified_residue_PDB_ins_code 
_pdbx_modification_feature.modified_residue_symmetry 
_pdbx_modification_feature.comp_id_linking_atom 
_pdbx_modification_feature.modified_residue_id_linking_atom 
_pdbx_modification_feature.modified_residue_id 
_pdbx_modification_feature.ref_pcm_id 
_pdbx_modification_feature.ref_comp_id 
_pdbx_modification_feature.type 
_pdbx_modification_feature.category 
1 CYS A 9  ? CYS A 39 ? CYS A 9  ? 1_555 CYS A 39 ? 1_555 SG SG . . . None 'Disulfide bridge' 
2 CYS A 20 ? CYS A 42 ? CYS A 20 ? 1_555 CYS A 42 ? 1_555 SG SG . . . None 'Disulfide bridge' 
3 CYS A 29 ? CYS A 46 ? CYS A 29 ? 1_555 CYS A 46 ? 1_555 SG SG . . . None 'Disulfide bridge' 
4 CYS B 9  ? CYS B 39 ? CYS B 9  ? 1_555 CYS B 39 ? 1_555 SG SG . . . None 'Disulfide bridge' 
5 CYS B 20 ? CYS B 42 ? CYS B 20 ? 1_555 CYS B 42 ? 1_555 SG SG . . . None 'Disulfide bridge' 
6 CYS B 29 ? CYS B 46 ? CYS B 29 ? 1_555 CYS B 46 ? 1_555 SG SG . . . None 'Disulfide bridge' 
# 
loop_
_struct_sheet.id 
_struct_sheet.type 
_struct_sheet.number_strands 
_struct_sheet.details 
AA1 ? 3 ? 
AA2 ? 3 ? 
# 
loop_
_struct_sheet_order.sheet_id 
_struct_sheet_order.range_id_1 
_struct_sheet_order.range_id_2 
_struct_sheet_order.offset 
_struct_sheet_order.sense 
AA1 1 2 ? anti-parallel 
AA1 2 3 ? anti-parallel 
AA2 1 2 ? anti-parallel 
AA2 2 3 ? anti-parallel 
# 
loop_
_struct_sheet_range.sheet_id 
_struct_sheet_range.id 
_struct_sheet_range.beg_label_comp_id 
_struct_sheet_range.beg_label_asym_id 
_struct_sheet_range.beg_label_seq_id 
_struct_sheet_range.pdbx_beg_PDB_ins_code 
_struct_sheet_range.end_label_comp_id 
_struct_sheet_range.end_label_asym_id 
_struct_sheet_range.end_label_seq_id 
_struct_sheet_range.pdbx_end_PDB_ins_code 
_struct_sheet_range.beg_auth_comp_id 
_struct_sheet_range.beg_auth_asym_id 
_struct_sheet_range.beg_auth_seq_id 
_struct_sheet_range.end_auth_comp_id 
_struct_sheet_range.end_auth_asym_id 
_struct_sheet_range.end_auth_seq_id 
AA1 1 GLN A 2  ? CYS A 9  ? GLN A 2  CYS A 9  
AA1 2 CYS A 39 ? CYS A 46 ? CYS A 39 CYS A 46 
AA1 3 HIS A 30 ? GLU A 36 ? HIS A 30 GLU A 36 
AA2 1 GLN B 2  ? ARG B 8  ? GLN B 2  ARG B 8  
AA2 2 CYS B 39 ? CYS B 46 ? CYS B 39 CYS B 46 
AA2 3 HIS B 30 ? GLU B 36 ? HIS B 30 GLU B 36 
# 
loop_
_pdbx_struct_sheet_hbond.sheet_id 
_pdbx_struct_sheet_hbond.range_id_1 
_pdbx_struct_sheet_hbond.range_id_2 
_pdbx_struct_sheet_hbond.range_1_label_atom_id 
_pdbx_struct_sheet_hbond.range_1_label_comp_id 
_pdbx_struct_sheet_hbond.range_1_label_asym_id 
_pdbx_struct_sheet_hbond.range_1_label_seq_id 
_pdbx_struct_sheet_hbond.range_1_PDB_ins_code 
_pdbx_struct_sheet_hbond.range_1_auth_atom_id 
_pdbx_struct_sheet_hbond.range_1_auth_comp_id 
_pdbx_struct_sheet_hbond.range_1_auth_asym_id 
_pdbx_struct_sheet_hbond.range_1_auth_seq_id 
_pdbx_struct_sheet_hbond.range_2_label_atom_id 
_pdbx_struct_sheet_hbond.range_2_label_comp_id 
_pdbx_struct_sheet_hbond.range_2_label_asym_id 
_pdbx_struct_sheet_hbond.range_2_label_seq_id 
_pdbx_struct_sheet_hbond.range_2_PDB_ins_code 
_pdbx_struct_sheet_hbond.range_2_auth_atom_id 
_pdbx_struct_sheet_hbond.range_2_auth_comp_id 
_pdbx_struct_sheet_hbond.range_2_auth_asym_id 
_pdbx_struct_sheet_hbond.range_2_auth_seq_id 
AA1 1 2 N TYR A 6  ? N TYR A 6  O CYS A 42 ? O CYS A 42 
AA1 2 3 O CYS A 39 ? O CYS A 39 N GLU A 36 ? N GLU A 36 
AA2 1 2 N TYR B 6  ? N TYR B 6  O CYS B 42 ? O CYS B 42 
AA2 2 3 O CYS B 39 ? O CYS B 39 N GLU B 36 ? N GLU B 36 
# 
_pdbx_entry_details.entry_id                   7RJF 
_pdbx_entry_details.has_ligand_of_interest     N 
_pdbx_entry_details.compound_details           ? 
_pdbx_entry_details.source_details             ? 
_pdbx_entry_details.nonpolymer_details         ? 
_pdbx_entry_details.sequence_details           ? 
_pdbx_entry_details.has_protein_modification   Y 
# 
_pdbx_validate_torsion.id              1 
_pdbx_validate_torsion.PDB_model_num   1 
_pdbx_validate_torsion.auth_comp_id    CYS 
_pdbx_validate_torsion.auth_asym_id    A 
_pdbx_validate_torsion.auth_seq_id     29 
_pdbx_validate_torsion.PDB_ins_code    ? 
_pdbx_validate_torsion.label_alt_id    ? 
_pdbx_validate_torsion.phi             -116.47 
_pdbx_validate_torsion.psi             -159.41 
# 
loop_
_space_group_symop.id 
_space_group_symop.operation_xyz 
1 x,y,z               
2 -y+1/2,x+1/2,z+1/4  
3 y+1/2,-x+1/2,z+3/4  
4 x+1/2,-y+1/2,-z+3/4 
5 -x+1/2,y+1/2,-z+1/4 
6 -x,-y,z+1/2         
7 y,x,-z              
8 -y,-x,-z+1/2        
# 
loop_
_chem_comp_atom.comp_id 
_chem_comp_atom.atom_id 
_chem_comp_atom.type_symbol 
_chem_comp_atom.pdbx_aromatic_flag 
_chem_comp_atom.pdbx_stereo_config 
_chem_comp_atom.pdbx_ordinal 
ARG N    N  N N 1   
ARG CA   C  N S 2   
ARG C    C  N N 3   
ARG O    O  N N 4   
ARG CB   C  N N 5   
ARG CG   C  N N 6   
ARG CD   C  N N 7   
ARG NE   N  N N 8   
ARG CZ   C  N N 9   
ARG NH1  N  N N 10  
ARG NH2  N  N N 11  
ARG OXT  O  N N 12  
ARG H    H  N N 13  
ARG H2   H  N N 14  
ARG HA   H  N N 15  
ARG HB2  H  N N 16  
ARG HB3  H  N N 17  
ARG HG2  H  N N 18  
ARG HG3  H  N N 19  
ARG HD2  H  N N 20  
ARG HD3  H  N N 21  
ARG HE   H  N N 22  
ARG HH11 H  N N 23  
ARG HH12 H  N N 24  
ARG HH21 H  N N 25  
ARG HH22 H  N N 26  
ARG HXT  H  N N 27  
ASN N    N  N N 28  
ASN CA   C  N S 29  
ASN C    C  N N 30  
ASN O    O  N N 31  
ASN CB   C  N N 32  
ASN CG   C  N N 33  
ASN OD1  O  N N 34  
ASN ND2  N  N N 35  
ASN OXT  O  N N 36  
ASN H    H  N N 37  
ASN H2   H  N N 38  
ASN HA   H  N N 39  
ASN HB2  H  N N 40  
ASN HB3  H  N N 41  
ASN HD21 H  N N 42  
ASN HD22 H  N N 43  
ASN HXT  H  N N 44  
ASP N    N  N N 45  
ASP CA   C  N S 46  
ASP C    C  N N 47  
ASP O    O  N N 48  
ASP CB   C  N N 49  
ASP CG   C  N N 50  
ASP OD1  O  N N 51  
ASP OD2  O  N N 52  
ASP OXT  O  N N 53  
ASP H    H  N N 54  
ASP H2   H  N N 55  
ASP HA   H  N N 56  
ASP HB2  H  N N 57  
ASP HB3  H  N N 58  
ASP HD2  H  N N 59  
ASP HXT  H  N N 60  
CYS N    N  N N 61  
CYS CA   C  N R 62  
CYS C    C  N N 63  
CYS O    O  N N 64  
CYS CB   C  N N 65  
CYS SG   S  N N 66  
CYS OXT  O  N N 67  
CYS H    H  N N 68  
CYS H2   H  N N 69  
CYS HA   H  N N 70  
CYS HB2  H  N N 71  
CYS HB3  H  N N 72  
CYS HG   H  N N 73  
CYS HXT  H  N N 74  
GLN N    N  N N 75  
GLN CA   C  N S 76  
GLN C    C  N N 77  
GLN O    O  N N 78  
GLN CB   C  N N 79  
GLN CG   C  N N 80  
GLN CD   C  N N 81  
GLN OE1  O  N N 82  
GLN NE2  N  N N 83  
GLN OXT  O  N N 84  
GLN H    H  N N 85  
GLN H2   H  N N 86  
GLN HA   H  N N 87  
GLN HB2  H  N N 88  
GLN HB3  H  N N 89  
GLN HG2  H  N N 90  
GLN HG3  H  N N 91  
GLN HE21 H  N N 92  
GLN HE22 H  N N 93  
GLN HXT  H  N N 94  
GLU N    N  N N 95  
GLU CA   C  N S 96  
GLU C    C  N N 97  
GLU O    O  N N 98  
GLU CB   C  N N 99  
GLU CG   C  N N 100 
GLU CD   C  N N 101 
GLU OE1  O  N N 102 
GLU OE2  O  N N 103 
GLU OXT  O  N N 104 
GLU H    H  N N 105 
GLU H2   H  N N 106 
GLU HA   H  N N 107 
GLU HB2  H  N N 108 
GLU HB3  H  N N 109 
GLU HG2  H  N N 110 
GLU HG3  H  N N 111 
GLU HE2  H  N N 112 
GLU HXT  H  N N 113 
GLY N    N  N N 114 
GLY CA   C  N N 115 
GLY C    C  N N 116 
GLY O    O  N N 117 
GLY OXT  O  N N 118 
GLY H    H  N N 119 
GLY H2   H  N N 120 
GLY HA2  H  N N 121 
GLY HA3  H  N N 122 
GLY HXT  H  N N 123 
HIS N    N  N N 124 
HIS CA   C  N S 125 
HIS C    C  N N 126 
HIS O    O  N N 127 
HIS CB   C  N N 128 
HIS CG   C  Y N 129 
HIS ND1  N  Y N 130 
HIS CD2  C  Y N 131 
HIS CE1  C  Y N 132 
HIS NE2  N  Y N 133 
HIS OXT  O  N N 134 
HIS H    H  N N 135 
HIS H2   H  N N 136 
HIS HA   H  N N 137 
HIS HB2  H  N N 138 
HIS HB3  H  N N 139 
HIS HD1  H  N N 140 
HIS HD2  H  N N 141 
HIS HE1  H  N N 142 
HIS HE2  H  N N 143 
HIS HXT  H  N N 144 
HOH O    O  N N 145 
HOH H1   H  N N 146 
HOH H2   H  N N 147 
ILE N    N  N N 148 
ILE CA   C  N S 149 
ILE C    C  N N 150 
ILE O    O  N N 151 
ILE CB   C  N S 152 
ILE CG1  C  N N 153 
ILE CG2  C  N N 154 
ILE CD1  C  N N 155 
ILE OXT  O  N N 156 
ILE H    H  N N 157 
ILE H2   H  N N 158 
ILE HA   H  N N 159 
ILE HB   H  N N 160 
ILE HG12 H  N N 161 
ILE HG13 H  N N 162 
ILE HG21 H  N N 163 
ILE HG22 H  N N 164 
ILE HG23 H  N N 165 
ILE HD11 H  N N 166 
ILE HD12 H  N N 167 
ILE HD13 H  N N 168 
ILE HXT  H  N N 169 
LYS N    N  N N 170 
LYS CA   C  N S 171 
LYS C    C  N N 172 
LYS O    O  N N 173 
LYS CB   C  N N 174 
LYS CG   C  N N 175 
LYS CD   C  N N 176 
LYS CE   C  N N 177 
LYS NZ   N  N N 178 
LYS OXT  O  N N 179 
LYS H    H  N N 180 
LYS H2   H  N N 181 
LYS HA   H  N N 182 
LYS HB2  H  N N 183 
LYS HB3  H  N N 184 
LYS HG2  H  N N 185 
LYS HG3  H  N N 186 
LYS HD2  H  N N 187 
LYS HD3  H  N N 188 
LYS HE2  H  N N 189 
LYS HE3  H  N N 190 
LYS HZ1  H  N N 191 
LYS HZ2  H  N N 192 
LYS HZ3  H  N N 193 
LYS HXT  H  N N 194 
MLI C1   C  N N 195 
MLI C2   C  N N 196 
MLI C3   C  N N 197 
MLI O6   O  N N 198 
MLI O7   O  N N 199 
MLI O8   O  N N 200 
MLI O9   O  N N 201 
MLI H11  H  N N 202 
MLI H12  H  N N 203 
TRP N    N  N N 204 
TRP CA   C  N S 205 
TRP C    C  N N 206 
TRP O    O  N N 207 
TRP CB   C  N N 208 
TRP CG   C  Y N 209 
TRP CD1  C  Y N 210 
TRP CD2  C  Y N 211 
TRP NE1  N  Y N 212 
TRP CE2  C  Y N 213 
TRP CE3  C  Y N 214 
TRP CZ2  C  Y N 215 
TRP CZ3  C  Y N 216 
TRP CH2  C  Y N 217 
TRP OXT  O  N N 218 
TRP H    H  N N 219 
TRP H2   H  N N 220 
TRP HA   H  N N 221 
TRP HB2  H  N N 222 
TRP HB3  H  N N 223 
TRP HD1  H  N N 224 
TRP HE1  H  N N 225 
TRP HE3  H  N N 226 
TRP HZ2  H  N N 227 
TRP HZ3  H  N N 228 
TRP HH2  H  N N 229 
TRP HXT  H  N N 230 
TYR N    N  N N 231 
TYR CA   C  N S 232 
TYR C    C  N N 233 
TYR O    O  N N 234 
TYR CB   C  N N 235 
TYR CG   C  Y N 236 
TYR CD1  C  Y N 237 
TYR CD2  C  Y N 238 
TYR CE1  C  Y N 239 
TYR CE2  C  Y N 240 
TYR CZ   C  Y N 241 
TYR OH   O  N N 242 
TYR OXT  O  N N 243 
TYR H    H  N N 244 
TYR H2   H  N N 245 
TYR HA   H  N N 246 
TYR HB2  H  N N 247 
TYR HB3  H  N N 248 
TYR HD1  H  N N 249 
TYR HD2  H  N N 250 
TYR HE1  H  N N 251 
TYR HE2  H  N N 252 
TYR HH   H  N N 253 
TYR HXT  H  N N 254 
VAL N    N  N N 255 
VAL CA   C  N S 256 
VAL C    C  N N 257 
VAL O    O  N N 258 
VAL CB   C  N N 259 
VAL CG1  C  N N 260 
VAL CG2  C  N N 261 
VAL OXT  O  N N 262 
VAL H    H  N N 263 
VAL H2   H  N N 264 
VAL HA   H  N N 265 
VAL HB   H  N N 266 
VAL HG11 H  N N 267 
VAL HG12 H  N N 268 
VAL HG13 H  N N 269 
VAL HG21 H  N N 270 
VAL HG22 H  N N 271 
VAL HG23 H  N N 272 
VAL HXT  H  N N 273 
ZN  ZN   ZN N N 274 
# 
loop_
_chem_comp_bond.comp_id 
_chem_comp_bond.atom_id_1 
_chem_comp_bond.atom_id_2 
_chem_comp_bond.value_order 
_chem_comp_bond.pdbx_aromatic_flag 
_chem_comp_bond.pdbx_stereo_config 
_chem_comp_bond.pdbx_ordinal 
ARG N   CA   sing N N 1   
ARG N   H    sing N N 2   
ARG N   H2   sing N N 3   
ARG CA  C    sing N N 4   
ARG CA  CB   sing N N 5   
ARG CA  HA   sing N N 6   
ARG C   O    doub N N 7   
ARG C   OXT  sing N N 8   
ARG CB  CG   sing N N 9   
ARG CB  HB2  sing N N 10  
ARG CB  HB3  sing N N 11  
ARG CG  CD   sing N N 12  
ARG CG  HG2  sing N N 13  
ARG CG  HG3  sing N N 14  
ARG CD  NE   sing N N 15  
ARG CD  HD2  sing N N 16  
ARG CD  HD3  sing N N 17  
ARG NE  CZ   sing N N 18  
ARG NE  HE   sing N N 19  
ARG CZ  NH1  sing N N 20  
ARG CZ  NH2  doub N N 21  
ARG NH1 HH11 sing N N 22  
ARG NH1 HH12 sing N N 23  
ARG NH2 HH21 sing N N 24  
ARG NH2 HH22 sing N N 25  
ARG OXT HXT  sing N N 26  
ASN N   CA   sing N N 27  
ASN N   H    sing N N 28  
ASN N   H2   sing N N 29  
ASN CA  C    sing N N 30  
ASN CA  CB   sing N N 31  
ASN CA  HA   sing N N 32  
ASN C   O    doub N N 33  
ASN C   OXT  sing N N 34  
ASN CB  CG   sing N N 35  
ASN CB  HB2  sing N N 36  
ASN CB  HB3  sing N N 37  
ASN CG  OD1  doub N N 38  
ASN CG  ND2  sing N N 39  
ASN ND2 HD21 sing N N 40  
ASN ND2 HD22 sing N N 41  
ASN OXT HXT  sing N N 42  
ASP N   CA   sing N N 43  
ASP N   H    sing N N 44  
ASP N   H2   sing N N 45  
ASP CA  C    sing N N 46  
ASP CA  CB   sing N N 47  
ASP CA  HA   sing N N 48  
ASP C   O    doub N N 49  
ASP C   OXT  sing N N 50  
ASP CB  CG   sing N N 51  
ASP CB  HB2  sing N N 52  
ASP CB  HB3  sing N N 53  
ASP CG  OD1  doub N N 54  
ASP CG  OD2  sing N N 55  
ASP OD2 HD2  sing N N 56  
ASP OXT HXT  sing N N 57  
CYS N   CA   sing N N 58  
CYS N   H    sing N N 59  
CYS N   H2   sing N N 60  
CYS CA  C    sing N N 61  
CYS CA  CB   sing N N 62  
CYS CA  HA   sing N N 63  
CYS C   O    doub N N 64  
CYS C   OXT  sing N N 65  
CYS CB  SG   sing N N 66  
CYS CB  HB2  sing N N 67  
CYS CB  HB3  sing N N 68  
CYS SG  HG   sing N N 69  
CYS OXT HXT  sing N N 70  
GLN N   CA   sing N N 71  
GLN N   H    sing N N 72  
GLN N   H2   sing N N 73  
GLN CA  C    sing N N 74  
GLN CA  CB   sing N N 75  
GLN CA  HA   sing N N 76  
GLN C   O    doub N N 77  
GLN C   OXT  sing N N 78  
GLN CB  CG   sing N N 79  
GLN CB  HB2  sing N N 80  
GLN CB  HB3  sing N N 81  
GLN CG  CD   sing N N 82  
GLN CG  HG2  sing N N 83  
GLN CG  HG3  sing N N 84  
GLN CD  OE1  doub N N 85  
GLN CD  NE2  sing N N 86  
GLN NE2 HE21 sing N N 87  
GLN NE2 HE22 sing N N 88  
GLN OXT HXT  sing N N 89  
GLU N   CA   sing N N 90  
GLU N   H    sing N N 91  
GLU N   H2   sing N N 92  
GLU CA  C    sing N N 93  
GLU CA  CB   sing N N 94  
GLU CA  HA   sing N N 95  
GLU C   O    doub N N 96  
GLU C   OXT  sing N N 97  
GLU CB  CG   sing N N 98  
GLU CB  HB2  sing N N 99  
GLU CB  HB3  sing N N 100 
GLU CG  CD   sing N N 101 
GLU CG  HG2  sing N N 102 
GLU CG  HG3  sing N N 103 
GLU CD  OE1  doub N N 104 
GLU CD  OE2  sing N N 105 
GLU OE2 HE2  sing N N 106 
GLU OXT HXT  sing N N 107 
GLY N   CA   sing N N 108 
GLY N   H    sing N N 109 
GLY N   H2   sing N N 110 
GLY CA  C    sing N N 111 
GLY CA  HA2  sing N N 112 
GLY CA  HA3  sing N N 113 
GLY C   O    doub N N 114 
GLY C   OXT  sing N N 115 
GLY OXT HXT  sing N N 116 
HIS N   CA   sing N N 117 
HIS N   H    sing N N 118 
HIS N   H2   sing N N 119 
HIS CA  C    sing N N 120 
HIS CA  CB   sing N N 121 
HIS CA  HA   sing N N 122 
HIS C   O    doub N N 123 
HIS C   OXT  sing N N 124 
HIS CB  CG   sing N N 125 
HIS CB  HB2  sing N N 126 
HIS CB  HB3  sing N N 127 
HIS CG  ND1  sing Y N 128 
HIS CG  CD2  doub Y N 129 
HIS ND1 CE1  doub Y N 130 
HIS ND1 HD1  sing N N 131 
HIS CD2 NE2  sing Y N 132 
HIS CD2 HD2  sing N N 133 
HIS CE1 NE2  sing Y N 134 
HIS CE1 HE1  sing N N 135 
HIS NE2 HE2  sing N N 136 
HIS OXT HXT  sing N N 137 
HOH O   H1   sing N N 138 
HOH O   H2   sing N N 139 
ILE N   CA   sing N N 140 
ILE N   H    sing N N 141 
ILE N   H2   sing N N 142 
ILE CA  C    sing N N 143 
ILE CA  CB   sing N N 144 
ILE CA  HA   sing N N 145 
ILE C   O    doub N N 146 
ILE C   OXT  sing N N 147 
ILE CB  CG1  sing N N 148 
ILE CB  CG2  sing N N 149 
ILE CB  HB   sing N N 150 
ILE CG1 CD1  sing N N 151 
ILE CG1 HG12 sing N N 152 
ILE CG1 HG13 sing N N 153 
ILE CG2 HG21 sing N N 154 
ILE CG2 HG22 sing N N 155 
ILE CG2 HG23 sing N N 156 
ILE CD1 HD11 sing N N 157 
ILE CD1 HD12 sing N N 158 
ILE CD1 HD13 sing N N 159 
ILE OXT HXT  sing N N 160 
LYS N   CA   sing N N 161 
LYS N   H    sing N N 162 
LYS N   H2   sing N N 163 
LYS CA  C    sing N N 164 
LYS CA  CB   sing N N 165 
LYS CA  HA   sing N N 166 
LYS C   O    doub N N 167 
LYS C   OXT  sing N N 168 
LYS CB  CG   sing N N 169 
LYS CB  HB2  sing N N 170 
LYS CB  HB3  sing N N 171 
LYS CG  CD   sing N N 172 
LYS CG  HG2  sing N N 173 
LYS CG  HG3  sing N N 174 
LYS CD  CE   sing N N 175 
LYS CD  HD2  sing N N 176 
LYS CD  HD3  sing N N 177 
LYS CE  NZ   sing N N 178 
LYS CE  HE2  sing N N 179 
LYS CE  HE3  sing N N 180 
LYS NZ  HZ1  sing N N 181 
LYS NZ  HZ2  sing N N 182 
LYS NZ  HZ3  sing N N 183 
LYS OXT HXT  sing N N 184 
MLI C1  C2   sing N N 185 
MLI C1  C3   sing N N 186 
MLI C1  H11  sing N N 187 
MLI C1  H12  sing N N 188 
MLI C2  O6   doub N N 189 
MLI C2  O7   sing N N 190 
MLI C3  O8   doub N N 191 
MLI C3  O9   sing N N 192 
TRP N   CA   sing N N 193 
TRP N   H    sing N N 194 
TRP N   H2   sing N N 195 
TRP CA  C    sing N N 196 
TRP CA  CB   sing N N 197 
TRP CA  HA   sing N N 198 
TRP C   O    doub N N 199 
TRP C   OXT  sing N N 200 
TRP CB  CG   sing N N 201 
TRP CB  HB2  sing N N 202 
TRP CB  HB3  sing N N 203 
TRP CG  CD1  doub Y N 204 
TRP CG  CD2  sing Y N 205 
TRP CD1 NE1  sing Y N 206 
TRP CD1 HD1  sing N N 207 
TRP CD2 CE2  doub Y N 208 
TRP CD2 CE3  sing Y N 209 
TRP NE1 CE2  sing Y N 210 
TRP NE1 HE1  sing N N 211 
TRP CE2 CZ2  sing Y N 212 
TRP CE3 CZ3  doub Y N 213 
TRP CE3 HE3  sing N N 214 
TRP CZ2 CH2  doub Y N 215 
TRP CZ2 HZ2  sing N N 216 
TRP CZ3 CH2  sing Y N 217 
TRP CZ3 HZ3  sing N N 218 
TRP CH2 HH2  sing N N 219 
TRP OXT HXT  sing N N 220 
TYR N   CA   sing N N 221 
TYR N   H    sing N N 222 
TYR N   H2   sing N N 223 
TYR CA  C    sing N N 224 
TYR CA  CB   sing N N 225 
TYR CA  HA   sing N N 226 
TYR C   O    doub N N 227 
TYR C   OXT  sing N N 228 
TYR CB  CG   sing N N 229 
TYR CB  HB2  sing N N 230 
TYR CB  HB3  sing N N 231 
TYR CG  CD1  doub Y N 232 
TYR CG  CD2  sing Y N 233 
TYR CD1 CE1  sing Y N 234 
TYR CD1 HD1  sing N N 235 
TYR CD2 CE2  doub Y N 236 
TYR CD2 HD2  sing N N 237 
TYR CE1 CZ   doub Y N 238 
TYR CE1 HE1  sing N N 239 
TYR CE2 CZ   sing Y N 240 
TYR CE2 HE2  sing N N 241 
TYR CZ  OH   sing N N 242 
TYR OH  HH   sing N N 243 
TYR OXT HXT  sing N N 244 
VAL N   CA   sing N N 245 
VAL N   H    sing N N 246 
VAL N   H2   sing N N 247 
VAL CA  C    sing N N 248 
VAL CA  CB   sing N N 249 
VAL CA  HA   sing N N 250 
VAL C   O    doub N N 251 
VAL C   OXT  sing N N 252 
VAL CB  CG1  sing N N 253 
VAL CB  CG2  sing N N 254 
VAL CB  HB   sing N N 255 
VAL CG1 HG11 sing N N 256 
VAL CG1 HG12 sing N N 257 
VAL CG1 HG13 sing N N 258 
VAL CG2 HG21 sing N N 259 
VAL CG2 HG22 sing N N 260 
VAL CG2 HG23 sing N N 261 
VAL OXT HXT  sing N N 262 
# 
loop_
_pdbx_audit_support.funding_organization 
_pdbx_audit_support.country 
_pdbx_audit_support.grant_number 
_pdbx_audit_support.ordinal 
'Australian Research Council (ARC)'                               Australia CE200100012 1 
'National Health and Medical Research Council (NHMRC, Australia)' Australia APP1136021  2 
# 
_pdbx_initial_refinement_model.id               1 
_pdbx_initial_refinement_model.entity_id_list   ? 
_pdbx_initial_refinement_model.type             'experimental model' 
_pdbx_initial_refinement_model.source_name      PDB 
_pdbx_initial_refinement_model.accession_code   5JG9 
_pdbx_initial_refinement_model.details          'PDB entry 5JG9 (scaffold)' 
# 
_space_group.name_H-M_alt     'P 41 21 2' 
_space_group.name_Hall        'P 4abw 2nw' 
_space_group.IT_number        92 
_space_group.crystal_system   tetragonal 
_space_group.id               1 
# 
_atom_sites.entry_id                    7RJF 
_atom_sites.Cartn_transf_matrix[1][1]   ? 
_atom_sites.Cartn_transf_matrix[1][2]   ? 
_atom_sites.Cartn_transf_matrix[1][3]   ? 
_atom_sites.Cartn_transf_matrix[2][1]   ? 
_atom_sites.Cartn_transf_matrix[2][2]   ? 
_atom_sites.Cartn_transf_matrix[2][3]   ? 
_atom_sites.Cartn_transf_matrix[3][1]   ? 
_atom_sites.Cartn_transf_matrix[3][2]   ? 
_atom_sites.Cartn_transf_matrix[3][3]   ? 
_atom_sites.Cartn_transf_vector[1]      ? 
_atom_sites.Cartn_transf_vector[2]      ? 
_atom_sites.Cartn_transf_vector[3]      ? 
_atom_sites.fract_transf_matrix[1][1]   -0.00163014 
_atom_sites.fract_transf_matrix[1][2]   -0.02078882 
_atom_sites.fract_transf_matrix[1][3]   0.01221719 
_atom_sites.fract_transf_matrix[2][1]   0.02115883 
_atom_sites.fract_transf_matrix[2][2]   -0.00710596 
_atom_sites.fract_transf_matrix[2][3]   -0.00926830 
_atom_sites.fract_transf_matrix[3][1]   0.00375580 
_atom_sites.fract_transf_matrix[3][2]   0.00327070 
_atom_sites.fract_transf_matrix[3][3]   0.00606657 
_atom_sites.fract_transf_vector[1]      0.519426 
_atom_sites.fract_transf_vector[2]      0.780602 
_atom_sites.fract_transf_vector[3]      0.430585 
_atom_sites.solution_primary            ? 
_atom_sites.solution_secondary          ? 
_atom_sites.solution_hydrogens          ? 
_atom_sites.special_details             ? 
# 
loop_
_atom_type.symbol 
_atom_type.scat_dispersion_real 
_atom_type.scat_dispersion_imag 
_atom_type.scat_Cromer_Mann_a1 
_atom_type.scat_Cromer_Mann_a2 
_atom_type.scat_Cromer_Mann_a3 
_atom_type.scat_Cromer_Mann_a4 
_atom_type.scat_Cromer_Mann_b1 
_atom_type.scat_Cromer_Mann_b2 
_atom_type.scat_Cromer_Mann_b3 
_atom_type.scat_Cromer_Mann_b4 
_atom_type.scat_Cromer_Mann_c 
_atom_type.scat_source 
_atom_type.scat_dispersion_source 
C  ? ? 3.54356  2.42580 ? ? 25.62398 1.50364  ? ? 0.0 
;2-Gaussian fit: Grosse-Kunstleve RW, Sauter NK, Adams PD: Newsletter of the IUCr Commission on Crystallographic Computing 2004, 3, 22-31.
;
? 
H  ? ? 0.51345  0.48472 ? ? 24.73122 6.32584  ? ? 0.0 
;2-Gaussian fit: Grosse-Kunstleve RW, Sauter NK, Adams PD: Newsletter of the IUCr Commission on Crystallographic Computing 2004, 3, 22-31.
;
? 
N  ? ? 4.01032  2.96436 ? ? 19.97189 1.75589  ? ? 0.0 
;2-Gaussian fit: Grosse-Kunstleve RW, Sauter NK, Adams PD: Newsletter of the IUCr Commission on Crystallographic Computing 2004, 3, 22-31.
;
? 
O  ? ? 4.49882  3.47563 ? ? 15.80542 1.70748  ? ? 0.0 
;2-Gaussian fit: Grosse-Kunstleve RW, Sauter NK, Adams PD: Newsletter of the IUCr Commission on Crystallographic Computing 2004, 3, 22-31.
;
? 
S  ? ? 9.55732  6.39887 ? ? 1.23737  29.19336 ? ? 0.0 
;2-Gaussian fit: Grosse-Kunstleve RW, Sauter NK, Adams PD: Newsletter of the IUCr Commission on Crystallographic Computing 2004, 3, 22-31.
;
? 
ZN ? ? 24.64596 5.25405 ? ? 2.14387  29.76375 ? ? 0.0 
;2-Gaussian fit: Grosse-Kunstleve RW, Sauter NK, Adams PD: Newsletter of the IUCr Commission on Crystallographic Computing 2004, 3, 22-31.
;
? 
# 
loop_
_atom_site.group_PDB 
_atom_site.id 
_atom_site.type_symbol 
_atom_site.label_atom_id 
_atom_site.label_alt_id 
_atom_site.label_comp_id 
_atom_site.label_asym_id 
_atom_site.label_entity_id 
_atom_site.label_seq_id 
_atom_site.pdbx_PDB_ins_code 
_atom_site.Cartn_x 
_atom_site.Cartn_y 
_atom_site.Cartn_z 
_atom_site.occupancy 
_atom_site.B_iso_or_equiv 
_atom_site.pdbx_formal_charge 
_atom_site.auth_seq_id 
_atom_site.auth_comp_id 
_atom_site.auth_asym_id 
_atom_site.auth_atom_id 
_atom_site.pdbx_PDB_model_num 
ATOM   1    N  N    . ILE A 1 1  ? -0.11035  7.89901   11.12896  1.000 32.56879  ? 1   ILE A N    1 
ATOM   2    C  CA   . ILE A 1 1  ? -0.35400  7.01085   9.95507   1.000 35.23134  ? 1   ILE A CA   1 
ATOM   3    C  C    . ILE A 1 1  ? -1.67581  6.31185   10.15402  1.000 36.55377  ? 1   ILE A C    1 
ATOM   4    O  O    . ILE A 1 1  ? -1.98757  5.85325   11.24894  1.000 36.50335  ? 1   ILE A O    1 
ATOM   5    C  CB   . ILE A 1 1  ? 0.77436   5.97521   9.76569   1.000 34.08466  ? 1   ILE A CB   1 
ATOM   6    C  CG1  . ILE A 1 1  ? 0.64221   5.30029   8.41169   1.000 39.66084  ? 1   ILE A CG1  1 
ATOM   7    C  CG2  . ILE A 1 1  ? 0.76547   4.94155   10.89775  1.000 41.36992  ? 1   ILE A CG2  1 
ATOM   8    C  CD1  . ILE A 1 1  ? 1.80016   4.41062   8.06319   1.000 37.42987  ? 1   ILE A CD1  1 
ATOM   9    H  H1   . ILE A 1 1  ? -0.19505  8.74920   10.88088  1.000 39.17960  ? 1   ILE A H1   1 
ATOM   10   H  H2   . ILE A 1 1  ? -0.70290  7.71632   11.76767  1.000 39.17960  ? 1   ILE A H2   1 
ATOM   11   H  H3   . ILE A 1 1  ? 0.71250   7.76103   11.43916  1.000 39.17960  ? 1   ILE A H3   1 
ATOM   12   H  HA   . ILE A 1 1  ? -0.41174  7.55084   9.15111   1.000 42.37466  ? 1   ILE A HA   1 
ATOM   13   H  HB   . ILE A 1 1  ? 1.62304   6.44369   9.78986   1.000 40.99865  ? 1   ILE A HB   1 
ATOM   14   H  HG12 . ILE A 1 1  ? -0.16036  4.75561   8.41040   1.000 47.69006  ? 1   ILE A HG12 1 
ATOM   15   H  HG13 . ILE A 1 1  ? 0.57725   5.98378   7.72632   1.000 47.69006  ? 1   ILE A HG13 1 
ATOM   16   H  HG21 . ILE A 1 1  ? 1.61374   4.47009   10.90106  1.000 49.74096  ? 1   ILE A HG21 1 
ATOM   17   H  HG22 . ILE A 1 1  ? 0.63991   5.40286   11.74113  1.000 49.74096  ? 1   ILE A HG22 1 
ATOM   18   H  HG23 . ILE A 1 1  ? 0.03911   4.31541   10.75218  1.000 49.74096  ? 1   ILE A HG23 1 
ATOM   19   H  HD11 . ILE A 1 1  ? 1.70187   4.10974   7.14641   1.000 45.01290  ? 1   ILE A HD11 1 
ATOM   20   H  HD12 . ILE A 1 1  ? 2.62387   4.91273   8.16103   1.000 45.01290  ? 1   ILE A HD12 1 
ATOM   21   H  HD13 . ILE A 1 1  ? 1.80502   3.64839   8.66390   1.000 45.01290  ? 1   ILE A HD13 1 
ATOM   22   N  N    . GLN A 1 2  ? -2.44102  6.17526   9.07767   1.000 37.80665  ? 2   GLN A N    1 
ATOM   23   C  CA   . GLN A 1 2  ? -3.79179  5.64359   9.15000   1.000 33.97570  ? 2   GLN A CA   1 
ATOM   24   C  C    . GLN A 1 2  ? -4.00516  4.64363   8.02927   1.000 40.49160  ? 2   GLN A C    1 
ATOM   25   O  O    . GLN A 1 2  ? -3.52877  4.85668   6.91435   1.000 33.56112  ? 2   GLN A O    1 
ATOM   26   C  CB   . GLN A 1 2  ? -4.78164  6.78376   9.01743   1.000 31.76551  ? 2   GLN A CB   1 
ATOM   27   C  CG   . GLN A 1 2  ? -6.20082  6.38876   8.90963   1.000 41.76948  ? 2   GLN A CG   1 
ATOM   28   C  CD   . GLN A 1 2  ? -7.00418  7.55109   8.44006   1.000 52.81484  ? 2   GLN A CD   1 
ATOM   29   O  OE1  . GLN A 1 2  ? -7.53472  8.32689   9.24428   1.000 62.48041  ? 2   GLN A OE1  1 
ATOM   30   N  NE2  . GLN A 1 2  ? -7.03957  7.73983   7.13239   1.000 49.87992  ? 2   GLN A NE2  1 
ATOM   31   H  H    . GLN A 1 2  ? -2.19428  6.38770   8.28121   1.000 45.46504  ? 2   GLN A H    1 
ATOM   32   H  HA   . GLN A 1 2  ? -3.93320  5.19866   10.00012  1.000 40.86789  ? 2   GLN A HA   1 
ATOM   33   H  HB2  . GLN A 1 2  ? -4.69727  7.35416   9.79751   1.000 38.21567  ? 2   GLN A HB2  1 
ATOM   34   H  HB3  . GLN A 1 2  ? -4.55982  7.29056   8.22001   1.000 38.21567  ? 2   GLN A HB3  1 
ATOM   35   H  HG2  . GLN A 1 2  ? -6.31159  5.67236   8.26729   1.000 50.22043  ? 2   GLN A HG2  1 
ATOM   36   H  HG3  . GLN A 1 2  ? -6.53025  6.11852   9.78068   1.000 50.22043  ? 2   GLN A HG3  1 
ATOM   37   H  HE21 . GLN A 1 2  ? -6.64537  7.18398   6.60710   1.000 59.95296  ? 2   GLN A HE21 1 
ATOM   38   H  HE22 . GLN A 1 2  ? -7.48317  8.39973   6.80542   1.000 59.95296  ? 2   GLN A HE22 1 
ATOM   39   N  N    . ILE A 1 3  ? -4.73080  3.57504   8.31586   1.000 36.01396  ? 3   ILE A N    1 
ATOM   40   C  CA   . ILE A 1 3  ? -5.17311  2.64025   7.29528   1.000 36.04913  ? 3   ILE A CA   1 
ATOM   41   C  C    . ILE A 1 3  ? -6.65472  2.36575   7.49497   1.000 41.55093  ? 3   ILE A C    1 
ATOM   42   O  O    . ILE A 1 3  ? -7.11319  2.15854   8.62023   1.000 33.43368  ? 3   ILE A O    1 
ATOM   43   C  CB   . ILE A 1 3  ? -4.37140  1.31762   7.29207   1.000 42.71905  ? 3   ILE A CB   1 
ATOM   44   C  CG1  . ILE A 1 3  ? -4.91340  0.40211   6.19601   1.000 42.71315  ? 3   ILE A CG1  1 
ATOM   45   C  CG2  . ILE A 1 3  ? -4.46024  0.60511   8.63946   1.000 47.72559  ? 3   ILE A CG2  1 
ATOM   46   C  CD1  . ILE A 1 3  ? -3.87711  -0.52859  5.54387   1.000 48.33667  ? 3   ILE A CD1  1 
ATOM   47   H  H    . ILE A 1 3  ? -4.98451  3.36527   9.11002   1.000 43.31380  ? 3   ILE A H    1 
ATOM   48   H  HA   . ILE A 1 3  ? -5.06190  3.05341   6.42664   1.000 43.35601  ? 3   ILE A HA   1 
ATOM   49   H  HB   . ILE A 1 3  ? -3.44064  1.51606   7.10309   1.000 51.35991  ? 3   ILE A HB   1 
ATOM   50   H  HG12 . ILE A 1 3  ? -5.60818  -0.15668  6.57678   1.000 51.35284  ? 3   ILE A HG12 1 
ATOM   51   H  HG13 . ILE A 1 3  ? -5.29079  0.95341   5.49328   1.000 51.35284  ? 3   ILE A HG13 1 
ATOM   52   H  HG21 . ILE A 1 3  ? -3.88550  -0.17544  8.62037   1.000 57.36777  ? 3   ILE A HG21 1 
ATOM   53   H  HG22 . ILE A 1 3  ? -4.16962  1.21251   9.33790   1.000 57.36777  ? 3   ILE A HG22 1 
ATOM   54   H  HG23 . ILE A 1 3  ? -5.37848  0.33503   8.79721   1.000 57.36777  ? 3   ILE A HG23 1 
ATOM   55   H  HD11 . ILE A 1 3  ? -4.26736  -0.92970  4.75190   1.000 58.10106  ? 3   ILE A HD11 1 
ATOM   56   H  HD12 . ILE A 1 3  ? -3.09385  -0.01013  5.30214   1.000 58.10106  ? 3   ILE A HD12 1 
ATOM   57   H  HD13 . ILE A 1 3  ? -3.63142  -1.22000  6.17854   1.000 58.10106  ? 3   ILE A HD13 1 
ATOM   58   N  N    . ARG A 1 4  ? -7.39881  2.35137   6.39399   1.000 33.88468  ? 4   ARG A N    1 
ATOM   59   C  CA   . ARG A 1 4  ? -8.80799  1.97812   6.36014   1.000 32.48556  ? 4   ARG A CA   1 
ATOM   60   C  C    . ARG A 1 4  ? -8.94520  0.87532   5.33569   1.000 37.10750  ? 4   ARG A C    1 
ATOM   61   O  O    . ARG A 1 4  ? -8.24934  0.90667   4.31871   1.000 30.56814  ? 4   ARG A O    1 
ATOM   62   C  CB   . ARG A 1 4  ? -9.70884  3.15806   5.95697   1.000 44.00448  ? 4   ARG A CB   1 
ATOM   63   C  CG   . ARG A 1 4  ? -9.66576  4.34560   6.87367   1.000 52.88938  ? 4   ARG A CG   1 
ATOM   64   C  CD   . ARG A 1 4  ? -10.95175 4.52840   7.62044   1.000 66.64270  ? 4   ARG A CD   1 
ATOM   65   N  NE   . ARG A 1 4  ? -10.74061 5.45243   8.73431   1.000 83.72061  ? 4   ARG A NE   1 
ATOM   66   C  CZ   . ARG A 1 4  ? -10.63762 6.77018   8.59277   1.000 89.53338  ? 4   ARG A CZ   1 
ATOM   67   N  NH1  . ARG A 1 4  ? -10.42760 7.54945   9.65601   1.000 86.82860  ? 4   ARG A NH1  1 
ATOM   68   N  NH2  . ARG A 1 4  ? -10.75314 7.31478   7.38738   1.000 83.80762  ? 4   ARG A NH2  1 
ATOM   69   H  H    . ARG A 1 4  ? -7.09329  2.56476   5.61885   1.000 40.75868  ? 4   ARG A H    1 
ATOM   70   H  HA   . ARG A 1 4  ? -9.08844  1.64471   7.22716   1.000 39.07973  ? 4   ARG A HA   1 
ATOM   71   H  HB2  . ARG A 1 4  ? -9.44005  3.46186   5.07560   1.000 52.90243  ? 4   ARG A HB2  1 
ATOM   72   H  HB3  . ARG A 1 4  ? -10.62662 2.84667   5.92581   1.000 52.90243  ? 4   ARG A HB3  1 
ATOM   73   H  HG2  . ARG A 1 4  ? -8.95489  4.22136   7.52267   1.000 63.56431  ? 4   ARG A HG2  1 
ATOM   74   H  HG3  . ARG A 1 4  ? -9.50419  5.14585   6.34996   1.000 63.56431  ? 4   ARG A HG3  1 
ATOM   75   H  HD2  . ARG A 1 4  ? -11.62602 4.89748   7.02896   1.000 80.06829  ? 4   ARG A HD2  1 
ATOM   76   H  HD3  . ARG A 1 4  ? -11.24298 3.67546   7.97983   1.000 80.06829  ? 4   ARG A HD3  1 
ATOM   77   H  HE   . ARG A 1 4  ? -10.77609 5.13513   9.53285   1.000 100.56179 ? 4   ARG A HE   1 
ATOM   78   H  HH11 . ARG A 1 4  ? -10.35879 7.19950   10.43863  1.000 104.29137 ? 4   ARG A HH11 1 
ATOM   79   H  HH12 . ARG A 1 4  ? -10.37166 8.40241   9.56001   1.000 104.29137 ? 4   ARG A HH12 1 
ATOM   80   H  HH21 . ARG A 1 4  ? -10.88349 6.82044   6.69696   1.000 100.66620 ? 4   ARG A HH21 1 
ATOM   81   H  HH22 . ARG A 1 4  ? -10.69048 8.16776   7.29627   1.000 100.66620 ? 4   ARG A HH22 1 
ATOM   82   N  N    . GLU A 1 5  ? -9.83293  -0.07973  5.59803   1.000 38.45973  ? 5   GLU A N    1 
ATOM   83   C  CA   . GLU A 1 5  ? -10.07828 -1.22448  4.72913   1.000 32.24051  ? 5   GLU A CA   1 
ATOM   84   C  C    . GLU A 1 5  ? -11.50405 -1.20008  4.20652   1.000 36.39787  ? 5   GLU A C    1 
ATOM   85   O  O    . GLU A 1 5  ? -12.44291 -0.91258  4.95622   1.000 36.47415  ? 5   GLU A O    1 
ATOM   86   C  CB   . GLU A 1 5  ? -9.88427  -2.54395  5.46918   1.000 34.66662  ? 5   GLU A CB   1 
ATOM   87   C  CG   . GLU A 1 5  ? -8.47538  -2.90332  5.86067   1.000 40.38588  ? 5   GLU A CG   1 
ATOM   88   C  CD   . GLU A 1 5  ? -8.44459  -4.20880  6.65024   1.000 50.20889  ? 5   GLU A CD   1 
ATOM   89   O  OE1  . GLU A 1 5  ? -8.03021  -5.27264  6.11980   1.000 45.05774  ? 5   GLU A OE1  1 
ATOM   90   O  OE2  . GLU A 1 5  ? -8.90234  -4.17804  7.80072   1.000 48.45479  ? 5   GLU A OE2  1 
ATOM   91   H  H    . GLU A 1 5  ? -10.32497 -0.08448  6.30370   1.000 46.24873  ? 5   GLU A H    1 
ATOM   92   H  HA   . GLU A 1 5  ? -9.46975  -1.19970  3.97417   1.000 38.78567  ? 5   GLU A HA   1 
ATOM   93   H  HB2  . GLU A 1 5  ? -10.40885 -2.51310  6.28449   1.000 41.69700  ? 5   GLU A HB2  1 
ATOM   94   H  HB3  . GLU A 1 5  ? -10.21579 -3.25868  4.90309   1.000 41.69700  ? 5   GLU A HB3  1 
ATOM   95   H  HG2  . GLU A 1 5  ? -7.93833  -3.01645  5.06130   1.000 48.56011  ? 5   GLU A HG2  1 
ATOM   96   H  HG3  . GLU A 1 5  ? -8.10705  -2.20013  6.41796   1.000 48.56011  ? 5   GLU A HG3  1 
ATOM   97   N  N    . TYR A 1 6  ? -11.64975 -1.56411  2.93265   1.000 30.72560  ? 6   TYR A N    1 
ATOM   98   C  CA   . TYR A 1 6  ? -12.92268 -1.65248  2.23261   1.000 33.31884  ? 6   TYR A CA   1 
ATOM   99   C  C    . TYR A 1 6  ? -12.89198 -2.99948  1.51533   1.000 34.66073  ? 6   TYR A C    1 
ATOM   100  O  O    . TYR A 1 6  ? -11.99492 -3.22036  0.69737   1.000 33.73353  ? 6   TYR A O    1 
ATOM   101  C  CB   . TYR A 1 6  ? -13.07335 -0.47847  1.23105   1.000 33.21416  ? 6   TYR A CB   1 
ATOM   102  C  CG   . TYR A 1 6  ? -12.72103 0.88694   1.81513   1.000 47.19456  ? 6   TYR A CG   1 
ATOM   103  C  CD1  . TYR A 1 6  ? -11.39975 1.36509   1.84167   1.000 47.88848  ? 6   TYR A CD1  1 
ATOM   104  C  CD2  . TYR A 1 6  ? -13.70664 1.68607   2.37874   1.000 56.70465  ? 6   TYR A CD2  1 
ATOM   105  C  CE1  . TYR A 1 6  ? -11.08700 2.63560   2.42120   1.000 45.70373  ? 6   TYR A CE1  1 
ATOM   106  C  CE2  . TYR A 1 6  ? -13.40589 2.92267   2.94646   1.000 52.41734  ? 6   TYR A CE2  1 
ATOM   107  C  CZ   . TYR A 1 6  ? -12.10649 3.38993   2.95748   1.000 48.63724  ? 6   TYR A CZ   1 
ATOM   108  O  OH   . TYR A 1 6  ? -11.86334 4.61239   3.52708   1.000 55.37623  ? 6   TYR A OH   1 
ATOM   109  H  H    . TYR A 1 6  ? -10.98467 -1.77540  2.43040   1.000 36.96778  ? 6   TYR A H    1 
ATOM   110  H  HA   . TYR A 1 6  ? -13.65929 -1.63798  2.86325   1.000 40.07966  ? 6   TYR A HA   1 
ATOM   111  H  HB2  . TYR A 1 6  ? -12.48694 -0.63656  0.47452   1.000 39.95405  ? 6   TYR A HB2  1 
ATOM   112  H  HB3  . TYR A 1 6  ? -13.99512 -0.44259  0.92975   1.000 39.95405  ? 6   TYR A HB3  1 
ATOM   113  H  HD1  . TYR A 1 6  ? -10.71871 0.84694   1.47815   1.000 57.56323  ? 6   TYR A HD1  1 
ATOM   114  H  HD2  . TYR A 1 6  ? -14.58723 1.38695   2.38134   1.000 68.14263  ? 6   TYR A HD2  1 
ATOM   115  H  HE1  . TYR A 1 6  ? -10.21165 2.94869   2.42983   1.000 54.94153  ? 6   TYR A HE1  1 
ATOM   116  H  HE2  . TYR A 1 6  ? -14.08604 3.44079   3.31203   1.000 62.99787  ? 6   TYR A HE2  1 
ATOM   117  H  HH   . TYR A 1 6  ? -12.58115 4.94690   3.80665   1.000 66.54854  ? 6   TYR A HH   1 
ATOM   118  N  N    . LYS A 1 7  ? -13.85002 -3.88759  1.81097   1.000 30.54909  ? 7   LYS A N    1 
ATOM   119  C  CA   . LYS A 1 7  ? -13.90035 -5.22272  1.20991   1.000 34.11742  ? 7   LYS A CA   1 
ATOM   120  C  C    . LYS A 1 7  ? -15.02529 -5.32279  0.18133   1.000 30.72261  ? 7   LYS A C    1 
ATOM   121  O  O    . LYS A 1 7  ? -16.12200 -4.77413  0.36524   1.000 34.98639  ? 7   LYS A O    1 
ATOM   122  C  CB   . LYS A 1 7  ? -14.07503 -6.33318  2.25443   1.000 36.63798  ? 7   LYS A CB   1 
ATOM   123  C  CG   . LYS A 1 7  ? -13.95493 -7.73967  1.61997   1.000 40.70047  ? 7   LYS A CG   1 
ATOM   124  C  CD   . LYS A 1 7  ? -13.50410 -8.80831  2.59755   1.000 52.67653  ? 7   LYS A CD   1 
ATOM   125  C  CE   . LYS A 1 7  ? -14.62150 -9.24556  3.49272   1.000 59.38577  ? 7   LYS A CE   1 
ATOM   126  N  NZ   . LYS A 1 7  ? -14.11300 -10.18541 4.55276   1.000 83.19799  ? 7   LYS A NZ   1 
ATOM   127  H  H    . LYS A 1 7  ? -14.48979 -3.73630  2.36484   1.000 36.75597  ? 7   LYS A H    1 
ATOM   128  H  HA   . LYS A 1 7  ? -13.06435 -5.38549  0.74776   1.000 41.03796  ? 7   LYS A HA   1 
ATOM   129  H  HB2  . LYS A 1 7  ? -13.38647 -6.24476  2.93197   1.000 44.06263  ? 7   LYS A HB2  1 
ATOM   130  H  HB3  . LYS A 1 7  ? -14.95425 -6.25628  2.65767   1.000 44.06263  ? 7   LYS A HB3  1 
ATOM   131  H  HG2  . LYS A 1 7  ? -14.82144 -8.00189  1.27180   1.000 48.93762  ? 7   LYS A HG2  1 
ATOM   132  H  HG3  . LYS A 1 7  ? -13.30753 -7.70406  0.89851   1.000 48.93762  ? 7   LYS A HG3  1 
ATOM   133  H  HD2  . LYS A 1 7  ? -13.19129 -9.58166  2.10276   1.000 63.30889  ? 7   LYS A HD2  1 
ATOM   134  H  HD3  . LYS A 1 7  ? -12.79087 -8.45568  3.15230   1.000 63.30889  ? 7   LYS A HD3  1 
ATOM   135  H  HE2  . LYS A 1 7  ? -15.00801 -8.47012  3.92980   1.000 71.35997  ? 7   LYS A HE2  1 
ATOM   136  H  HE3  . LYS A 1 7  ? -15.29355 -9.70910  2.96839   1.000 71.35997  ? 7   LYS A HE3  1 
ATOM   137  H  HZ1  . LYS A 1 7  ? -14.78301 -10.44015 5.08032   1.000 99.93464  ? 7   LYS A HZ1  1 
ATOM   138  H  HZ2  . LYS A 1 7  ? -13.75386 -10.90635 4.17311   1.000 99.93464  ? 7   LYS A HZ2  1 
ATOM   139  H  HZ3  . LYS A 1 7  ? -13.49421 -9.77968  5.04679   1.000 99.93464  ? 7   LYS A HZ3  1 
ATOM   140  N  N    . ARG A 1 8  ? -14.73300 -5.98753  -0.92860  1.000 26.70177  ? 8   ARG A N    1 
ATOM   141  C  CA   . ARG A 1 8  ? -15.74078 -6.23201  -1.95186  1.000 29.65138  ? 8   ARG A CA   1 
ATOM   142  C  C    . ARG A 1 8  ? -15.60109 -7.67414  -2.38128  1.000 33.05211  ? 8   ARG A C    1 
ATOM   143  O  O    . ARG A 1 8  ? -14.49558 -8.11277  -2.69725  1.000 36.39683  ? 8   ARG A O    1 
ATOM   144  C  CB   . ARG A 1 8  ? -15.55576 -5.31374  -3.16181  1.000 37.02055  ? 8   ARG A CB   1 
ATOM   145  C  CG   . ARG A 1 8  ? -15.23762 -3.88757  -2.80927  1.000 45.75545  ? 8   ARG A CG   1 
ATOM   146  C  CD   . ARG A 1 8  ? -16.48604 -3.09455  -2.60365  1.000 49.06033  ? 8   ARG A CD   1 
ATOM   147  N  NE   . ARG A 1 8  ? -16.92602 -2.48362  -3.85223  1.000 65.58819  ? 8   ARG A NE   1 
ATOM   148  C  CZ   . ARG A 1 8  ? -17.88456 -1.56456  -3.93155  1.000 72.44298  ? 8   ARG A CZ   1 
ATOM   149  N  NH1  . ARG A 1 8  ? -18.50150 -1.14978  -2.83134  1.000 67.60862  ? 8   ARG A NH1  1 
ATOM   150  N  NH2  . ARG A 1 8  ? -18.22779 -1.05797  -5.11133  1.000 74.12933  ? 8   ARG A NH2  1 
ATOM   151  H  H    . ARG A 1 8  ? -13.95700 -6.30863  -1.11428  1.000 32.13918  ? 8   ARG A H    1 
ATOM   152  H  HA   . ARG A 1 8  ? -16.62847 -6.09743  -1.58612  1.000 35.67871  ? 8   ARG A HA   1 
ATOM   153  H  HB2  . ARG A 1 8  ? -14.82472 -5.65432  -3.70118  1.000 44.52171  ? 8   ARG A HB2  1 
ATOM   154  H  HB3  . ARG A 1 8  ? -16.37436 -5.31453  -3.68187  1.000 44.52171  ? 8   ARG A HB3  1 
ATOM   155  H  HG2  . ARG A 1 8  ? -14.70781 -3.84098  -2.00055  1.000 55.00360  ? 8   ARG A HG2  1 
ATOM   156  H  HG3  . ARG A 1 8  ? -14.74953 -3.48580  -3.54412  1.000 55.00360  ? 8   ARG A HG3  1 
ATOM   157  H  HD2  . ARG A 1 8  ? -17.19069 -3.67875  -2.28328  1.000 58.96945  ? 8   ARG A HD2  1 
ATOM   158  H  HD3  . ARG A 1 8  ? -16.31462 -2.38849  -1.96094  1.000 58.96945  ? 8   ARG A HD3  1 
ATOM   159  H  HE   . ARG A 1 8  ? -16.60194 -2.79183  -4.58666  1.000 78.80289  ? 8   ARG A HE   1 
ATOM   160  H  HH11 . ARG A 1 8  ? -18.28572 -1.47305  -2.06481  1.000 81.22741  ? 8   ARG A HH11 1 
ATOM   161  H  HH12 . ARG A 1 8  ? -19.12086 -0.55555  -2.88600  1.000 81.22741  ? 8   ARG A HH12 1 
ATOM   162  H  HH21 . ARG A 1 8  ? -17.82968 -1.32441  -5.82612  1.000 89.05225  ? 8   ARG A HH21 1 
ATOM   163  H  HH22 . ARG A 1 8  ? -18.84671 -0.46365  -5.15984  1.000 89.05225  ? 8   ARG A HH22 1 
ATOM   164  N  N    . CYS A 1 9  ? -16.71169 -8.39928  -2.41027  1.000 37.07587  ? 9   CYS A N    1 
ATOM   165  C  CA   . CYS A 1 9  ? -16.73966 -9.76101  -2.91120  1.000 38.52484  ? 9   CYS A CA   1 
ATOM   166  C  C    . CYS A 1 9  ? -17.76461 -9.85295  -4.03325  1.000 36.12483  ? 9   CYS A C    1 
ATOM   167  O  O    . CYS A 1 9  ? -18.75640 -9.11865  -4.03378  1.000 36.43776  ? 9   CYS A O    1 
ATOM   168  C  CB   . CYS A 1 9  ? -17.12866 -10.75197 -1.81654  1.000 40.86546  ? 9   CYS A CB   1 
ATOM   169  S  SG   . CYS A 1 9  ? -16.01097 -10.89177 -0.43548  1.000 36.51702  ? 9   CYS A SG   1 
ATOM   170  H  H    . CYS A 1 9  ? -17.47646 -8.11582  -2.13879  1.000 44.58810  ? 9   CYS A H    1 
ATOM   171  H  HA   . CYS A 1 9  ? -15.86945 -10.00579 -3.26105  1.000 46.32686  ? 9   CYS A HA   1 
ATOM   172  H  HB2  . CYS A 1 9  ? -17.99251 -10.48831 -1.46140  1.000 49.13560  ? 9   CYS A HB2  1 
ATOM   173  H  HB3  . CYS A 1 9  ? -17.20198 -11.63227 -2.21645  1.000 49.13560  ? 9   CYS A HB3  1 
ATOM   174  N  N    . GLY A 1 10 ? -17.51339 -10.74347 -4.99083  1.000 36.82612  ? 10  GLY A N    1 
ATOM   175  C  CA   . GLY A 1 10 ? -18.49261 -10.99069 -6.04066  1.000 50.38796  ? 10  GLY A CA   1 
ATOM   176  C  C    . GLY A 1 10 ? -18.36977 -10.08767 -7.24529  1.000 53.75534  ? 10  GLY A C    1 
ATOM   177  O  O    . GLY A 1 10 ? -19.23242 -10.13742 -8.13347  1.000 65.76740  ? 10  GLY A O    1 
ATOM   178  H  H    . GLY A 1 10 ? -16.79420 -11.21008 -5.05385  1.000 44.28840  ? 10  GLY A H    1 
ATOM   179  H  HA2  . GLY A 1 10 ? -18.41943 -11.90512 -6.34855  1.000 60.56261  ? 10  GLY A HA2  1 
ATOM   180  H  HA3  . GLY A 1 10 ? -19.38202 -10.87254 -5.67146  1.000 60.56261  ? 10  GLY A HA3  1 
ATOM   181  N  N    . GLN A 1 11 ? -17.36365 -9.22311  -7.24620  1.000 46.96566  ? 11  GLN A N    1 
ATOM   182  C  CA   . GLN A 1 11 ? -17.19127 -8.27843  -8.33576  1.000 47.19089  ? 11  GLN A CA   1 
ATOM   183  C  C    . GLN A 1 11 ? -15.96111 -8.56067  -9.17807  1.000 43.39048  ? 11  GLN A C    1 
ATOM   184  O  O    . GLN A 1 11 ? -15.05311 -9.28580  -8.77352  1.000 42.21445  ? 11  GLN A O    1 
ATOM   185  C  CB   . GLN A 1 11 ? -17.11580 -6.85151  -7.78681  1.000 56.25211  ? 11  GLN A CB   1 
ATOM   186  C  CG   . GLN A 1 11 ? -18.08861 -6.57219  -6.65201  1.000 64.76831  ? 11  GLN A CG   1 
ATOM   187  C  CD   . GLN A 1 11 ? -19.20919 -5.63686  -7.06157  1.000 81.52875  ? 11  GLN A CD   1 
ATOM   188  O  OE1  . GLN A 1 11 ? -19.83057 -5.81522  -8.10870  1.000 77.18779  ? 11  GLN A OE1  1 
ATOM   189  N  NE2  . GLN A 1 11 ? -19.47225 -4.63075  -6.23530  1.000 76.72873  ? 11  GLN A NE2  1 
ATOM   190  H  H    . GLN A 1 11 ? -16.76814 -9.16291  -6.62910  1.000 56.45585  ? 11  GLN A H    1 
ATOM   191  H  HA   . GLN A 1 11 ? -17.96259 -8.32578  -8.92081  1.000 56.72613  ? 11  GLN A HA   1 
ATOM   192  H  HB2  . GLN A 1 11 ? -16.22266 -6.70401  -7.44633  1.000 67.59958  ? 11  GLN A HB2  1 
ATOM   193  H  HB3  . GLN A 1 11 ? -17.30499 -6.22720  -8.50439  1.000 67.59958  ? 11  GLN A HB3  1 
ATOM   194  H  HG2  . GLN A 1 11 ? -18.49962 -7.39221  -6.34360  1.000 77.81903  ? 11  GLN A HG2  1 
ATOM   195  H  HG3  . GLN A 1 11 ? -17.60493 -6.15393  -5.92325  1.000 77.81903  ? 11  GLN A HG3  1 
ATOM   196  H  HE21 . GLN A 1 11 ? -19.01670 -4.53771  -5.51175  1.000 92.17153  ? 11  GLN A HE21 1 
ATOM   197  H  HE22 . GLN A 1 11 ? -20.09941 -4.07257  -6.42354  1.000 92.17153  ? 11  GLN A HE22 1 
ATOM   198  N  N    . ASP A 1 12 ? -15.95661 -7.96533  -10.36221 1.000 44.58019  ? 12  ASP A N    1 
ATOM   199  C  CA   . ASP A 1 12 ? -14.86354 -8.10317  -11.30747 1.000 43.36057  ? 12  ASP A CA   1 
ATOM   200  C  C    . ASP A 1 12 ? -13.56431 -7.49693  -10.75930 1.000 38.47687  ? 12  ASP A C    1 
ATOM   201  O  O    . ASP A 1 12 ? -13.55310 -6.37062  -10.25173 1.000 35.49374  ? 12  ASP A O    1 
ATOM   202  C  CB   . ASP A 1 12 ? -15.29906 -7.42420  -12.60585 1.000 49.38227  ? 12  ASP A CB   1 
ATOM   203  C  CG   . ASP A 1 12 ? -14.21222 -7.37734  -13.63131 1.000 52.39017  ? 12  ASP A CG   1 
ATOM   204  O  OD1  . ASP A 1 12 ? -14.11043 -8.33329  -14.43135 1.000 58.34790  ? 12  ASP A OD1  1 
ATOM   205  O  OD2  . ASP A 1 12 ? -13.48648 -6.36844  -13.65547 1.000 43.53246  ? 12  ASP A OD2  1 
ATOM   206  H  H    . ASP A 1 12 ? -16.59454 -7.46300  -10.64694 1.000 53.59328  ? 12  ASP A H    1 
ATOM   207  H  HA   . ASP A 1 12 ? -14.71063 -9.04371  -11.48892 1.000 52.12974  ? 12  ASP A HA   1 
ATOM   208  H  HB2  . ASP A 1 12 ? -16.04654 -7.91289  -12.98324 1.000 59.35578  ? 12  ASP A HB2  1 
ATOM   209  H  HB3  . ASP A 1 12 ? -15.56421 -6.51364  -12.40732 1.000 59.35578  ? 12  ASP A HB3  1 
ATOM   210  N  N    . GLU A 1 13 ? -12.46394 -8.25758  -10.85836 1.000 34.29832  ? 13  GLU A N    1 
ATOM   211  C  CA   . GLU A 1 13 ? -11.20301 -7.84419  -10.24979 1.000 34.80374  ? 13  GLU A CA   1 
ATOM   212  C  C    . GLU A 1 13 ? -10.72908 -6.49324  -10.77989 1.000 32.33422  ? 13  GLU A C    1 
ATOM   213  O  O    . GLU A 1 13 ? -10.30387 -5.62609  -10.00724 1.000 29.87432  ? 13  GLU A O    1 
ATOM   214  C  CB   . GLU A 1 13 ? -10.12482 -8.89862  -10.49760 1.000 32.79587  ? 13  GLU A CB   1 
ATOM   215  C  CG   . GLU A 1 13 ? -8.77470  -8.49789  -9.89472  1.000 34.19960  ? 13  GLU A CG   1 
ATOM   216  C  CD   . GLU A 1 13 ? -7.70910  -9.60259  -9.89545  1.000 39.11865  ? 13  GLU A CD   1 
ATOM   217  O  OE1  . GLU A 1 13 ? -7.94070  -10.65358 -10.52582 1.000 43.93312  ? 13  GLU A OE1  1 
ATOM   218  O  OE2  . GLU A 1 13 ? -6.62409  -9.39503  -9.29858  1.000 39.51619  ? 13  GLU A OE2  1 
ATOM   219  H  H    . GLU A 1 13 ? -12.42700 -9.01089  -11.27079 1.000 41.25504  ? 13  GLU A H    1 
ATOM   220  H  HA   . GLU A 1 13 ? -11.32803 -7.76280  -9.29119  1.000 41.86155  ? 13  GLU A HA   1 
ATOM   221  H  HB2  . GLU A 1 13 ? -10.40492 -9.74004  -10.11120 1.000 39.45210  ? 13  GLU A HB2  1 
ATOM   222  H  HB3  . GLU A 1 13 ? -10.00277 -9.00098  -11.45469 1.000 39.45210  ? 13  GLU A HB3  1 
ATOM   223  H  HG2  . GLU A 1 13 ? -8.41578  -7.75568  -10.40581 1.000 41.13658  ? 13  GLU A HG2  1 
ATOM   224  H  HG3  . GLU A 1 13 ? -8.91461  -8.22070  -8.97684  1.000 41.13658  ? 13  GLU A HG3  1 
ATOM   225  N  N    . GLU A 1 14 ? -10.78458 -6.29789  -12.09679 1.000 35.01424  ? 14  GLU A N    1 
ATOM   226  C  CA   . GLU A 1 14 ? -10.23749 -5.06432  -12.66454 1.000 34.93655  ? 14  GLU A CA   1 
ATOM   227  C  C    . GLU A 1 14 ? -11.00309 -3.84944  -12.14947 1.000 26.61386  ? 14  GLU A C    1 
ATOM   228  O  O    . GLU A 1 14 ? -10.39022 -2.81975  -11.80317 1.000 26.37335  ? 14  GLU A O    1 
ATOM   229  C  CB   . GLU A 1 14 ? -10.26103 -5.12605  -14.19901 1.000 33.05369  ? 14  GLU A CB   1 
ATOM   230  C  CG   . GLU A 1 14 ? -9.55447  -3.93887  -14.85212 1.000 35.64738  ? 14  GLU A CG   1 
ATOM   231  C  CD   . GLU A 1 14 ? -9.40882  -4.05684  -16.35881 1.000 32.95080  ? 14  GLU A CD   1 
ATOM   232  O  OE1  . GLU A 1 14 ? -8.68194  -3.20850  -16.90133 1.000 32.21030  ? 14  GLU A OE1  1 
ATOM   233  O  OE2  . GLU A 1 14 ? -10.02877 -4.92680  -17.01585 1.000 31.32504  ? 14  GLU A OE2  1 
ATOM   234  H  H    . GLU A 1 14 ? -11.12244 -6.84434  -12.66817 1.000 42.11414  ? 14  GLU A H    1 
ATOM   235  H  HA   . GLU A 1 14 ? -9.31356  -4.97362  -12.38495 1.000 42.02092  ? 14  GLU A HA   1 
ATOM   236  H  HB2  . GLU A 1 14 ? -9.81531  -5.93721  -14.48917 1.000 39.76148  ? 14  GLU A HB2  1 
ATOM   237  H  HB3  . GLU A 1 14 ? -11.18305 -5.12846  -14.50022 1.000 39.76148  ? 14  GLU A HB3  1 
ATOM   238  H  HG2  . GLU A 1 14 ? -10.06180 -3.13343  -14.66694 1.000 42.87391  ? 14  GLU A HG2  1 
ATOM   239  H  HG3  . GLU A 1 14 ? -8.66443  -3.85977  -14.47414 1.000 42.87391  ? 14  GLU A HG3  1 
ATOM   240  N  N    . ARG A 1 15 ? -12.34171 -3.96048  -12.07985 1.000 26.02938  ? 15  ARG A N    1 
ATOM   241  C  CA   . ARG A 1 15 ? -13.18799 -2.86898  -11.60746 1.000 27.29436  ? 15  ARG A CA   1 
ATOM   242  C  C    . ARG A 1 15 ? -12.97799 -2.57161  -10.12785 1.000 30.17130  ? 15  ARG A C    1 
ATOM   243  O  O    . ARG A 1 15 ? -12.96974 -1.40562  -9.72525  1.000 30.01409  ? 15  ARG A O    1 
ATOM   244  C  CB   . ARG A 1 15 ? -14.65631 -3.20237  -11.86425 1.000 33.17769  ? 15  ARG A CB   1 
ATOM   245  C  CG   . ARG A 1 15 ? -15.01788 -3.10842  -13.35101 1.000 48.64693  ? 15  ARG A CG   1 
ATOM   246  C  CD   . ARG A 1 15 ? -16.33939 -3.78032  -13.65980 1.000 54.03738  ? 15  ARG A CD   1 
ATOM   247  N  NE   . ARG A 1 15 ? -17.48139 -3.01142  -13.18232 1.000 60.25474  ? 15  ARG A NE   1 
ATOM   248  C  CZ   . ARG A 1 15 ? -18.74399 -3.42819  -13.26275 1.000 65.68438  ? 15  ARG A CZ   1 
ATOM   249  N  NH1  . ARG A 1 15 ? -19.02178 -4.61555  -13.78713 1.000 62.70180  ? 15  ARG A NH1  1 
ATOM   250  N  NH2  . ARG A 1 15 ? -19.73221 -2.66117  -12.81347 1.000 72.12800  ? 15  ARG A NH2  1 
ATOM   251  H  H    . ARG A 1 15 ? -12.77885 -4.66629  -12.30460 1.000 31.33232  ? 15  ARG A H    1 
ATOM   252  H  HA   . ARG A 1 15 ? -12.97242 -2.06560  -12.10677 1.000 32.85029  ? 15  ARG A HA   1 
ATOM   253  H  HB2  . ARG A 1 15 ? -14.83349 -4.10845  -11.56622 1.000 39.91029  ? 15  ARG A HB2  1 
ATOM   254  H  HB3  . ARG A 1 15 ? -15.21499 -2.57598  -11.37737 1.000 39.91029  ? 15  ARG A HB3  1 
ATOM   255  H  HG2  . ARG A 1 15 ? -15.08762 -2.17453  -13.60302 1.000 58.47337  ? 15  ARG A HG2  1 
ATOM   256  H  HG3  . ARG A 1 15 ? -14.32786 -3.54447  -13.87432 1.000 58.47337  ? 15  ARG A HG3  1 
ATOM   257  H  HD2  . ARG A 1 15 ? -16.42622 -3.88115  -14.62037 1.000 64.94191  ? 15  ARG A HD2  1 
ATOM   258  H  HD3  . ARG A 1 15 ? -16.36329 -4.64848  -13.23129 1.000 64.94191  ? 15  ARG A HD3  1 
ATOM   259  H  HE   . ARG A 1 15 ? -17.32506 -2.28141  -12.75407 1.000 72.40274  ? 15  ARG A HE   1 
ATOM   260  H  HH11 . ARG A 1 15 ? -18.39167 -5.12260  -14.07724 1.000 75.33921  ? 15  ARG A HH11 1 
ATOM   261  H  HH12 . ARG A 1 15 ? -19.83414 -4.88012  -13.81952 1.000 75.33921  ? 15  ARG A HH12 1 
ATOM   262  H  HH21 . ARG A 1 15 ? -19.55825 -1.89159  -12.47181 1.000 86.65066  ? 15  ARG A HH21 1 
ATOM   263  H  HH22 . ARG A 1 15 ? -20.54495 -2.93692  -12.85901 1.000 86.65066  ? 15  ARG A HH22 1 
ATOM   264  N  N    . VAL A 1 16 ? -12.85133 -3.60862  -9.29397  1.000 31.68384  ? 16  VAL A N    1 
ATOM   265  C  CA   . VAL A 1 16 ? -12.59645 -3.40039  -7.87302  1.000 30.09547  ? 16  VAL A CA   1 
ATOM   266  C  C    . VAL A 1 16 ? -11.23627 -2.75398  -7.65982  1.000 25.18942  ? 16  VAL A C    1 
ATOM   267  O  O    . VAL A 1 16 ? -11.07100 -1.87543  -6.80355  1.000 23.58227  ? 16  VAL A O    1 
ATOM   268  C  CB   . VAL A 1 16 ? -12.69578 -4.74279  -7.12013  1.000 29.94743  ? 16  VAL A CB   1 
ATOM   269  C  CG1  . VAL A 1 16 ? -12.27091 -4.56270  -5.66504  1.000 36.55909  ? 16  VAL A CG1  1 
ATOM   270  C  CG2  . VAL A 1 16 ? -14.07572 -5.30357  -7.21202  1.000 36.87957  ? 16  VAL A CG2  1 
ATOM   271  H  H    . VAL A 1 16 ? -12.90878 -4.43422  -9.52748  1.000 38.11766  ? 16  VAL A H    1 
ATOM   272  H  HA   . VAL A 1 16 ? -13.27146 -2.80399  -7.51402  1.000 36.21162  ? 16  VAL A HA   1 
ATOM   273  H  HB   . VAL A 1 16 ? -12.08868 -5.37836  -7.53112  1.000 36.03397  ? 16  VAL A HB   1 
ATOM   274  H  HG11 . VAL A 1 16 ? -12.62913 -5.29530  -5.14146  1.000 43.96796  ? 16  VAL A HG11 1 
ATOM   275  H  HG12 . VAL A 1 16 ? -11.30262 -4.56215  -5.61402  1.000 43.96796  ? 16  VAL A HG12 1 
ATOM   276  H  HG13 . VAL A 1 16 ? -12.62287 -3.72074  -5.33568  1.000 43.96796  ? 16  VAL A HG13 1 
ATOM   277  H  HG21 . VAL A 1 16 ? -14.09860 -6.15739  -6.75305  1.000 44.35254  ? 16  VAL A HG21 1 
ATOM   278  H  HG22 . VAL A 1 16 ? -14.69540 -4.68547  -6.79287  1.000 44.35254  ? 16  VAL A HG22 1 
ATOM   279  H  HG23 . VAL A 1 16 ? -14.30896 -5.42344  -8.14542  1.000 44.35254  ? 16  VAL A HG23 1 
ATOM   280  N  N    . ARG A 1 17 ? -10.22870 -3.22102  -8.39924  1.000 24.98519  ? 17  ARG A N    1 
ATOM   281  C  CA   . ARG A 1 17 ? -8.90669  -2.64912  -8.30209  1.000 22.38865  ? 17  ARG A CA   1 
ATOM   282  C  C    . ARG A 1 17 ? -8.92622  -1.19039  -8.72453  1.000 24.74873  ? 17  ARG A C    1 
ATOM   283  O  O    . ARG A 1 17 ? -8.31891  -0.35045  -8.06289  1.000 25.30244  ? 17  ARG A O    1 
ATOM   284  C  CB   . ARG A 1 17 ? -7.89799  -3.43175  -9.14118  1.000 28.93377  ? 17  ARG A CB   1 
ATOM   285  C  CG   . ARG A 1 17 ? -7.54725  -4.81246  -8.55959  1.000 30.96474  ? 17  ARG A CG   1 
ATOM   286  C  CD   . ARG A 1 17 ? -6.60499  -5.62170  -9.47259  1.000 36.19978  ? 17  ARG A CD   1 
ATOM   287  N  NE   . ARG A 1 17 ? -5.37493  -4.86634  -9.63736  1.000 43.06501  ? 17  ARG A NE   1 
ATOM   288  C  CZ   . ARG A 1 17 ? -4.36675  -4.89021  -8.76207  1.000 47.87203  ? 17  ARG A CZ   1 
ATOM   289  N  NH1  . ARG A 1 17 ? -3.30856  -4.12636  -8.98674  1.000 46.77425  ? 17  ARG A NH1  1 
ATOM   290  N  NH2  . ARG A 1 17 ? -4.41435  -5.67606  -7.66848  1.000 31.22012  ? 17  ARG A NH2  1 
ATOM   291  H  H    . ARG A 1 17 ? -10.29402 -3.86860  -8.96192  1.000 30.07928  ? 17  ARG A H    1 
ATOM   292  H  HA   . ARG A 1 17 ? -8.61687  -2.68635  -7.37723  1.000 26.96344  ? 17  ARG A HA   1 
ATOM   293  H  HB2  . ARG A 1 17 ? -8.26720  -3.56825  -10.02803 1.000 34.81758  ? 17  ARG A HB2  1 
ATOM   294  H  HB3  . ARG A 1 17 ? -7.07829  -2.91725  -9.20280  1.000 34.81758  ? 17  ARG A HB3  1 
ATOM   295  H  HG2  . ARG A 1 17 ? -7.10158  -4.68610  -7.70945  1.000 37.25475  ? 17  ARG A HG2  1 
ATOM   296  H  HG3  . ARG A 1 17 ? -8.36276  -5.32276  -8.43685  1.000 37.25475  ? 17  ARG A HG3  1 
ATOM   297  H  HD2  . ARG A 1 17 ? -6.40376  -6.47941  -9.06748  1.000 43.53679  ? 17  ARG A HD2  1 
ATOM   298  H  HD3  . ARG A 1 17 ? -7.01595  -5.74064  -10.34306 1.000 43.53679  ? 17  ARG A HD3  1 
ATOM   299  H  HE   . ARG A 1 17 ? -5.33455  -4.29894  -10.28267 1.000 51.77506  ? 17  ARG A HE   1 
ATOM   300  H  HH11 . ARG A 1 17 ? -3.27603  -3.63399  -9.69153  1.000 56.22616  ? 17  ARG A HH11 1 
ATOM   301  H  HH12 . ARG A 1 17 ? -2.64181  -4.14538  -8.44349  1.000 56.22616  ? 17  ARG A HH12 1 
ATOM   302  H  HH21 . ARG A 1 17 ? -5.10528  -6.16333  -7.51367  1.000 37.56120  ? 17  ARG A HH21 1 
ATOM   303  H  HH22 . ARG A 1 17 ? -3.75347  -5.68377  -7.11864  1.000 37.56120  ? 17  ARG A HH22 1 
ATOM   304  N  N    . ARG A 1 18 ? -9.61341  -0.87802  -9.80790  1.000 24.00662  ? 18  ARG A N    1 
ATOM   305  C  CA   . ARG A 1 18 ? -9.74475  0.50840   -10.24763 1.000 25.51898  ? 18  ARG A CA   1 
ATOM   306  C  C    . ARG A 1 18 ? -10.44944 1.37874   -9.19896  1.000 24.88557  ? 18  ARG A C    1 
ATOM   307  O  O    . ARG A 1 18 ? -10.07850 2.54670   -9.00772  1.000 25.57080  ? 18  ARG A O    1 
ATOM   308  C  CB   . ARG A 1 18 ? -10.47917 0.53000   -11.58877 1.000 25.37234  ? 18  ARG A CB   1 
ATOM   309  C  CG   . ARG A 1 18 ? -10.39811 1.85236   -12.28719 1.000 25.30266  ? 18  ARG A CG   1 
ATOM   310  C  CD   . ARG A 1 18 ? -10.80107 1.68021   -13.65662 1.000 30.94791  ? 18  ARG A CD   1 
ATOM   311  N  NE   . ARG A 1 18 ? -12.21307 1.43663   -13.77286 1.000 34.83469  ? 18  ARG A NE   1 
ATOM   312  C  CZ   . ARG A 1 18 ? -12.77906 0.46154   -14.48685 1.000 34.43300  ? 18  ARG A CZ   1 
ATOM   313  N  NH1  . ARG A 1 18 ? -12.06350 -0.41236  -15.17418 1.000 32.35771  ? 18  ARG A NH1  1 
ATOM   314  N  NH2  . ARG A 1 18 ? -14.09604 0.42217   -14.57924 1.000 31.80252  ? 18  ARG A NH2  1 
ATOM   315  H  H    . ARG A 1 18 ? -10.01604 -1.44788  -10.31103 1.000 28.90500  ? 18  ARG A H    1 
ATOM   316  H  HA   . ARG A 1 18 ? -8.85849  0.87650   -10.38926 1.000 30.71983  ? 18  ARG A HA   1 
ATOM   317  H  HB2  . ARG A 1 18 ? -10.08804 -0.14357  -12.16642 1.000 30.54386  ? 18  ARG A HB2  1 
ATOM   318  H  HB3  . ARG A 1 18 ? -11.41621 0.33021   -11.43657 1.000 30.54386  ? 18  ARG A HB3  1 
ATOM   319  H  HG2  . ARG A 1 18 ? -10.99785 2.48503   -11.86237 1.000 30.46024  ? 18  ARG A HG2  1 
ATOM   320  H  HG3  . ARG A 1 18 ? -9.48455  2.17847   -12.26912 1.000 30.46024  ? 18  ARG A HG3  1 
ATOM   321  H  HD2  . ARG A 1 18 ? -10.59992 2.49482   -14.14271 1.000 37.23455  ? 18  ARG A HD2  1 
ATOM   322  H  HD3  . ARG A 1 18 ? -10.31165 0.93821   -14.04087 1.000 37.23455  ? 18  ARG A HD3  1 
ATOM   323  H  HE   . ARG A 1 18 ? -12.73871 1.96560   -13.34448 1.000 41.89868  ? 18  ARG A HE   1 
ATOM   324  H  HH11 . ARG A 1 18 ? -11.20578 -0.38687  -15.15483 1.000 38.92631  ? 18  ARG A HH11 1 
ATOM   325  H  HH12 . ARG A 1 18 ? -12.46078 -1.02755  -15.62514 1.000 38.92631  ? 18  ARG A HH12 1 
ATOM   326  H  HH21 . ARG A 1 18 ? -14.57419 0.98025   -14.13256 1.000 38.26008  ? 18  ARG A HH21 1 
ATOM   327  H  HH22 . ARG A 1 18 ? -14.47615 -0.21420  -15.01647 1.000 38.26008  ? 18  ARG A HH22 1 
ATOM   328  N  N    . GLU A 1 19 ? -11.49731 0.86313   -8.54654  1.000 26.03136  ? 19  GLU A N    1 
ATOM   329  C  CA   . GLU A 1 19 ? -12.17660 1.64884   -7.51584  1.000 28.52569  ? 19  GLU A CA   1 
ATOM   330  C  C    . GLU A 1 19 ? -11.20255 2.02354   -6.40604  1.000 27.30189  ? 19  GLU A C    1 
ATOM   331  O  O    . GLU A 1 19 ? -11.19156 3.16387   -5.92014  1.000 27.94526  ? 19  GLU A O    1 
ATOM   332  C  CB   . GLU A 1 19 ? -13.35284 0.87350   -6.91302  1.000 28.83281  ? 19  GLU A CB   1 
ATOM   333  C  CG   . GLU A 1 19 ? -14.02666 1.57229   -5.73275  1.000 36.44628  ? 19  GLU A CG   1 
ATOM   334  C  CD   . GLU A 1 19 ? -15.17299 0.75452   -5.12299  1.000 49.54168  ? 19  GLU A CD   1 
ATOM   335  O  OE1  . GLU A 1 19 ? -16.13670 1.38617   -4.64954  1.000 58.79486  ? 19  GLU A OE1  1 
ATOM   336  O  OE2  . GLU A 1 19 ? -15.12379 -0.49602  -5.11579  1.000 47.41802  ? 19  GLU A OE2  1 
ATOM   337  H  H    . GLU A 1 19 ? -11.82627 0.07995   -8.67881  1.000 31.33468  ? 19  GLU A H    1 
ATOM   338  H  HA   . GLU A 1 19 ? -12.52000 2.46627   -7.90955  1.000 34.32788  ? 19  GLU A HA   1 
ATOM   339  H  HB2  . GLU A 1 19 ? -14.02442 0.74308   -7.60041  1.000 34.69642  ? 19  GLU A HB2  1 
ATOM   340  H  HB3  . GLU A 1 19 ? -13.03138 0.01297   -6.60151  1.000 34.69642  ? 19  GLU A HB3  1 
ATOM   341  H  HG2  . GLU A 1 19 ? -13.37507 1.72315   -5.03106  1.000 43.83260  ? 19  GLU A HG2  1 
ATOM   342  H  HG3  . GLU A 1 19 ? -14.39048 2.41900   -6.03387  1.000 43.83260  ? 19  GLU A HG3  1 
ATOM   343  N  N    . CYS A 1 20 ? -10.36720 1.07067   -6.01099  1.000 27.74608  ? 20  CYS A N    1 
ATOM   344  C  CA   . CYS A 1 20 ? -9.39795  1.28266   -4.93341  1.000 27.69165  ? 20  CYS A CA   1 
ATOM   345  C  C    . CYS A 1 20 ? -8.34768  2.32326   -5.31532  1.000 26.02091  ? 20  CYS A C    1 
ATOM   346  O  O    . CYS A 1 20 ? -8.07416  3.27068   -4.54896  1.000 25.15577  ? 20  CYS A O    1 
ATOM   347  C  CB   . CYS A 1 20 ? -8.73599  -0.06145  -4.61598  1.000 28.33323  ? 20  CYS A CB   1 
ATOM   348  S  SG   . CYS A 1 20 ? -7.74200  -0.01426  -3.09743  1.000 26.66334  ? 20  CYS A SG   1 
ATOM   349  H  H    . CYS A 1 20 ? -10.33856 0.28179   -6.35252  1.000 33.39235  ? 20  CYS A H    1 
ATOM   350  H  HA   . CYS A 1 20 ? -9.86111  1.59249   -4.13963  1.000 33.32704  ? 20  CYS A HA   1 
ATOM   351  H  HB2  . CYS A 1 20 ? -9.42984  -0.72813  -4.49977  1.000 34.09693  ? 20  CYS A HB2  1 
ATOM   352  H  HB3  . CYS A 1 20 ? -8.15346  -0.31009  -5.35104  1.000 34.09693  ? 20  CYS A HB3  1 
ATOM   353  N  N    . LYS A 1 21 ? -7.72789  2.15330   -6.48719  1.000 24.21184  ? 21  LYS A N    1 
ATOM   354  C  CA   . LYS A 1 21 ? -6.73366  3.10964   -6.95070  1.000 24.25656  ? 21  LYS A CA   1 
ATOM   355  C  C    . LYS A 1 21 ? -7.30288  4.51496   -6.97557  1.000 24.12186  ? 21  LYS A C    1 
ATOM   356  O  O    . LYS A 1 21 ? -6.64773  5.48431   -6.56211  1.000 26.35987  ? 21  LYS A O    1 
ATOM   357  C  CB   . LYS A 1 21 ? -6.25943  2.78257   -8.35789  1.000 29.82133  ? 21  LYS A CB   1 
ATOM   358  C  CG   . LYS A 1 21 ? -5.90032  1.39935   -8.63405  1.000 35.37119  ? 21  LYS A CG   1 
ATOM   359  C  CD   . LYS A 1 21 ? -5.39485  1.31511   -10.04918 1.000 28.45793  ? 21  LYS A CD   1 
ATOM   360  C  CE   . LYS A 1 21 ? -5.05041  -0.10241  -10.35598 1.000 30.36292  ? 21  LYS A CE   1 
ATOM   361  N  NZ   . LYS A 1 21 ? -4.48959  -0.18108  -11.67512 1.000 29.88318  ? 21  LYS A NZ   1 
ATOM   362  H  H    . LYS A 1 21 ? -7.87107  1.49737   -7.02303  1.000 29.15127  ? 21  LYS A H    1 
ATOM   363  H  HA   . LYS A 1 21 ? -5.96788  3.09697   -6.35575  1.000 29.20493  ? 21  LYS A HA   1 
ATOM   364  H  HB2  . LYS A 1 21 ? -6.96641  3.02270   -8.97733  1.000 35.88265  ? 21  LYS A HB2  1 
ATOM   365  H  HB3  . LYS A 1 21 ? -5.47641  3.32319   -8.54415  1.000 35.88265  ? 21  LYS A HB3  1 
ATOM   366  H  HG2  . LYS A 1 21 ? -5.20847  1.10209   -8.02879  1.000 42.54249  ? 21  LYS A HG2  1 
ATOM   367  H  HG3  . LYS A 1 21 ? -6.67667  0.84225   -8.56595  1.000 42.54249  ? 21  LYS A HG3  1 
ATOM   368  H  HD2  . LYS A 1 21 ? -6.08616  1.60757   -10.66254 1.000 34.24658  ? 21  LYS A HD2  1 
ATOM   369  H  HD3  . LYS A 1 21 ? -4.59708  1.85816   -10.14625 1.000 34.24658  ? 21  LYS A HD3  1 
ATOM   370  H  HE2  . LYS A 1 21 ? -4.39326  -0.42418  -9.71990  1.000 36.53256  ? 21  LYS A HE2  1 
ATOM   371  H  HE3  . LYS A 1 21 ? -5.85220  -0.64761  -10.32642 1.000 36.53256  ? 21  LYS A HE3  1 
ATOM   372  H  HZ1  . LYS A 1 21 ? -4.26761  -1.02260  -11.86085 1.000 35.95687  ? 21  LYS A HZ1  1 
ATOM   373  H  HZ2  . LYS A 1 21 ? -5.08354  0.10046   -12.27429 1.000 35.95687  ? 21  LYS A HZ2  1 
ATOM   374  H  HZ3  . LYS A 1 21 ? -3.76175  0.32909   -11.72670 1.000 35.95687  ? 21  LYS A HZ3  1 
ATOM   375  N  N    . GLU A 1 22 ? -8.51140  4.65171   -7.51341  1.000 27.68642  ? 22  GLU A N    1 
ATOM   376  C  CA   . GLU A 1 22 ? -9.11151  5.98476   -7.62381  1.000 25.60272  ? 22  GLU A CA   1 
ATOM   377  C  C    . GLU A 1 22 ? -9.53625  6.53366   -6.27370  1.000 27.72557  ? 22  GLU A C    1 
ATOM   378  O  O    . GLU A 1 22 ? -9.51878  7.74859   -6.06750  1.000 27.02896  ? 22  GLU A O    1 
ATOM   379  C  CB   . GLU A 1 22 ? -10.28685 5.90827   -8.58734  1.000 27.37409  ? 22  GLU A CB   1 
ATOM   380  C  CG   . GLU A 1 22 ? -9.83088  5.55980   -9.98591  1.000 27.98002  ? 22  GLU A CG   1 
ATOM   381  C  CD   . GLU A 1 22 ? -9.01827  6.68662   -10.60098 1.000 28.22919  ? 22  GLU A CD   1 
ATOM   382  O  OE1  . GLU A 1 22 ? -7.97316  6.37317   -11.23426 1.000 25.25162  ? 22  GLU A OE1  1 
ATOM   383  O  OE2  . GLU A 1 22 ? -9.45293  7.88799   -10.44653 1.000 29.45989  ? 22  GLU A OE2  1 
ATOM   384  H  H    . GLU A 1 22 ? -8.99641  4.00909   -7.81505  1.000 33.32076  ? 22  GLU A H    1 
ATOM   385  H  HA   . GLU A 1 22 ? -8.45504  6.59397   -7.99511  1.000 30.82032  ? 22  GLU A HA   1 
ATOM   386  H  HB2  . GLU A 1 22 ? -10.90158 5.22107   -8.28781  1.000 32.94596  ? 22  GLU A HB2  1 
ATOM   387  H  HB3  . GLU A 1 22 ? -10.73288 6.76857   -8.61717  1.000 32.94596  ? 22  GLU A HB3  1 
ATOM   388  H  HG2  . GLU A 1 22 ? -9.27715  4.76430   -9.95807  1.000 33.67308  ? 22  GLU A HG2  1 
ATOM   389  H  HG3  . GLU A 1 22 ? -10.60859 5.40689   -10.54373 1.000 33.67308  ? 22  GLU A HG3  1 
ATOM   390  N  N    . ARG A 1 23 ? -9.80796  5.63366   -5.33304  1.000 29.05987  ? 23  ARG A N    1 
ATOM   391  C  CA   . ARG A 1 23 ? -10.15460 6.02590   -3.97399  1.000 32.18477  ? 23  ARG A CA   1 
ATOM   392  C  C    . ARG A 1 23 ? -8.90376  6.64143   -3.34524  1.000 31.66934  ? 23  ARG A C    1 
ATOM   393  O  O    . ARG A 1 23 ? -8.95004  7.75013   -2.81200  1.000 32.79937  ? 23  ARG A O    1 
ATOM   394  C  CB   . ARG A 1 23 ? -10.62103 4.81733   -3.16303  1.000 34.03278  ? 23  ARG A CB   1 
ATOM   395  C  CG   . ARG A 1 23 ? -10.83712 5.10887   -1.68689  1.000 43.55498  ? 23  ARG A CG   1 
ATOM   396  C  CD   . ARG A 1 23 ? -11.45179 3.91746   -0.96937  1.000 51.19359  ? 23  ARG A CD   1 
ATOM   397  N  NE   . ARG A 1 23 ? -12.86665 3.75220   -1.29297  1.000 54.05222  ? 23  ARG A NE   1 
ATOM   398  C  CZ   . ARG A 1 23 ? -13.38160 2.66417   -1.85604  1.000 64.44160  ? 23  ARG A CZ   1 
ATOM   399  N  NH1  . ARG A 1 23 ? -12.59794 1.63909   -2.16246  1.000 56.46134  ? 23  ARG A NH1  1 
ATOM   400  N  NH2  . ARG A 1 23 ? -14.68064 2.60166   -2.11397  1.000 76.11449  ? 23  ARG A NH2  1 
ATOM   401  H  H    . ARG A 1 23 ? -9.79901  4.78282   -5.45820  1.000 34.96890  ? 23  ARG A H    1 
ATOM   402  H  HA   . ARG A 1 23 ? -10.86111 6.68981   -3.98898  1.000 38.71878  ? 23  ARG A HA   1 
ATOM   403  H  HB2  . ARG A 1 23 ? -11.46238 4.50248   -3.52815  1.000 40.93639  ? 23  ARG A HB2  1 
ATOM   404  H  HB3  . ARG A 1 23 ? -9.95244  4.11810   -3.23102  1.000 40.93639  ? 23  ARG A HB3  1 
ATOM   405  H  HG2  . ARG A 1 23 ? -9.98490  5.30445   -1.26808  1.000 52.36303  ? 23  ARG A HG2  1 
ATOM   406  H  HG3  . ARG A 1 23 ? -11.43910 5.86435   -1.59343  1.000 52.36303  ? 23  ARG A HG3  1 
ATOM   407  H  HD2  . ARG A 1 23 ? -10.95233 3.12450   -1.20557  1.000 61.52936  ? 23  ARG A HD2  1 
ATOM   408  H  HD3  . ARG A 1 23 ? -11.38801 4.06833   -0.01374  1.000 61.52936  ? 23  ARG A HD3  1 
ATOM   409  H  HE   . ARG A 1 23 ? -13.40040 4.40054   -1.10764  1.000 64.95972  ? 23  ARG A HE   1 
ATOM   410  H  HH11 . ARG A 1 23 ? -11.75585 1.65874   -2.00479  1.000 67.85067  ? 23  ARG A HH11 1 
ATOM   411  H  HH12 . ARG A 1 23 ? -12.94223 0.94014   -2.52732  1.000 67.85067  ? 23  ARG A HH12 1 
ATOM   412  H  HH21 . ARG A 1 23 ? -15.19037 3.26547   -1.91693  1.000 91.43445  ? 23  ARG A HH21 1 
ATOM   413  H  HH22 . ARG A 1 23 ? -15.01326 1.89700   -2.47909  1.000 91.43445  ? 23  ARG A HH22 1 
ATOM   414  N  N    . GLY A 1 24 ? -7.78777  5.91591   -3.41211  1.000 25.76983  ? 24  GLY A N    1 
ATOM   415  C  CA   . GLY A 1 24 ? -6.51899  6.41672   -2.88915  1.000 24.81795  ? 24  GLY A CA   1 
ATOM   416  C  C    . GLY A 1 24 ? -6.13579  7.73343   -3.51929  1.000 30.02888  ? 24  GLY A C    1 
ATOM   417  O  O    . GLY A 1 24 ? -5.71302  8.67681   -2.82892  1.000 28.53786  ? 24  GLY A O    1 
ATOM   418  H  H    . GLY A 1 24 ? -7.74008  5.12967   -3.75651  1.000 31.02086  ? 24  GLY A H    1 
ATOM   419  H  HA2  . GLY A 1 24 ? -6.58907  6.54184   -1.92993  1.000 29.87860  ? 24  GLY A HA2  1 
ATOM   420  H  HA3  . GLY A 1 24 ? -5.81631  5.77217   -3.06725  1.000 29.87860  ? 24  GLY A HA3  1 
ATOM   421  N  N    . GLU A 1 25 ? -6.33489  7.83458   -4.83365  1.000 29.29657  ? 25  GLU A N    1 
ATOM   422  C  CA   . GLU A 1 25 ? -5.97136  9.03785   -5.56253  1.000 28.42543  ? 25  GLU A CA   1 
ATOM   423  C  C    . GLU A 1 25 ? -6.79182  10.23117  -5.10926  1.000 28.16247  ? 25  GLU A C    1 
ATOM   424  O  O    . GLU A 1 25 ? -6.24362  11.32528  -4.89738  1.000 30.51713  ? 25  GLU A O    1 
ATOM   425  C  CB   . GLU A 1 25 ? -6.16492  8.76722   -7.05378  1.000 26.57159  ? 25  GLU A CB   1 
ATOM   426  C  CG   . GLU A 1 25 ? -5.90706  9.93874   -7.92396  1.000 30.28149  ? 25  GLU A CG   1 
ATOM   427  C  CD   . GLU A 1 25 ? -5.98566  9.59512   -9.38363  1.000 26.88002  ? 25  GLU A CD   1 
ATOM   428  O  OE1  . GLU A 1 25 ? -6.61623  8.58163   -9.68890  1.000 29.18144  ? 25  GLU A OE1  1 
ATOM   429  O  OE2  . GLU A 1 25 ? -5.44252  10.33030  -10.22235 1.000 30.17824  ? 25  GLU A OE2  1 
ATOM   430  H  H    . GLU A 1 25 ? -6.67974  7.21744   -5.32248  1.000 35.25294  ? 25  GLU A H    1 
ATOM   431  H  HA   . GLU A 1 25 ? -5.03393  9.23575   -5.40731  1.000 34.20757  ? 25  GLU A HA   1 
ATOM   432  H  HB2  . GLU A 1 25 ? -5.55740  8.06028   -7.32305  1.000 31.98296  ? 25  GLU A HB2  1 
ATOM   433  H  HB3  . GLU A 1 25 ? -7.08141  8.48598   -7.20161  1.000 31.98296  ? 25  GLU A HB3  1 
ATOM   434  H  HG2  . GLU A 1 25 ? -6.57083  10.62279  -7.74467  1.000 36.43484  ? 25  GLU A HG2  1 
ATOM   435  H  HG3  . GLU A 1 25 ? -5.01878  10.28022  -7.74068  1.000 36.43484  ? 25  GLU A HG3  1 
ATOM   436  N  N    . ARG A 1 26 ? -8.10217  10.03499  -4.97501  1.000 28.04054  ? 26  ARG A N    1 
ATOM   437  C  CA   . ARG A 1 26 ? -9.00842  11.10308  -4.55637  1.000 32.87037  ? 26  ARG A CA   1 
ATOM   438  C  C    . ARG A 1 26 ? -8.65370  11.61715  -3.16546  1.000 38.87871  ? 26  ARG A C    1 
ATOM   439  O  O    . ARG A 1 26 ? -8.71825  12.81752  -2.89805  1.000 40.26447  ? 26  ARG A O    1 
ATOM   440  C  CB   . ARG A 1 26 ? -10.45506 10.60502  -4.57220  1.000 38.60803  ? 26  ARG A CB   1 
ATOM   441  C  CG   . ARG A 1 26 ? -11.44829 11.57528  -3.95381  1.000 58.31998  ? 26  ARG A CG   1 
ATOM   442  C  CD   . ARG A 1 26 ? -12.87405 11.05977  -4.05984  1.000 74.20374  ? 26  ARG A CD   1 
ATOM   443  N  NE   . ARG A 1 26 ? -13.05319 9.78572   -3.36944  1.000 78.56674  ? 26  ARG A NE   1 
ATOM   444  C  CZ   . ARG A 1 26 ? -13.44352 9.67045   -2.10434  1.000 80.18958  ? 26  ARG A CZ   1 
ATOM   445  N  NH1  . ARG A 1 26 ? -13.69619 10.75567  -1.38538  1.000 75.11120  ? 26  ARG A NH1  1 
ATOM   446  N  NH2  . ARG A 1 26 ? -13.58111 8.47109   -1.55626  1.000 62.80449  ? 26  ARG A NH2  1 
ATOM   447  H  H    . ARG A 1 26 ? -8.49410  9.28415   -5.12197  1.000 33.74570  ? 26  ARG A H    1 
ATOM   448  H  HA   . ARG A 1 26 ? -8.93672  11.85098  -5.18512  1.000 39.54150  ? 26  ARG A HA   1 
ATOM   449  H  HB2  . ARG A 1 26 ? -10.72258 10.45390  -5.49212  1.000 46.42669  ? 26  ARG A HB2  1 
ATOM   450  H  HB3  . ARG A 1 26 ? -10.50463 9.77283   -4.07603  1.000 46.42669  ? 26  ARG A HB3  1 
ATOM   451  H  HG2  . ARG A 1 26 ? -11.23664 11.69453  -3.01446  1.000 70.08103  ? 26  ARG A HG2  1 
ATOM   452  H  HG3  . ARG A 1 26 ? -11.39614 12.42450  -4.42065  1.000 70.08103  ? 26  ARG A HG3  1 
ATOM   453  H  HD2  . ARG A 1 26 ? -13.47570 11.70763  -3.65886  1.000 89.14154  ? 26  ARG A HD2  1 
ATOM   454  H  HD3  . ARG A 1 26 ? -13.09855 10.93108  -4.99520  1.000 89.14154  ? 26  ARG A HD3  1 
ATOM   455  H  HE   . ARG A 1 26 ? -12.89874 8.97073   -3.87312  1.000 94.37714  ? 26  ARG A HE   1 
ATOM   456  H  HH11 . ARG A 1 26 ? -13.60794 11.53571  -1.73765  1.000 90.23050  ? 26  ARG A HH11 1 
ATOM   457  H  HH12 . ARG A 1 26 ? -13.94861 10.68029  -0.56615  1.000 90.23050  ? 26  ARG A HH12 1 
ATOM   458  H  HH21 . ARG A 1 26 ? -13.41834 7.76572   -2.02068  1.000 75.46244  ? 26  ARG A HH21 1 
ATOM   459  H  HH22 . ARG A 1 26 ? -13.83292 8.39785   -0.73727  1.000 75.46244  ? 26  ARG A HH22 1 
ATOM   460  N  N    . GLN A 1 27 ? -8.28101  10.69569  -2.28613  1.000 38.12927  ? 27  GLN A N    1 
ATOM   461  C  CA   . GLN A 1 27 ? -7.89423  11.02482  -0.92275  1.000 40.47293  ? 27  GLN A CA   1 
ATOM   462  C  C    . GLN A 1 27 ? -6.44671  11.50905  -0.79781  1.000 36.33814  ? 27  GLN A C    1 
ATOM   463  O  O    . GLN A 1 27 ? -6.05753  11.96482  0.28881   1.000 35.70350  ? 27  GLN A O    1 
ATOM   464  C  CB   . GLN A 1 27 ? -8.14585  9.78896   -0.03857  1.000 40.07628  ? 27  GLN A CB   1 
ATOM   465  C  CG   . GLN A 1 27 ? -9.58420  9.32455   -0.00393  1.000 46.39037  ? 27  GLN A CG   1 
ATOM   466  C  CD   . GLN A 1 27 ? -9.82516  8.20778   0.98540   1.000 50.82437  ? 27  GLN A CD   1 
ATOM   467  O  OE1  . GLN A 1 27 ? -8.94005  7.84548   1.76097   1.000 52.68078  ? 27  GLN A OE1  1 
ATOM   468  N  NE2  . GLN A 1 27 ? -11.03669 7.67628   0.98955   1.000 55.01889  ? 27  GLN A NE2  1 
ATOM   469  H  H    . GLN A 1 27 ? -8.21083  9.85763   -2.46644  1.000 45.85218  ? 27  GLN A H    1 
ATOM   470  H  HA   . GLN A 1 27 ? -8.46874  11.73708  -0.60046  1.000 48.66457  ? 27  GLN A HA   1 
ATOM   471  H  HB2  . GLN A 1 27 ? -7.60755  9.05452   -0.37178  1.000 48.18859  ? 27  GLN A HB2  1 
ATOM   472  H  HB3  . GLN A 1 27 ? -7.88313  9.99978   0.87154   1.000 48.18859  ? 27  GLN A HB3  1 
ATOM   473  H  HG2  . GLN A 1 27 ? -10.15001 10.07168  0.24631   1.000 55.76550  ? 27  GLN A HG2  1 
ATOM   474  H  HG3  . GLN A 1 27 ? -9.83359  9.00232   -0.88423  1.000 55.76550  ? 27  GLN A HG3  1 
ATOM   475  H  HE21 . GLN A 1 27 ? -11.63161 7.95862   0.43711   1.000 66.11972  ? 27  GLN A HE21 1 
ATOM   476  H  HE22 . GLN A 1 27 ? -11.22481 7.03921   1.53616   1.000 66.11972  ? 27  GLN A HE22 1 
ATOM   477  N  N    . ASN A 1 28 ? -5.66314  11.48306  -1.88088  1.000 28.60320  ? 28  ASN A N    1 
ATOM   478  C  CA   . ASN A 1 28 ? -4.23626  11.84032  -1.87782  1.000 31.54818  ? 28  ASN A CA   1 
ATOM   479  C  C    . ASN A 1 28 ? -3.46814  10.96701  -0.89147  1.000 36.13000  ? 28  ASN A C    1 
ATOM   480  O  O    . ASN A 1 28 ? -2.54450  11.41179  -0.21909  1.000 34.07057  ? 28  ASN A O    1 
ATOM   481  C  CB   . ASN A 1 28 ? -4.03110  13.32328  -1.59205  1.000 38.03813  ? 28  ASN A CB   1 
ATOM   482  C  CG   . ASN A 1 28 ? -4.40076  14.17432  -2.78074  1.000 44.09563  ? 28  ASN A CG   1 
ATOM   483  O  OD1  . ASN A 1 28 ? -3.95059  13.92352  -3.89716  1.000 43.75752  ? 28  ASN A OD1  1 
ATOM   484  N  ND2  . ASN A 1 28 ? -5.26673  15.15840  -2.56298  1.000 54.42464  ? 28  ASN A ND2  1 
ATOM   485  H  H    . ASN A 1 28 ? -5.94561  11.25321  -2.65982  1.000 34.42090  ? 28  ASN A H    1 
ATOM   486  H  HA   . ASN A 1 28 ? -3.87610  11.66378  -2.76120  1.000 37.95487  ? 28  ASN A HA   1 
ATOM   487  H  HB2  . ASN A 1 28 ? -4.58919  13.58694  -0.84400  1.000 45.74282  ? 28  ASN A HB2  1 
ATOM   488  H  HB3  . ASN A 1 28 ? -3.09668  13.48370  -1.38630  1.000 45.74282  ? 28  ASN A HB3  1 
ATOM   489  H  HD21 . ASN A 1 28 ? -5.56749  15.29942  -1.76968  1.000 65.40662  ? 28  ASN A HD21 1 
ATOM   490  H  HD22 . ASN A 1 28 ? -5.51116  15.66730  -3.21131  1.000 65.40662  ? 28  ASN A HD22 1 
ATOM   491  N  N    . CYS A 1 29 ? -3.87678  9.70315   -0.80583  1.000 31.66770  ? 29  CYS A N    1 
ATOM   492  C  CA   . CYS A 1 29 ? -3.20171  8.70469   0.01449   1.000 28.41509  ? 29  CYS A CA   1 
ATOM   493  C  C    . CYS A 1 29 ? -2.63696  7.60098   -0.86442  1.000 33.75006  ? 29  CYS A C    1 
ATOM   494  O  O    . CYS A 1 29 ? -2.46491  7.78459   -2.07005  1.000 34.46519  ? 29  CYS A O    1 
ATOM   495  C  CB   . CYS A 1 29 ? -4.18481  8.15795   1.04986   1.000 33.19079  ? 29  CYS A CB   1 
ATOM   496  S  SG   . CYS A 1 29 ? -4.76642  9.45873   2.15899   1.000 33.31978  ? 29  CYS A SG   1 
ATOM   497  H  H    . CYS A 1 29 ? -4.56023  9.39256   -1.22573  1.000 38.09830  ? 29  CYS A H    1 
ATOM   498  H  HA   . CYS A 1 29 ? -2.46413  9.12034   0.48784   1.000 34.19516  ? 29  CYS A HA   1 
ATOM   499  H  HB2  . CYS A 1 29 ? -4.95386  7.78271   0.59360   1.000 39.92601  ? 29  CYS A HB2  1 
ATOM   500  H  HB3  . CYS A 1 29 ? -3.75375  7.48232   1.58973   1.000 39.92601  ? 29  CYS A HB3  1 
ATOM   501  N  N    . HIS A 1 30 ? -2.37374  6.44128   -0.28441  1.000 25.62560  ? 30  HIS A N    1 
ATOM   502  C  CA   . HIS A 1 30 ? -1.75330  5.31095   -0.94797  1.000 27.14290  ? 30  HIS A CA   1 
ATOM   503  C  C    . HIS A 1 30 ? -2.70458  4.13001   -0.86090  1.000 24.41863  ? 30  HIS A C    1 
ATOM   504  O  O    . HIS A 1 30 ? -3.51953  4.05122   0.05355   1.000 26.89062  ? 30  HIS A O    1 
ATOM   505  C  CB   . HIS A 1 30 ? -0.43105  4.96064   -0.26578  1.000 29.52801  ? 30  HIS A CB   1 
ATOM   506  C  CG   . HIS A 1 30 ? 0.53907   6.09224   -0.26417  1.000 23.31583  ? 30  HIS A CG   1 
ATOM   507  N  ND1  . HIS A 1 30 ? 1.58070   6.19142   -1.15916  1.000 28.70034  ? 30  HIS A ND1  1 
ATOM   508  C  CD2  . HIS A 1 30 ? 0.62090   7.17836   0.52668   1.000 30.41040  ? 30  HIS A CD2  1 
ATOM   509  C  CE1  . HIS A 1 30 ? 2.23773   7.31221   -0.95659  1.000 30.20975  ? 30  HIS A CE1  1 
ATOM   510  N  NE2  . HIS A 1 30 ? 1.67399   7.92583   0.05783   1.000 28.78285  ? 30  HIS A NE2  1 
ATOM   511  H  H    . HIS A 1 30 ? -2.55227  6.27691   0.53965   1.000 30.84778  ? 30  HIS A H    1 
ATOM   512  H  HA   . HIS A 1 30 ? -1.58564  5.51685   -1.88084  1.000 32.66853  ? 30  HIS A HA   1 
ATOM   513  H  HB2  . HIS A 1 30 ? -0.60754  4.71535   0.65627   1.000 35.53067  ? 30  HIS A HB2  1 
ATOM   514  H  HB3  . HIS A 1 30 ? -0.02144  4.21628   -0.73392  1.000 35.53067  ? 30  HIS A HB3  1 
ATOM   515  H  HD1  . HIS A 1 30 ? 1.74673   5.62782   -1.78743  1.000 34.53747  ? 30  HIS A HD1  1 
ATOM   516  H  HD2  . HIS A 1 30 ? 0.04646   7.40262   1.22331   1.000 36.58953  ? 30  HIS A HD2  1 
ATOM   517  H  HE1  . HIS A 1 30 ? 2.98608   7.60195   -1.42602  1.000 36.34875  ? 30  HIS A HE1  1 
ATOM   518  N  N    . TYR A 1 31 ? -2.65846  3.23140   -1.83982  1.000 25.94524  ? 31  TYR A N    1 
ATOM   519  C  CA   . TYR A 1 31 ? -3.54873  2.08450   -1.78559  1.000 24.78117  ? 31  TYR A CA   1 
ATOM   520  C  C    . TYR A 1 31 ? -2.75594  0.80329   -1.96086  1.000 29.81131  ? 31  TYR A C    1 
ATOM   521  O  O    . TYR A 1 31 ? -1.69379  0.76409   -2.59601  1.000 25.61287  ? 31  TYR A O    1 
ATOM   522  C  CB   . TYR A 1 31 ? -4.65337  2.14243   -2.84724  1.000 28.02105  ? 31  TYR A CB   1 
ATOM   523  C  CG   . TYR A 1 31 ? -4.11932  1.76068   -4.20894  1.000 27.24066  ? 31  TYR A CG   1 
ATOM   524  C  CD1  . TYR A 1 31 ? -3.50059  2.70544   -4.98361  1.000 31.53988  ? 31  TYR A CD1  1 
ATOM   525  C  CD2  . TYR A 1 31 ? -4.15943  0.44666   -4.66986  1.000 31.24069  ? 31  TYR A CD2  1 
ATOM   526  C  CE1  . TYR A 1 31 ? -2.98310  2.38143   -6.20575  1.000 31.24068  ? 31  TYR A CE1  1 
ATOM   527  C  CE2  . TYR A 1 31 ? -3.62036  0.11132   -5.90443  1.000 35.15039  ? 31  TYR A CE2  1 
ATOM   528  C  CZ   . TYR A 1 31 ? -3.01146  1.10449   -6.63959  1.000 32.70471  ? 31  TYR A CZ   1 
ATOM   529  O  OH   . TYR A 1 31 ? -2.47720  0.86350   -7.89230  1.000 41.74507  ? 31  TYR A OH   1 
ATOM   530  H  H    . TYR A 1 31 ? -2.13805  3.26177   -2.52383  1.000 31.23134  ? 31  TYR A H    1 
ATOM   531  H  HA   . TYR A 1 31 ? -3.97450  2.04883   -0.91796  1.000 29.83446  ? 31  TYR A HA   1 
ATOM   532  H  HB2  . TYR A 1 31 ? -5.35933  1.52073   -2.61064  1.000 33.72232  ? 31  TYR A HB2  1 
ATOM   533  H  HB3  . TYR A 1 31 ? -5.00323  3.04524   -2.89873  1.000 33.72232  ? 31  TYR A HB3  1 
ATOM   534  H  HD1  . TYR A 1 31 ? -3.45621  3.58502   -4.68572  1.000 37.94491  ? 31  TYR A HD1  1 
ATOM   535  H  HD2  . TYR A 1 31 ? -4.55642  -0.21271  -4.14752  1.000 37.58588  ? 31  TYR A HD2  1 
ATOM   536  H  HE1  . TYR A 1 31 ? -2.57259  3.03615   -6.72232  1.000 37.58587  ? 31  TYR A HE1  1 
ATOM   537  H  HE2  . TYR A 1 31 ? -3.65441  -0.76283  -6.21941  1.000 42.27752  ? 31  TYR A HE2  1 
ATOM   538  H  HH   . TYR A 1 31 ? -2.53727  0.04629   -8.07825  1.000 50.19114  ? 31  TYR A HH   1 
ATOM   539  N  N    . VAL A 1 32 ? -3.34133  -0.25854  -1.42448  1.000 25.80297  ? 32  VAL A N    1 
ATOM   540  C  CA   . VAL A 1 32 ? -2.97885  -1.62827  -1.73458  1.000 26.00180  ? 32  VAL A CA   1 
ATOM   541  C  C    . VAL A 1 32 ? -4.25675  -2.41851  -1.95998  1.000 23.76715  ? 32  VAL A C    1 
ATOM   542  O  O    . VAL A 1 32 ? -5.30233  -2.12467  -1.37793  1.000 27.03453  ? 32  VAL A O    1 
ATOM   543  C  CB   . VAL A 1 32 ? -2.15834  -2.27065  -0.61535  1.000 31.73583  ? 32  VAL A CB   1 
ATOM   544  C  CG1  . VAL A 1 32 ? -0.82716  -1.53189  -0.49220  1.000 37.42399  ? 32  VAL A CG1  1 
ATOM   545  C  CG2  . VAL A 1 32 ? -2.91086  -2.16640  0.66636   1.000 29.50137  ? 32  VAL A CG2  1 
ATOM   546  H  H    . VAL A 1 32 ? -3.98136  -0.20340  -0.85225  1.000 31.06062  ? 32  VAL A H    1 
ATOM   547  H  HA   . VAL A 1 32 ? -2.45573  -1.64895  -2.55058  1.000 31.29921  ? 32  VAL A HA   1 
ATOM   548  H  HB   . VAL A 1 32 ? -1.99057  -3.20525  -0.81437  1.000 38.18005  ? 32  VAL A HB   1 
ATOM   549  H  HG11 . VAL A 1 32 ? -0.28770  -1.96522  0.18760   1.000 45.00584  ? 32  VAL A HG11 1 
ATOM   550  H  HG12 . VAL A 1 32 ? -0.36888  -1.56303  -1.34653  1.000 45.00584  ? 32  VAL A HG12 1 
ATOM   551  H  HG13 . VAL A 1 32 ? -0.99881  -0.61106  -0.24195  1.000 45.00584  ? 32  VAL A HG13 1 
ATOM   552  H  HG21 . VAL A 1 32 ? -2.36536  -2.53760  1.37751   1.000 35.49870  ? 32  VAL A HG21 1 
ATOM   553  H  HG22 . VAL A 1 32 ? -3.09945  -1.23459  0.85390   1.000 35.49870  ? 32  VAL A HG22 1 
ATOM   554  H  HG23 . VAL A 1 32 ? -3.73934  -2.66537  0.59695   1.000 35.49870  ? 32  VAL A HG23 1 
ATOM   555  N  N    . ILE A 1 33 ? -4.12708  -3.47270  -2.75926  1.000 23.08180  ? 33  ILE A N    1 
ATOM   556  C  CA   . ILE A 1 33 ? -5.22575  -4.37858  -3.05268  1.000 24.79492  ? 33  ILE A CA   1 
ATOM   557  C  C    . ILE A 1 33 ? -4.78479  -5.78856  -2.66514  1.000 26.85159  ? 33  ILE A C    1 
ATOM   558  O  O    . ILE A 1 33 ? -3.81590  -6.31442  -3.21306  1.000 27.45819  ? 33  ILE A O    1 
ATOM   559  C  CB   . ILE A 1 33 ? -5.60227  -4.35099  -4.54358  1.000 29.03331  ? 33  ILE A CB   1 
ATOM   560  C  CG1  . ILE A 1 33 ? -6.57413  -3.20364  -4.82572  1.000 33.95284  ? 33  ILE A CG1  1 
ATOM   561  C  CG2  . ILE A 1 33 ? -6.21684  -5.67946  -4.95935  1.000 33.86990  ? 33  ILE A CG2  1 
ATOM   562  C  CD1  . ILE A 1 33 ? -8.01725  -3.53985  -4.52214  1.000 36.53245  ? 33  ILE A CD1  1 
ATOM   563  H  H    . ILE A 1 33 ? -3.39209  -3.68671  -3.15195  1.000 27.79522  ? 33  ILE A H    1 
ATOM   564  H  HA   . ILE A 1 33 ? -6.00482  -4.13814  -2.52792  1.000 29.85096  ? 33  ILE A HA   1 
ATOM   565  H  HB   . ILE A 1 33 ? -4.79599  -4.20792  -5.06295  1.000 34.93702  ? 33  ILE A HB   1 
ATOM   566  H  HG12 . ILE A 1 33 ? -6.32549  -2.44155  -4.27913  1.000 40.84046  ? 33  ILE A HG12 1 
ATOM   567  H  HG13 . ILE A 1 33 ? -6.51588  -2.96843  -5.76487  1.000 40.84046  ? 33  ILE A HG13 1 
ATOM   568  H  HG21 . ILE A 1 33 ? -6.69927  -5.55391  -5.78929  1.000 40.74093  ? 33  ILE A HG21 1 
ATOM   569  H  HG22 . ILE A 1 33 ? -5.51273  -6.33307  -5.09333  1.000 40.74093  ? 33  ILE A HG22 1 
ATOM   570  H  HG23 . ILE A 1 33 ? -6.83172  -5.98182  -4.27204  1.000 40.74093  ? 33  ILE A HG23 1 
ATOM   571  H  HD11 . ILE A 1 33 ? -8.52038  -2.71803  -4.43119  1.000 43.93600  ? 33  ILE A HD11 1 
ATOM   572  H  HD12 . ILE A 1 33 ? -8.38070  -4.06866  -5.24891  1.000 43.93600  ? 33  ILE A HD12 1 
ATOM   573  H  HD13 . ILE A 1 33 ? -8.05663  -4.04121  -3.69311  1.000 43.93600  ? 33  ILE A HD13 1 
ATOM   574  N  N    . HIS A 1 34 ? -5.49734  -6.39563  -1.72204  1.000 30.08804  ? 34  HIS A N    1 
ATOM   575  C  CA   . HIS A 1 34 ? -5.17958  -7.73666  -1.25141  1.000 25.59914  ? 34  HIS A CA   1 
ATOM   576  C  C    . HIS A 1 34 ? -6.33282  -8.62685  -1.65795  1.000 25.97988  ? 34  HIS A C    1 
ATOM   577  O  O    . HIS A 1 34 ? -7.47351  -8.39719  -1.23341  1.000 25.21936  ? 34  HIS A O    1 
ATOM   578  C  CB   . HIS A 1 34 ? -4.96692  -7.74192  0.26550   1.000 24.44549  ? 34  HIS A CB   1 
ATOM   579  C  CG   . HIS A 1 34 ? -4.96683  -9.10866  0.87551   1.000 27.21124  ? 34  HIS A CG   1 
ATOM   580  N  ND1  . HIS A 1 34 ? -3.91426  -9.98533  0.72498   1.000 26.26953  ? 34  HIS A ND1  1 
ATOM   581  C  CD2  . HIS A 1 34 ? -5.88073  -9.75678  1.63288   1.000 30.33760  ? 34  HIS A CD2  1 
ATOM   582  C  CE1  . HIS A 1 34 ? -4.19426  -11.13374 1.31305   1.000 26.69507  ? 34  HIS A CE1  1 
ATOM   583  N  NE2  . HIS A 1 34 ? -5.38141  -11.01903 1.88395   1.000 30.79041  ? 34  HIS A NE2  1 
ATOM   584  H  H    . HIS A 1 34 ? -6.18058  -6.04538  -1.33392  1.000 36.20270  ? 34  HIS A H    1 
ATOM   585  H  HA   . HIS A 1 34 ? -4.37064  -8.05778  -1.68001  1.000 30.81603  ? 34  HIS A HA   1 
ATOM   586  H  HB2  . HIS A 1 34 ? -4.11059  -7.33141  0.46110   1.000 29.43165  ? 34  HIS A HB2  1 
ATOM   587  H  HB3  . HIS A 1 34 ? -5.67878  -7.23193  0.68226   1.000 29.43165  ? 34  HIS A HB3  1 
ATOM   588  H  HD2  . HIS A 1 34 ? -6.70741  -9.42680  1.90208   1.000 36.50218  ? 34  HIS A HD2  1 
ATOM   589  H  HE1  . HIS A 1 34 ? -3.63603  -11.87584 1.35719   1.000 32.13114  ? 34  HIS A HE1  1 
ATOM   590  H  HE2  . HIS A 1 34 ? -5.77062  -11.62580 2.35242   1.000 37.04555  ? 34  HIS A HE2  1 
ATOM   591  N  N    . LYS A 1 35 ? -6.02003  -9.61057  -2.48697  1.000 27.34811  ? 35  LYS A N    1 
ATOM   592  C  CA   . LYS A 1 35 ? -6.99619  -10.47020 -3.15417  1.000 29.03647  ? 35  LYS A CA   1 
ATOM   593  C  C    . LYS A 1 35 ? -7.05562  -11.78997 -2.41878  1.000 28.99004  ? 35  LYS A C    1 
ATOM   594  O  O    . LYS A 1 35 ? -6.01036  -12.37859 -2.12365  1.000 35.12151  ? 35  LYS A O    1 
ATOM   595  C  CB   . LYS A 1 35 ? -6.58804  -10.69566 -4.60499  1.000 36.33088  ? 35  LYS A CB   1 
ATOM   596  C  CG   . LYS A 1 35 ? -7.21154  -11.93358 -5.28528  1.000 42.21534  ? 35  LYS A CG   1 
ATOM   597  C  CD   . LYS A 1 35 ? -6.64046  -12.03296 -6.67983  1.000 40.86659  ? 35  LYS A CD   1 
ATOM   598  C  CE   . LYS A 1 35 ? -7.13482  -13.26742 -7.41217  1.000 54.12500  ? 35  LYS A CE   1 
ATOM   599  N  NZ   . LYS A 1 35 ? -8.59868  -13.26301 -7.68307  1.000 52.43376  ? 35  LYS A NZ   1 
ATOM   600  H  H    . LYS A 1 35 ? -5.20868  -9.81084  -2.68981  1.000 32.91479  ? 35  LYS A H    1 
ATOM   601  H  HA   . LYS A 1 35 ? -7.87363  -10.05641 -3.13291  1.000 34.94082  ? 35  LYS A HA   1 
ATOM   602  H  HB2  . LYS A 1 35 ? -6.84391  -9.91657  -5.12150  1.000 43.69412  ? 35  LYS A HB2  1 
ATOM   603  H  HB3  . LYS A 1 35 ? -5.62500  -10.80127 -4.63839  1.000 43.69412  ? 35  LYS A HB3  1 
ATOM   604  H  HG2  . LYS A 1 35 ? -6.97671  -12.74243 -4.80440  1.000 50.75546  ? 35  LYS A HG2  1 
ATOM   605  H  HG3  . LYS A 1 35 ? -8.17416  -11.83142 -5.34473  1.000 50.75546  ? 35  LYS A HG3  1 
ATOM   606  H  HD2  . LYS A 1 35 ? -6.90655  -11.25250 -7.18944  1.000 49.13697  ? 35  LYS A HD2  1 
ATOM   607  H  HD3  . LYS A 1 35 ? -5.67324  -12.08128 -6.62508  1.000 49.13697  ? 35  LYS A HD3  1 
ATOM   608  H  HE2  . LYS A 1 35 ? -6.67798  -13.32884 -8.26481  1.000 65.04706  ? 35  LYS A HE2  1 
ATOM   609  H  HE3  . LYS A 1 35 ? -6.93535  -14.05009 -6.87564  1.000 65.04706  ? 35  LYS A HE3  1 
ATOM   610  H  HZ1  . LYS A 1 35 ? -8.81175  -12.56297 -8.18991  1.000 63.01756  ? 35  LYS A HZ1  1 
ATOM   611  H  HZ2  . LYS A 1 35 ? -8.83120  -14.00964 -8.10823  1.000 63.01756  ? 35  LYS A HZ2  1 
ATOM   612  H  HZ3  . LYS A 1 35 ? -9.04954  -13.21431 -6.91655  1.000 63.01756  ? 35  LYS A HZ3  1 
ATOM   613  N  N    . GLU A 1 36 ? -8.26582  -12.24738 -2.12419  1.000 32.03206  ? 36  GLU A N    1 
ATOM   614  C  CA   . GLU A 1 36 ? -8.48558  -13.60898 -1.67325  1.000 34.57890  ? 36  GLU A CA   1 
ATOM   615  C  C    . GLU A 1 36 ? -9.61134  -14.15700 -2.52452  1.000 33.16432  ? 36  GLU A C    1 
ATOM   616  O  O    . GLU A 1 36 ? -10.77668 -13.94166 -2.18698  1.000 31.97267  ? 36  GLU A O    1 
ATOM   617  C  CB   . GLU A 1 36 ? -8.81838  -13.66343 -0.21391  1.000 28.29084  ? 36  GLU A CB   1 
ATOM   618  C  CG   . GLU A 1 36 ? -7.72879  -13.02531 0.64740   1.000 34.71650  ? 36  GLU A CG   1 
ATOM   619  C  CD   . GLU A 1 36 ? -7.89075  -13.37870 2.08969   1.000 36.40943  ? 36  GLU A CD   1 
ATOM   620  O  OE1  . GLU A 1 36 ? -7.15327  -12.78952 2.89392   1.000 32.86816  ? 36  GLU A OE1  1 
ATOM   621  O  OE2  . GLU A 1 36 ? -8.71095  -14.27672 2.38685   1.000 34.80739  ? 36  GLU A OE2  1 
ATOM   622  H  H    . GLU A 1 36 ? -8.98504  -11.77946 -2.17961  1.000 38.53552  ? 36  GLU A H    1 
ATOM   623  H  HA   . GLU A 1 36 ? -7.69089  -14.14112 -1.83177  1.000 41.59173  ? 36  GLU A HA   1 
ATOM   624  H  HB2  . GLU A 1 36 ? -9.64677  -13.18457 -0.05756  1.000 34.04606  ? 36  GLU A HB2  1 
ATOM   625  H  HB3  . GLU A 1 36 ? -8.91330  -14.59161 0.05157   1.000 34.04606  ? 36  GLU A HB3  1 
ATOM   626  H  HG2  . GLU A 1 36 ? -6.86120  -13.34319 0.35282   1.000 41.75685  ? 36  GLU A HG2  1 
ATOM   627  H  HG3  . GLU A 1 36 ? -7.77954  -12.06035 0.56354   1.000 41.75685  ? 36  GLU A HG3  1 
ATOM   628  N  N    . GLY A 1 37 ? -9.24303  -14.84111 -3.59989  1.000 33.77077  ? 37  GLY A N    1 
ATOM   629  C  CA   . GLY A 1 37 ? -10.19898 -15.53100 -4.43452  1.000 38.70383  ? 37  GLY A CA   1 
ATOM   630  C  C    . GLY A 1 37 ? -10.98793 -14.46404 -5.14753  1.000 38.94622  ? 37  GLY A C    1 
ATOM   631  O  O    . GLY A 1 37 ? -10.42690 -13.65634 -5.89409  1.000 41.69217  ? 37  GLY A O    1 
ATOM   632  H  H    . GLY A 1 37 ? -8.42882  -14.91878 -3.86673  1.000 40.62198  ? 37  GLY A H    1 
ATOM   633  H  HA2  . GLY A 1 37 ? -9.74512  -16.09111 -5.08373  1.000 46.54166  ? 37  GLY A HA2  1 
ATOM   634  H  HA3  . GLY A 1 37 ? -10.79601 -16.07308 -3.89556  1.000 46.54166  ? 37  GLY A HA3  1 
ATOM   635  N  N    . ASN A 1 38 ? -12.27898 -14.40877 -4.83605  1.000 38.76748  ? 38  ASN A N    1 
ATOM   636  C  CA   . ASN A 1 38 ? -13.21303 -13.46900 -5.43075  1.000 44.91284  ? 38  ASN A CA   1 
ATOM   637  C  C    . ASN A 1 38 ? -13.45721 -12.26114 -4.52570  1.000 35.77512  ? 38  ASN A C    1 
ATOM   638  O  O    . ASN A 1 38 ? -14.32469 -11.43679 -4.81735  1.000 33.47397  ? 38  ASN A O    1 
ATOM   639  C  CB   . ASN A 1 38 ? -14.52551 -14.21063 -5.75411  1.000 45.68991  ? 38  ASN A CB   1 
ATOM   640  C  CG   . ASN A 1 38 ? -15.54041 -13.32647 -6.39687  1.000 55.74293  ? 38  ASN A CG   1 
ATOM   641  O  OD1  . ASN A 1 38 ? -16.72034 -13.37028 -6.03738  1.000 60.70235  ? 38  ASN A OD1  1 
ATOM   642  N  ND2  . ASN A 1 38 ? -15.10021 -12.51104 -7.36003  1.000 54.87174  ? 38  ASN A ND2  1 
ATOM   643  H  H    . ASN A 1 38 ? -12.64746 -14.92890 -4.25893  1.000 46.61803  ? 38  ASN A H    1 
ATOM   644  H  HA   . ASN A 1 38 ? -12.83741 -13.14506 -6.26361  1.000 53.99247  ? 38  ASN A HA   1 
ATOM   645  H  HB2  . ASN A 1 38 ? -14.33421 -14.94085 -6.36383  1.000 54.92495  ? 38  ASN A HB2  1 
ATOM   646  H  HB3  . ASN A 1 38 ? -14.90537 -14.55502 -4.93090  1.000 54.92495  ? 38  ASN A HB3  1 
ATOM   647  H  HD21 . ASN A 1 38 ? -14.27038 -12.51238 -7.58194  1.000 65.94314  ? 38  ASN A HD21 1 
ATOM   648  H  HD22 . ASN A 1 38 ? -15.64982 -11.98411 -7.75927  1.000 65.94314  ? 38  ASN A HD22 1 
ATOM   649  N  N    . CYS A 1 39 ? -12.71763 -12.14235 -3.43164  1.000 35.48225  ? 39  CYS A N    1 
ATOM   650  C  CA   . CYS A 1 39 ? -12.89320 -11.05593 -2.49066  1.000 32.29308  ? 39  CYS A CA   1 
ATOM   651  C  C    . CYS A 1 39 ? -11.63712 -10.22637 -2.53558  1.000 37.09675  ? 39  CYS A C    1 
ATOM   652  O  O    . CYS A 1 39 ? -10.53619 -10.75437 -2.69961  1.000 32.78893  ? 39  CYS A O    1 
ATOM   653  C  CB   . CYS A 1 39 ? -13.12751 -11.52796 -1.05218  1.000 33.90048  ? 39  CYS A CB   1 
ATOM   654  S  SG   . CYS A 1 39 ? -14.71016 -12.36472 -0.86330  1.000 37.91486  ? 39  CYS A SG   1 
ATOM   655  H  H    . CYS A 1 39 ? -12.09384 -12.69061 -3.20915  1.000 42.67576  ? 39  CYS A H    1 
ATOM   656  H  HA   . CYS A 1 39 ? -13.64102 -10.50060 -2.75922  1.000 38.84875  ? 39  CYS A HA   1 
ATOM   657  H  HB2  . CYS A 1 39 ? -12.42507 -12.14914 -0.80283  1.000 40.77763  ? 39  CYS A HB2  1 
ATOM   658  H  HB3  . CYS A 1 39 ? -13.11937 -10.75958 -0.45972  1.000 40.77763  ? 39  CYS A HB3  1 
ATOM   659  N  N    . TYR A 1 40 ? -11.81081 -8.92651  -2.37456  1.000 31.07781  ? 40  TYR A N    1 
ATOM   660  C  CA   . TYR A 1 40 ? -10.68366 -8.02596  -2.48403  1.000 27.63956  ? 40  TYR A CA   1 
ATOM   661  C  C    . TYR A 1 40 ? -10.79458 -7.03701  -1.34421  1.000 31.63336  ? 40  TYR A C    1 
ATOM   662  O  O    . TYR A 1 40 ? -11.88839 -6.56306  -1.03383  1.000 35.80865  ? 40  TYR A O    1 
ATOM   663  C  CB   . TYR A 1 40 ? -10.66891 -7.33265  -3.85024  1.000 30.22266  ? 40  TYR A CB   1 
ATOM   664  C  CG   . TYR A 1 40 ? -10.52942 -8.26532  -4.99928  1.000 32.42026  ? 40  TYR A CG   1 
ATOM   665  C  CD1  . TYR A 1 40 ? -11.64313 -8.83501  -5.61086  1.000 32.59673  ? 40  TYR A CD1  1 
ATOM   666  C  CD2  . TYR A 1 40 ? -9.27806  -8.58060  -5.49145  1.000 38.08478  ? 40  TYR A CD2  1 
ATOM   667  C  CE1  . TYR A 1 40 ? -11.50993 -9.67094  -6.65548  1.000 35.22667  ? 40  TYR A CE1  1 
ATOM   668  C  CE2  . TYR A 1 40 ? -9.14267  -9.42311  -6.53906  1.000 39.37854  ? 40  TYR A CE2  1 
ATOM   669  C  CZ   . TYR A 1 40 ? -10.26111 -9.97131  -7.11272  1.000 37.39336  ? 40  TYR A CZ   1 
ATOM   670  O  OH   . TYR A 1 40 ? -10.09397 -10.82082 -8.15810  1.000 48.02822  ? 40  TYR A OH   1 
ATOM   671  H  H    . TYR A 1 40 ? -12.56237 -8.54475  -2.20307  1.000 37.39043  ? 40  TYR A H    1 
ATOM   672  H  HA   . TYR A 1 40 ? -9.85485  -8.51950  -2.38044  1.000 33.26453  ? 40  TYR A HA   1 
ATOM   673  H  HB2  . TYR A 1 40 ? -11.50198 -6.84814  -3.96186  1.000 36.36425  ? 40  TYR A HB2  1 
ATOM   674  H  HB3  . TYR A 1 40 ? -9.92290  -6.71374  -3.87854  1.000 36.36425  ? 40  TYR A HB3  1 
ATOM   675  H  HD1  . TYR A 1 40 ? -12.49351 -8.63096  -5.29402  1.000 39.21313  ? 40  TYR A HD1  1 
ATOM   676  H  HD2  . TYR A 1 40 ? -8.52172  -8.20960  -5.09750  1.000 45.79880  ? 40  TYR A HD2  1 
ATOM   677  H  HE1  . TYR A 1 40 ? -12.26023 -10.05101 -7.05217  1.000 42.36906  ? 40  TYR A HE1  1 
ATOM   678  H  HE2  . TYR A 1 40 ? -8.29702  -9.63634  -6.86225  1.000 47.35131  ? 40  TYR A HE2  1 
ATOM   679  H  HH   . TYR A 1 40 ? -10.84191 -11.07876 -8.43966  1.000 57.73092  ? 40  TYR A HH   1 
ATOM   680  N  N    . VAL A 1 41 ? -9.68553  -6.79945  -0.65549  1.000 30.04158  ? 41  VAL A N    1 
ATOM   681  C  CA   . VAL A 1 41 ? -9.62559  -5.77970  0.37358   1.000 26.04083  ? 41  VAL A CA   1 
ATOM   682  C  C    . VAL A 1 41 ? -8.85141  -4.60323  -0.20564  1.000 27.14392  ? 41  VAL A C    1 
ATOM   683  O  O    . VAL A 1 41 ? -7.71925  -4.75824  -0.66255  1.000 26.98119  ? 41  VAL A O    1 
ATOM   684  C  CB   . VAL A 1 41 ? -8.97194  -6.28171  1.67181   1.000 29.31143  ? 41  VAL A CB   1 
ATOM   685  C  CG1  . VAL A 1 41 ? -9.07615  -5.26185  2.69896   1.000 27.49338  ? 41  VAL A CG1  1 
ATOM   686  C  CG2  . VAL A 1 41 ? -9.70470  -7.53461  2.17992   1.000 34.71481  ? 41  VAL A CG2  1 
ATOM   687  H  H    . VAL A 1 41 ? -8.94587  -7.22335  -0.76972  1.000 36.14695  ? 41  VAL A H    1 
ATOM   688  H  HA   . VAL A 1 41 ? -10.52294 -5.47853  0.58433   1.000 31.34605  ? 41  VAL A HA   1 
ATOM   689  H  HB   . VAL A 1 41 ? -8.03735  -6.49323  1.52165   1.000 35.27077  ? 41  VAL A HB   1 
ATOM   690  H  HG11 . VAL A 1 41 ? -8.78928  -5.63778  3.54560   1.000 33.08911  ? 41  VAL A HG11 1 
ATOM   691  H  HG12 . VAL A 1 41 ? -8.50839  -4.51238  2.46350   1.000 33.08911  ? 41  VAL A HG12 1 
ATOM   692  H  HG13 . VAL A 1 41 ? -9.99994  -4.97124  2.76357   1.000 33.08911  ? 41  VAL A HG13 1 
ATOM   693  H  HG21 . VAL A 1 41 ? -9.30179  -7.81921  3.01546   1.000 41.75483  ? 41  VAL A HG21 1 
ATOM   694  H  HG22 . VAL A 1 41 ? -10.63926 -7.31716  2.32040   1.000 41.75483  ? 41  VAL A HG22 1 
ATOM   695  H  HG23 . VAL A 1 41 ? -9.62471  -8.23830  1.51742   1.000 41.75483  ? 41  VAL A HG23 1 
ATOM   696  N  N    . CYS A 1 42 ? -9.47978  -3.44771  -0.21836  1.000 27.37272  ? 42  CYS A N    1 
ATOM   697  C  CA   . CYS A 1 42 ? -8.81162  -2.21384  -0.59340  1.000 28.29311  ? 42  CYS A CA   1 
ATOM   698  C  C    . CYS A 1 42 ? -8.33213  -1.57960  0.69818   1.000 27.87309  ? 42  CYS A C    1 
ATOM   699  O  O    . CYS A 1 42 ? -9.15625  -1.22606  1.53401   1.000 30.26658  ? 42  CYS A O    1 
ATOM   700  C  CB   . CYS A 1 42 ? -9.77852  -1.28533  -1.30660  1.000 29.48371  ? 42  CYS A CB   1 
ATOM   701  S  SG   . CYS A 1 42 ? -9.11651  0.34886   -1.63231  1.000 27.86730  ? 42  CYS A SG   1 
ATOM   702  H  H    . CYS A 1 42 ? -10.30856 -3.34583  -0.01118  1.000 32.94432  ? 42  CYS A H    1 
ATOM   703  H  HA   . CYS A 1 42 ? -8.05212  -2.39536  -1.16887  1.000 34.04879  ? 42  CYS A HA   1 
ATOM   704  H  HB2  . CYS A 1 42 ? -10.01980 -1.68204  -2.15824  1.000 35.47750  ? 42  CYS A HB2  1 
ATOM   705  H  HB3  . CYS A 1 42 ? -10.57158 -1.17948  -0.75754  1.000 35.47750  ? 42  CYS A HB3  1 
ATOM   706  N  N    . GLY A 1 43 ? -7.01827  -1.46160  0.86656   1.000 24.05749  ? 43  GLY A N    1 
ATOM   707  C  CA   . GLY A 1 43 ? -6.44666  -0.70863  1.98274   1.000 27.57276  ? 43  GLY A CA   1 
ATOM   708  C  C    . GLY A 1 43 ? -5.95651  0.65145   1.52178   1.000 26.75219  ? 43  GLY A C    1 
ATOM   709  O  O    . GLY A 1 43 ? -5.21867  0.75197   0.54501   1.000 27.88612  ? 43  GLY A O    1 
ATOM   710  H  H    . GLY A 1 43 ? -6.43104  -1.81092  0.34458   1.000 28.96604  ? 43  GLY A H    1 
ATOM   711  H  HA2  . GLY A 1 43 ? -7.11475  -0.58259  2.67385   1.000 33.18436  ? 43  GLY A HA2  1 
ATOM   712  H  HA3  . GLY A 1 43 ? -5.69812  -1.19835  2.35909   1.000 33.18436  ? 43  GLY A HA3  1 
ATOM   713  N  N    . ILE A 1 44 ? -6.36676  1.69382   2.23977   1.000 28.73696  ? 44  ILE A N    1 
ATOM   714  C  CA   . ILE A 1 44 ? -5.97610  3.07812   1.93731   1.000 26.47629  ? 44  ILE A CA   1 
ATOM   715  C  C    . ILE A 1 44 ? -5.12573  3.56679   3.09198   1.000 30.61088  ? 44  ILE A C    1 
ATOM   716  O  O    . ILE A 1 44 ? -5.59459  3.60994   4.22844   1.000 33.45560  ? 44  ILE A O    1 
ATOM   717  C  CB   . ILE A 1 44 ? -7.20035  3.97847   1.71947   1.000 25.75096  ? 44  ILE A CB   1 
ATOM   718  C  CG1  . ILE A 1 44 ? -8.06020  3.43600   0.55310   1.000 31.01449  ? 44  ILE A CG1  1 
ATOM   719  C  CG2  . ILE A 1 44 ? -6.77600  5.41086   1.44398   1.000 30.46617  ? 44  ILE A CG2  1 
ATOM   720  C  CD1  . ILE A 1 44 ? -7.40333  3.49137   -0.79815  1.000 29.86189  ? 44  ILE A CD1  1 
ATOM   721  H  H    . ILE A 1 44 ? -6.88459  1.62713   2.92365   1.000 34.58140  ? 44  ILE A H    1 
ATOM   722  H  HA   . ILE A 1 44 ? -5.43537  3.09442   1.13316   1.000 31.86860  ? 44  ILE A HA   1 
ATOM   723  H  HB   . ILE A 1 44 ? -7.73665  3.96737   2.52713   1.000 30.99821  ? 44  ILE A HB   1 
ATOM   724  H  HG12 . ILE A 1 44 ? -8.28215  2.50952   0.73328   1.000 37.31444  ? 44  ILE A HG12 1 
ATOM   725  H  HG13 . ILE A 1 44 ? -8.87519  3.95955   0.50240   1.000 37.31444  ? 44  ILE A HG13 1 
ATOM   726  H  HG21 . ILE A 1 44 ? -7.53834  5.90321   1.10192   1.000 36.65646  ? 44  ILE A HG21 1 
ATOM   727  H  HG22 . ILE A 1 44 ? -6.46504  5.81459   2.26939   1.000 36.65646  ? 44  ILE A HG22 1 
ATOM   728  H  HG23 . ILE A 1 44 ? -6.06357  5.40773   0.78595   1.000 36.65646  ? 44  ILE A HG23 1 
ATOM   729  H  HD11 . ILE A 1 44 ? -8.01103  3.11932   -1.45693  1.000 35.93133  ? 44  ILE A HD11 1 
ATOM   730  H  HD12 . ILE A 1 44 ? -7.20487  4.41446   -1.01890  1.000 35.93133  ? 44  ILE A HD12 1 
ATOM   731  H  HD13 . ILE A 1 44 ? -6.58484  2.97157   -0.77621  1.000 35.93133  ? 44  ILE A HD13 1 
ATOM   732  N  N    . ILE A 1 45 ? -3.86384  3.84514   2.81018   1.000 24.83619  ? 45  ILE A N    1 
ATOM   733  C  CA   . ILE A 1 45 ? -2.88774  4.27168   3.80667   1.000 24.58294  ? 45  ILE A CA   1 
ATOM   734  C  C    . ILE A 1 45 ? -2.61163  5.75079   3.61068   1.000 31.30429  ? 45  ILE A C    1 
ATOM   735  O  O    . ILE A 1 45 ? -2.14706  6.17340   2.54019   1.000 27.19629  ? 45  ILE A O    1 
ATOM   736  C  CB   . ILE A 1 45 ? -1.58942  3.46612   3.70112   1.000 26.09481  ? 45  ILE A CB   1 
ATOM   737  C  CG1  . ILE A 1 45 ? -1.89865  1.98706   3.69891   1.000 26.58659  ? 45  ILE A CG1  1 
ATOM   738  C  CG2  . ILE A 1 45 ? -0.65804  3.78340   4.86182   1.000 32.95064  ? 45  ILE A CG2  1 
ATOM   739  C  CD1  . ILE A 1 45 ? -1.93058  1.44138   2.29729   1.000 31.28768  ? 45  ILE A CD1  1 
ATOM   740  H  H    . ILE A 1 45 ? -3.53462  3.79433   2.01790   1.000 29.90049  ? 45  ILE A H    1 
ATOM   741  H  HA   . ILE A 1 45 ? -3.25579  4.14154   4.69336   1.000 29.59658  ? 45  ILE A HA   1 
ATOM   742  H  HB   . ILE A 1 45 ? -1.14522  3.69616   2.86996   1.000 31.41083  ? 45  ILE A HB   1 
ATOM   743  H  HG12 . ILE A 1 45 ? -1.21427  1.51283   4.19591   1.000 32.00097  ? 45  ILE A HG12 1 
ATOM   744  H  HG13 . ILE A 1 45 ? -2.76929  1.84283   4.10091   1.000 32.00097  ? 45  ILE A HG13 1 
ATOM   745  H  HG21 . ILE A 1 45 ? 0.14030   3.23732   4.78489   1.000 39.63782  ? 45  ILE A HG21 1 
ATOM   746  H  HG22 . ILE A 1 45 ? -0.41850  4.72227   4.82967   1.000 39.63782  ? 45  ILE A HG22 1 
ATOM   747  H  HG23 . ILE A 1 45 ? -1.11450  3.58651   5.69434   1.000 39.63782  ? 45  ILE A HG23 1 
ATOM   748  H  HD11 . ILE A 1 45 ? -2.08803  0.48541   2.33700   1.000 37.64227  ? 45  ILE A HD11 1 
ATOM   749  H  HD12 . ILE A 1 45 ? -2.64387  1.87210   1.80153   1.000 37.64227  ? 45  ILE A HD12 1 
ATOM   750  H  HD13 . ILE A 1 45 ? -1.07714  1.61772   1.87051   1.000 37.64227  ? 45  ILE A HD13 1 
ATOM   751  N  N    . CYS A 1 46 ? -2.81992  6.53822   4.67749   1.000 32.27408  ? 46  CYS A N    1 
ATOM   752  C  CA   . CYS A 1 46 ? -2.58661  7.96830   4.65348   1.000 31.09801  ? 46  CYS A CA   1 
ATOM   753  C  C    . CYS A 1 46 ? -1.61781  8.33329   5.77176   1.000 38.91966  ? 46  CYS A C    1 
ATOM   754  O  O    . CYS A 1 46 ? -1.80660  7.90051   6.91119   1.000 33.73391  ? 46  CYS A O    1 
ATOM   755  C  CB   . CYS A 1 46 ? -3.87357  8.77352   4.86085   1.000 34.44909  ? 46  CYS A CB   1 
ATOM   756  S  SG   . CYS A 1 46 ? -5.27857  8.39008   3.80133   1.000 35.96536  ? 46  CYS A SG   1 
ATOM   757  H  H    . CYS A 1 46 ? -3.10244  6.25008   5.43729   1.000 38.82595  ? 46  CYS A H    1 
ATOM   758  H  HA   . CYS A 1 46 ? -2.19236  8.22483   3.80533   1.000 37.41466  ? 46  CYS A HA   1 
ATOM   759  H  HB2  . CYS A 1 46 ? -4.16470  8.64134   5.77608   1.000 41.43596  ? 46  CYS A HB2  1 
ATOM   760  H  HB3  . CYS A 1 46 ? -3.66432  9.71154   4.72629   1.000 41.43596  ? 46  CYS A HB3  1 
ATOM   761  N  N    . TRP A 1 47 ? -0.59194  9.10493   5.44128   1.000 33.68685  ? 47  TRP A N    1 
ATOM   762  C  CA   . TRP A 1 47 ? 0.30582   9.67981   6.45028   1.000 32.87988  ? 47  TRP A CA   1 
ATOM   763  C  C    . TRP A 1 47 ? -0.14878  11.07973  6.85288   1.000 44.34405  ? 47  TRP A C    1 
ATOM   764  O  O    . TRP A 1 47 ? -0.86610  11.74079  6.09571   1.000 41.52747  ? 47  TRP A O    1 
ATOM   765  C  CB   . TRP A 1 47 ? 1.73458   9.72837   5.93029   1.000 32.05904  ? 47  TRP A CB   1 
ATOM   766  C  CG   . TRP A 1 47 ? 2.51568   8.44233   6.13100   1.000 32.53366  ? 47  TRP A CG   1 
ATOM   767  C  CD1  . TRP A 1 47 ? 3.39490   8.18103   7.14687   1.000 35.83659  ? 47  TRP A CD1  1 
ATOM   768  C  CD2  . TRP A 1 47 ? 2.52819   7.29209   5.28914   1.000 37.04231  ? 47  TRP A CD2  1 
ATOM   769  N  NE1  . TRP A 1 47 ? 3.92912   6.92731   7.00170   1.000 41.31520  ? 47  TRP A NE1  1 
ATOM   770  C  CE2  . TRP A 1 47 ? 3.41533   6.36553   5.86049   1.000 36.22244  ? 47  TRP A CE2  1 
ATOM   771  C  CE3  . TRP A 1 47 ? 1.85286   6.93837   4.11248   1.000 31.46837  ? 47  TRP A CE3  1 
ATOM   772  C  CZ2  . TRP A 1 47 ? 3.65107   5.13585   5.30494   1.000 37.29248  ? 47  TRP A CZ2  1 
ATOM   773  C  CZ3  . TRP A 1 47 ? 2.09579   5.72082   3.56664   1.000 26.89990  ? 47  TRP A CZ3  1 
ATOM   774  C  CH2  . TRP A 1 47 ? 2.98779   4.83419   4.13933   1.000 30.70193  ? 47  TRP A CH2  1 
ATOM   775  H  H    . TRP A 1 47 ? -0.38743  9.31600   4.63289   1.000 40.52128  ? 47  TRP A H    1 
ATOM   776  H  HA   . TRP A 1 47 ? 0.29390   9.12022   7.24324   1.000 39.55291  ? 47  TRP A HA   1 
ATOM   777  H  HB2  . TRP A 1 47 ? 1.71287   9.91497   4.97886   1.000 38.56790  ? 47  TRP A HB2  1 
ATOM   778  H  HB3  . TRP A 1 47 ? 2.20897   10.43678  6.39192   1.000 38.56790  ? 47  TRP A HB3  1 
ATOM   779  H  HD1  . TRP A 1 47 ? 3.59225   8.76534   7.84304   1.000 43.10096  ? 47  TRP A HD1  1 
ATOM   780  H  HE1  . TRP A 1 47 ? 4.50478   6.56270   7.52631   1.000 49.67529  ? 47  TRP A HE1  1 
ATOM   781  H  HE3  . TRP A 1 47 ? 1.26125   7.53146   3.70745   1.000 37.85910  ? 47  TRP A HE3  1 
ATOM   782  H  HZ2  . TRP A 1 47 ? 4.24338   4.53387   5.69492   1.000 44.84803  ? 47  TRP A HZ2  1 
ATOM   783  H  HZ3  . TRP A 1 47 ? 1.66060   5.48198   2.77971   1.000 32.37694  ? 47  TRP A HZ3  1 
ATOM   784  H  HH2  . TRP A 1 47 ? 3.12007   4.00296   3.74353   1.000 36.93938  ? 47  TRP A HH2  1 
ATOM   785  N  N    . ILE B 1 1  ? -4.90564  -7.22624  10.52386  1.000 33.74234  ? 1   ILE B N    1 
ATOM   786  C  CA   . ILE B 1 1  ? -4.02563  -6.52979  9.57122   1.000 34.68909  ? 1   ILE B CA   1 
ATOM   787  C  C    . ILE B 1 1  ? -2.92325  -5.86669  10.39562  1.000 32.03709  ? 1   ILE B C    1 
ATOM   788  O  O    . ILE B 1 1  ? -3.11278  -5.61911  11.57497  1.000 31.31910  ? 1   ILE B O    1 
ATOM   789  C  CB   . ILE B 1 1  ? -4.79706  -5.53073  8.73907   1.000 35.14576  ? 1   ILE B CB   1 
ATOM   790  C  CG1  . ILE B 1 1  ? -3.90286  -4.92170  7.68506   1.000 41.79576  ? 1   ILE B CG1  1 
ATOM   791  C  CG2  . ILE B 1 1  ? -5.37829  -4.48454  9.60098   1.000 38.76086  ? 1   ILE B CG2  1 
ATOM   792  C  CD1  . ILE B 1 1  ? -4.60083  -4.07491  6.70450   1.000 43.13783  ? 1   ILE B CD1  1 
ATOM   793  H  H1   . ILE B 1 1  ? -5.73822  -7.23254  10.20819  1.000 40.58787  ? 1   ILE B H1   1 
ATOM   794  H  H2   . ILE B 1 1  ? -4.62305  -8.06275  10.63170  1.000 40.58787  ? 1   ILE B H2   1 
ATOM   795  H  H3   . ILE B 1 1  ? -4.88779  -6.80346  11.30698  1.000 40.58787  ? 1   ILE B H3   1 
ATOM   796  H  HA   . ILE B 1 1  ? -3.61763  -7.17701  8.97538   1.000 41.72397  ? 1   ILE B HA   1 
ATOM   797  H  HB   . ILE B 1 1  ? -5.52112  -5.99720  8.29381   1.000 42.27197  ? 1   ILE B HB   1 
ATOM   798  H  HG12 . ILE B 1 1  ? -3.23838  -4.36698  8.12221   1.000 50.25197  ? 1   ILE B HG12 1 
ATOM   799  H  HG13 . ILE B 1 1  ? -3.46400  -5.63629  7.19828   1.000 50.25197  ? 1   ILE B HG13 1 
ATOM   800  H  HG21 . ILE B 1 1  ? -6.02658  -3.97907  9.08679   1.000 46.61009  ? 1   ILE B HG21 1 
ATOM   801  H  HG22 . ILE B 1 1  ? -5.81595  -4.90043  10.36009  1.000 46.61009  ? 1   ILE B HG22 1 
ATOM   802  H  HG23 . ILE B 1 1  ? -4.67136  -3.89566  9.90805   1.000 46.61009  ? 1   ILE B HG23 1 
ATOM   803  H  HD11 . ILE B 1 1  ? -3.97537  -3.81620  6.00961   1.000 51.86246  ? 1   ILE B HD11 1 
ATOM   804  H  HD12 . ILE B 1 1  ? -5.33334  -4.57915  6.31846   1.000 51.86246  ? 1   ILE B HD12 1 
ATOM   805  H  HD13 . ILE B 1 1  ? -4.94237  -3.28584  7.15296   1.000 51.86246  ? 1   ILE B HD13 1 
ATOM   806  N  N    . GLN B 1 2  ? -1.78209  -5.63070  9.75856   1.000 31.73537  ? 2   GLN B N    1 
ATOM   807  C  CA   . GLN B 1 2  ? -0.65615  -4.92562  10.35685  1.000 29.08060  ? 2   GLN B CA   1 
ATOM   808  C  C    . GLN B 1 2  ? -0.20128  -3.85531  9.38822   1.000 24.85700  ? 2   GLN B C    1 
ATOM   809  O  O    . GLN B 1 2  ? -0.23261  -4.05395  8.17562   1.000 27.18042  ? 2   GLN B O    1 
ATOM   810  C  CB   . GLN B 1 2  ? 0.53229   -5.84579  10.64894  1.000 27.65320  ? 2   GLN B CB   1 
ATOM   811  C  CG   . GLN B 1 2  ? 0.27450   -7.14549  11.33070  1.000 30.02195  ? 2   GLN B CG   1 
ATOM   812  C  CD   . GLN B 1 2  ? 1.57862   -7.85059  11.61248  1.000 30.24448  ? 2   GLN B CD   1 
ATOM   813  O  OE1  . GLN B 1 2  ? 2.65365   -7.30657  11.35229  1.000 34.69684  ? 2   GLN B OE1  1 
ATOM   814  N  NE2  . GLN B 1 2  ? 1.50264   -9.02975  12.18139  1.000 35.57376  ? 2   GLN B NE2  1 
ATOM   815  H  H    . GLN B 1 2  ? -1.63217  -5.87912  8.94835   1.000 38.17950  ? 2   GLN B H    1 
ATOM   816  H  HA   . GLN B 1 2  ? -0.93879  -4.50690  11.18199  1.000 34.99378  ? 2   GLN B HA   1 
ATOM   817  H  HB2  . GLN B 1 2  ? 0.96231   -6.05165  9.80410   1.000 33.28090  ? 2   GLN B HB2  1 
ATOM   818  H  HB3  . GLN B 1 2  ? 1.15433   -5.35472  11.20751  1.000 33.28090  ? 2   GLN B HB3  1 
ATOM   819  H  HG2  . GLN B 1 2  ? -0.18015  -6.98599  12.17050  1.000 36.12340  ? 2   GLN B HG2  1 
ATOM   820  H  HG3  . GLN B 1 2  ? -0.26359  -7.71208  10.75571  1.000 36.12340  ? 2   GLN B HG3  1 
ATOM   821  H  HE21 . GLN B 1 2  ? 0.73427   -9.37430  12.35508  1.000 42.78557  ? 2   GLN B HE21 1 
ATOM   822  H  HE22 . GLN B 1 2  ? 2.22082   -9.46590  12.36393  1.000 42.78557  ? 2   GLN B HE22 1 
ATOM   823  N  N    . ILE B 1 3  ? 0.37088   -2.79880  9.96264   1.000 33.22908  ? 3   ILE B N    1 
ATOM   824  C  CA   . ILE B 1 3  ? 0.96229   -1.68897  9.22586   1.000 30.24895  ? 3   ILE B CA   1 
ATOM   825  C  C    . ILE B 1 3  ? 2.32805   -1.43339  9.87661   1.000 25.97450  ? 3   ILE B C    1 
ATOM   826  O  O    . ILE B 1 3  ? 2.40256   -1.20425  11.08356  1.000 30.05695  ? 3   ILE B O    1 
ATOM   827  C  CB   . ILE B 1 3  ? 0.09982   -0.41900  9.30543   1.000 36.48590  ? 3   ILE B CB   1 
ATOM   828  C  CG1  . ILE B 1 3  ? -1.31059  -0.70242  8.78531   1.000 53.82603  ? 3   ILE B CG1  1 
ATOM   829  C  CG2  . ILE B 1 3  ? 0.74022   0.70779   8.51106   1.000 39.41002  ? 3   ILE B CG2  1 
ATOM   830  C  CD1  . ILE B 1 3  ? -1.34744  -1.19053  7.35439   1.000 57.98805  ? 3   ILE B CD1  1 
ATOM   831  H  H    . ILE B 1 3  ? 0.45124   -2.72180  10.81456  1.000 39.97195  ? 3   ILE B H    1 
ATOM   832  H  HA   . ILE B 1 3  ? 1.08939   -1.94064  8.29826   1.000 36.39580  ? 3   ILE B HA   1 
ATOM   833  H  HB   . ILE B 1 3  ? 0.03766   -0.14516  10.23391  1.000 43.88013  ? 3   ILE B HB   1 
ATOM   834  H  HG12 . ILE B 1 3  ? -1.71121  -1.39042  9.33956   1.000 64.68829  ? 3   ILE B HG12 1 
ATOM   835  H  HG13 . ILE B 1 3  ? -1.84898  0.10250   8.82698   1.000 64.68829  ? 3   ILE B HG13 1 
ATOM   836  H  HG21 . ILE B 1 3  ? 0.29660   1.47517   8.93867   1.000 47.38908  ? 3   ILE B HG21 1 
ATOM   837  H  HG22 . ILE B 1 3  ? 1.60432   0.43073   8.85519   1.000 47.38908  ? 3   ILE B HG22 1 
ATOM   838  H  HG23 . ILE B 1 3  ? 0.36820   0.38979   7.65524   1.000 47.38908  ? 3   ILE B HG23 1 
ATOM   839  H  HD11 . ILE B 1 3  ? -2.23396  -1.53254  7.16254   1.000 69.68272  ? 3   ILE B HD11 1 
ATOM   840  H  HD12 . ILE B 1 3  ? -1.14349  -0.45413  6.75736   1.000 69.68272  ? 3   ILE B HD12 1 
ATOM   841  H  HD13 . ILE B 1 3  ? -0.69193  -1.89761  7.24955   1.000 69.68272  ? 3   ILE B HD13 1 
ATOM   842  N  N    . ARG B 1 4  ? 3.40349   -1.47405  9.09041   1.000 27.29585  ? 4   ARG B N    1 
ATOM   843  C  CA   . ARG B 1 4  ? 4.75705   -1.28213  9.62132   1.000 28.03769  ? 4   ARG B CA   1 
ATOM   844  C  C    . ARG B 1 4  ? 5.43731   -0.19138  8.82041   1.000 37.93395  ? 4   ARG B C    1 
ATOM   845  O  O    . ARG B 1 4  ? 5.40397   -0.22449  7.58061   1.000 31.96864  ? 4   ARG B O    1 
ATOM   846  C  CB   . ARG B 1 4  ? 5.57184   -2.56105  9.50234   1.000 33.07512  ? 4   ARG B CB   1 
ATOM   847  C  CG   . ARG B 1 4  ? 4.82253   -3.82014  9.81573   1.000 30.24853  ? 4   ARG B CG   1 
ATOM   848  C  CD   . ARG B 1 4  ? 5.67086   -5.05411  9.51461   1.000 31.87063  ? 4   ARG B CD   1 
ATOM   849  N  NE   . ARG B 1 4  ? 5.09140   -6.28870  10.08225  1.000 30.93946  ? 4   ARG B NE   1 
ATOM   850  C  CZ   . ARG B 1 4  ? 5.56654   -7.50873  9.85199   1.000 36.71476  ? 4   ARG B CZ   1 
ATOM   851  N  NH1  . ARG B 1 4  ? 4.98775   -8.56612  10.39484  1.000 34.86217  ? 4   ARG B NH1  1 
ATOM   852  N  NH2  . ARG B 1 4  ? 6.63340   -7.67249  9.07278   1.000 40.87231  ? 4   ARG B NH2  1 
ATOM   853  H  H    . ARG B 1 4  ? 3.37804   -1.61278  8.24166   1.000 32.85207  ? 4   ARG B H    1 
ATOM   854  H  HA   . ARG B 1 4  ? 4.72043   -1.01436  10.55278  1.000 33.74229  ? 4   ARG B HA   1 
ATOM   855  H  HB2  . ARG B 1 4  ? 5.89427   -2.63432  8.59182   1.000 39.78720  ? 4   ARG B HB2  1 
ATOM   856  H  HB3  . ARG B 1 4  ? 6.32748   -2.50708  10.10647  1.000 39.78720  ? 4   ARG B HB3  1 
ATOM   857  H  HG2  . ARG B 1 4  ? 4.59091   -3.83070  10.75792  1.000 36.39529  ? 4   ARG B HG2  1 
ATOM   858  H  HG3  . ARG B 1 4  ? 4.02183   -3.86899  9.27167   1.000 36.39529  ? 4   ARG B HG3  1 
ATOM   859  H  HD2  . ARG B 1 4  ? 5.73651   -5.16688  8.55406   1.000 38.34181  ? 4   ARG B HD2  1 
ATOM   860  H  HD3  . ARG B 1 4  ? 6.55429   -4.93238  9.89700   1.000 38.34181  ? 4   ARG B HD3  1 
ATOM   861  H  HE   . ARG B 1 4  ? 4.37204   -6.21888  10.54818  1.000 37.22440  ? 4   ARG B HE   1 
ATOM   862  H  HH11 . ARG B 1 4  ? 4.29925   -8.46700  10.90091  1.000 41.93166  ? 4   ARG B HH11 1 
ATOM   863  H  HH12 . ARG B 1 4  ? 5.30092   -9.35221  10.24439  1.000 41.93166  ? 4   ARG B HH12 1 
ATOM   864  H  HH21 . ARG B 1 4  ? 7.01681   -6.99146  8.71407   1.000 49.14382  ? 4   ARG B HH21 1 
ATOM   865  H  HH22 . ARG B 1 4  ? 6.93908   -8.46251  8.92650   1.000 49.14382  ? 4   ARG B HH22 1 
ATOM   866  N  N    . GLU B 1 5  ? 6.04853   0.77080   9.52241   1.000 35.41619  ? 5   GLU B N    1 
ATOM   867  C  CA   . GLU B 1 5  ? 6.67821   1.94628   8.94002   1.000 33.75106  ? 5   GLU B CA   1 
ATOM   868  C  C    . GLU B 1 5  ? 8.19303   1.82221   9.02005   1.000 43.52334  ? 5   GLU B C    1 
ATOM   869  O  O    . GLU B 1 5  ? 8.73285   1.42369   10.06772  1.000 37.20308  ? 5   GLU B O    1 
ATOM   870  C  CB   . GLU B 1 5  ? 6.33878   3.21236   9.73163   1.000 37.28891  ? 5   GLU B CB   1 
ATOM   871  C  CG   . GLU B 1 5  ? 5.42941   4.21126   9.15575   1.000 42.00526  ? 5   GLU B CG   1 
ATOM   872  C  CD   . GLU B 1 5  ? 5.56732   5.52761   9.84338   1.000 49.73844  ? 5   GLU B CD   1 
ATOM   873  O  OE1  . GLU B 1 5  ? 6.05074   5.54932   11.01899  1.000 56.68871  ? 5   GLU B OE1  1 
ATOM   874  O  OE2  . GLU B 1 5  ? 5.25218   6.57689   9.23472   1.000 41.47994  ? 5   GLU B OE2  1 
ATOM   875  H  H    . GLU B 1 5  ? 6.10917   0.75486   10.37972  1.000 42.59648  ? 5   GLU B H    1 
ATOM   876  H  HA   . GLU B 1 5  ? 6.40842   2.05726   8.01476   1.000 40.59833  ? 5   GLU B HA   1 
ATOM   877  H  HB2  . GLU B 1 5  ? 5.94551   2.93330   10.57321  1.000 44.84375  ? 5   GLU B HB2  1 
ATOM   878  H  HB3  . GLU B 1 5  ? 7.17290   3.67183   9.91458   1.000 44.84375  ? 5   GLU B HB3  1 
ATOM   879  H  HG2  . GLU B 1 5  ? 5.64092   4.33377   8.21740   1.000 50.50336  ? 5   GLU B HG2  1 
ATOM   880  H  HG3  . GLU B 1 5  ? 4.51374   3.90855   9.25834   1.000 50.50336  ? 5   GLU B HG3  1 
ATOM   881  N  N    . TYR B 1 6  ? 8.87456   2.27292   7.96698   1.000 37.38847  ? 6   TYR B N    1 
ATOM   882  C  CA   . TYR B 1 6  ? 10.33570  2.38694   7.95834   1.000 40.01703  ? 6   TYR B CA   1 
ATOM   883  C  C    . TYR B 1 6  ? 10.71613  3.68827   7.25022   1.000 51.06285  ? 6   TYR B C    1 
ATOM   884  O  O    . TYR B 1 6  ? 10.58573  3.79931   6.02515   1.000 43.99463  ? 6   TYR B O    1 
ATOM   885  C  CB   . TYR B 1 6  ? 10.95309  1.16941   7.26863   1.000 44.01228  ? 6   TYR B CB   1 
ATOM   886  C  CG   . TYR B 1 6  ? 10.47192  -0.14555  7.85110   1.000 49.50235  ? 6   TYR B CG   1 
ATOM   887  C  CD1  . TYR B 1 6  ? 11.05839  -0.67521  8.98847   1.000 52.03882  ? 6   TYR B CD1  1 
ATOM   888  C  CD2  . TYR B 1 6  ? 9.42986   -0.84389  7.27746   1.000 47.51168  ? 6   TYR B CD2  1 
ATOM   889  C  CE1  . TYR B 1 6  ? 10.61967  -1.86490  9.54050   1.000 48.02865  ? 6   TYR B CE1  1 
ATOM   890  C  CE2  . TYR B 1 6  ? 8.98493   -2.05607  7.82995   1.000 47.70890  ? 6   TYR B CE2  1 
ATOM   891  C  CZ   . TYR B 1 6  ? 9.60075   -2.55383  8.96817   1.000 45.96496  ? 6   TYR B CZ   1 
ATOM   892  O  OH   . TYR B 1 6  ? 9.20008   -3.73180  9.55114   1.000 37.04736  ? 6   TYR B OH   1 
ATOM   893  H  H    . TYR B 1 6  ? 8.50649   2.52403   7.23143   1.000 44.96322  ? 6   TYR B H    1 
ATOM   894  H  HA   . TYR B 1 6  ? 10.66453  2.42504   8.87018   1.000 48.11750  ? 6   TYR B HA   1 
ATOM   895  H  HB2  . TYR B 1 6  ? 10.71549  1.18523   6.32816   1.000 52.91179  ? 6   TYR B HB2  1 
ATOM   896  H  HB3  . TYR B 1 6  ? 11.91682  1.20567   7.36792   1.000 52.91179  ? 6   TYR B HB3  1 
ATOM   897  H  HD1  . TYR B 1 6  ? 11.75903  -0.21715  9.39454   1.000 62.54364  ? 6   TYR B HD1  1 
ATOM   898  H  HD2  . TYR B 1 6  ? 9.01803   -0.50943  6.51371   1.000 57.11107  ? 6   TYR B HD2  1 
ATOM   899  H  HE1  . TYR B 1 6  ? 11.03277  -2.20037  10.30271  1.000 57.73143  ? 6   TYR B HE1  1 
ATOM   900  H  HE2  . TYR B 1 6  ? 8.28324   -2.52149  7.43496   1.000 57.34774  ? 6   TYR B HE2  1 
ATOM   901  H  HH   . TYR B 1 6  ? 8.56674   -4.06805  9.11406   1.000 44.55388  ? 6   TYR B HH   1 
ATOM   902  N  N    . LYS B 1 7  ? 11.18387  4.67643   8.00894   1.000 51.33955  ? 7   LYS B N    1 
ATOM   903  C  CA   . LYS B 1 7  ? 11.53362  5.98047   7.44773   1.000 52.91001  ? 7   LYS B CA   1 
ATOM   904  C  C    . LYS B 1 7  ? 12.99345  5.96917   7.00806   1.000 56.86250  ? 7   LYS B C    1 
ATOM   905  O  O    . LYS B 1 7  ? 13.87989  5.66595   7.80917   1.000 58.25689  ? 7   LYS B O    1 
ATOM   906  C  CB   . LYS B 1 7  ? 11.27518  7.08849   8.46979   1.000 56.83168  ? 7   LYS B CB   1 
ATOM   907  C  CG   . LYS B 1 7  ? 9.79296   7.49628   8.54654   1.000 62.41380  ? 7   LYS B CG   1 
ATOM   908  C  CD   . LYS B 1 7  ? 9.39749   8.07029   9.90769   1.000 67.66675  ? 7   LYS B CD   1 
ATOM   909  C  CE   . LYS B 1 7  ? 7.96438   8.63531   9.89256   1.000 71.15608  ? 7   LYS B CE   1 
ATOM   910  N  NZ   . LYS B 1 7  ? 7.60929   9.31243   11.19123  1.000 73.02187  ? 7   LYS B NZ   1 
ATOM   911  H  H    . LYS B 1 7  ? 11.30846  4.61687   8.85793   1.000 61.70451  ? 7   LYS B H    1 
ATOM   912  H  HA   . LYS B 1 7  ? 10.98289  6.15280   6.66850   1.000 63.58907  ? 7   LYS B HA   1 
ATOM   913  H  HB2  . LYS B 1 7  ? 11.54634  6.77768   9.34798   1.000 68.29507  ? 7   LYS B HB2  1 
ATOM   914  H  HB3  . LYS B 1 7  ? 11.78959  7.87288   8.22136   1.000 68.29507  ? 7   LYS B HB3  1 
ATOM   915  H  HG2  . LYS B 1 7  ? 9.62105   8.17785   7.87925   1.000 74.99362  ? 7   LYS B HG2  1 
ATOM   916  H  HG3  . LYS B 1 7  ? 9.24108   6.71765   8.37645   1.000 74.99362  ? 7   LYS B HG3  1 
ATOM   917  H  HD2  . LYS B 1 7  ? 9.43905   7.36766   10.57517  1.000 81.29715  ? 7   LYS B HD2  1 
ATOM   918  H  HD3  . LYS B 1 7  ? 10.00480  8.79031   10.13975  1.000 81.29715  ? 7   LYS B HD3  1 
ATOM   919  H  HE2  . LYS B 1 7  ? 7.88776   9.28872   9.18017   1.000 85.48435  ? 7   LYS B HE2  1 
ATOM   920  H  HE3  . LYS B 1 7  ? 7.33800   7.90958   9.74913   1.000 85.48435  ? 7   LYS B HE3  1 
ATOM   921  H  HZ1  . LYS B 1 7  ? 8.16806   9.98751   11.34431  1.000 87.72330  ? 7   LYS B HZ1  1 
ATOM   922  H  HZ2  . LYS B 1 7  ? 6.77738   9.62779   11.15198  1.000 87.72330  ? 7   LYS B HZ2  1 
ATOM   923  H  HZ3  . LYS B 1 7  ? 7.66685   8.73058   11.86261  1.000 87.72330  ? 7   LYS B HZ3  1 
ATOM   924  N  N    . ARG B 1 8  ? 13.23828  6.29768   5.73231   1.000 56.81120  ? 8   ARG B N    1 
ATOM   925  C  CA   . ARG B 1 8  ? 14.55453  6.17394   5.09799   1.000 63.29523  ? 8   ARG B CA   1 
ATOM   926  C  C    . ARG B 1 8  ? 14.91233  7.52890   4.49789   1.000 70.49462  ? 8   ARG B C    1 
ATOM   927  O  O    . ARG B 1 8  ? 14.68434  7.78375   3.31263   1.000 68.64877  ? 8   ARG B O    1 
ATOM   928  C  CB   . ARG B 1 8  ? 14.56876  5.07336   4.03423   1.000 65.93542  ? 8   ARG B CB   1 
ATOM   929  C  CG   . ARG B 1 8  ? 14.26285  3.67281   4.54786   1.000 67.07814  ? 8   ARG B CG   1 
ATOM   930  C  CD   . ARG B 1 8  ? 15.53152  2.95436   4.95452   1.000 67.46765  ? 8   ARG B CD   1 
ATOM   931  N  NE   . ARG B 1 8  ? 15.24498  1.71970   5.67983   1.000 65.76214  ? 8   ARG B NE   1 
ATOM   932  C  CZ   . ARG B 1 8  ? 14.90908  1.66572   6.96746   1.000 60.61993  ? 8   ARG B CZ   1 
ATOM   933  N  NH1  . ARG B 1 8  ? 14.67554  0.49672   7.53658   1.000 66.16713  ? 8   ARG B NH1  1 
ATOM   934  N  NH2  . ARG B 1 8  ? 14.80315  2.77519   7.68989   1.000 65.26657  ? 8   ARG B NH2  1 
ATOM   935  H  H    . ARG B 1 8  ? 12.63618  6.60397   5.19988   1.000 68.27049  ? 8   ARG B H    1 
ATOM   936  H  HA   . ARG B 1 8  ? 15.21766  5.95469   5.77084   1.000 76.05133  ? 8   ARG B HA   1 
ATOM   937  H  HB2  . ARG B 1 8  ? 13.90573  5.28819   3.35982   1.000 79.21956  ? 8   ARG B HB2  1 
ATOM   938  H  HB3  . ARG B 1 8  ? 15.44934  5.04904   3.62768   1.000 79.21956  ? 8   ARG B HB3  1 
ATOM   939  H  HG2  . ARG B 1 8  ? 13.68415  3.73350   5.32366   1.000 80.59082  ? 8   ARG B HG2  1 
ATOM   940  H  HG3  . ARG B 1 8  ? 13.83329  3.16009   3.84558   1.000 80.59082  ? 8   ARG B HG3  1 
ATOM   941  H  HD2  . ARG B 1 8  ? 16.03729  2.72615   4.15893   1.000 81.05823  ? 8   ARG B HD2  1 
ATOM   942  H  HD3  . ARG B 1 8  ? 16.05749  3.53239   5.52956   1.000 81.05823  ? 8   ARG B HD3  1 
ATOM   943  H  HE   . ARG B 1 8  ? 15.29638  0.97865   5.24667   1.000 79.01162  ? 8   ARG B HE   1 
ATOM   944  H  HH11 . ARG B 1 8  ? 14.74158  -0.22415  7.07442   1.000 79.49761  ? 8   ARG B HH11 1 
ATOM   945  H  HH12 . ARG B 1 8  ? 14.45506  0.45785   8.36682   1.000 79.49761  ? 8   ARG B HH12 1 
ATOM   946  H  HH21 . ARG B 1 8  ? 14.95362  3.54177   7.33093   1.000 78.41694  ? 8   ARG B HH21 1 
ATOM   947  H  HH22 . ARG B 1 8  ? 14.58364  2.72574   8.52005   1.000 78.41694  ? 8   ARG B HH22 1 
ATOM   948  N  N    . CYS B 1 9  ? 15.46490  8.40331   5.32363   1.000 72.21826  ? 9   CYS B N    1 
ATOM   949  C  CA   . CYS B 1 9  ? 16.03450  9.64013   4.81782   1.000 74.78936  ? 9   CYS B CA   1 
ATOM   950  C  C    . CYS B 1 9  ? 17.42870  9.38917   4.25041   1.000 75.63839  ? 9   CYS B C    1 
ATOM   951  O  O    . CYS B 1 9  ? 18.08192  8.38593   4.54732   1.000 81.05741  ? 9   CYS B O    1 
ATOM   952  C  CB   . CYS B 1 9  ? 16.10446  10.68777  5.92141   1.000 62.12382  ? 9   CYS B CB   1 
ATOM   953  S  SG   . CYS B 1 9  ? 14.51116  11.08520  6.65214   1.000 60.76739  ? 9   CYS B SG   1 
ATOM   954  H  H    . CYS B 1 9  ? 15.52330  8.30557   6.17597   1.000 86.75897  ? 9   CYS B H    1 
ATOM   955  H  HA   . CYS B 1 9  ? 15.47310  9.98540   4.10591   1.000 89.84429  ? 9   CYS B HA   1 
ATOM   956  H  HB2  . CYS B 1 9  ? 16.68054  10.35835  6.62861   1.000 74.64564  ? 9   CYS B HB2  1 
ATOM   957  H  HB3  . CYS B 1 9  ? 16.47330  11.50565  5.55228   1.000 74.64564  ? 9   CYS B HB3  1 
ATOM   958  N  N    . GLY B 1 10 ? 17.88542  10.32496  3.42303   1.000 72.17299  ? 10  GLY B N    1 
ATOM   959  C  CA   . GLY B 1 10 ? 19.20161  10.19619  2.83157   1.000 70.58489  ? 10  GLY B CA   1 
ATOM   960  C  C    . GLY B 1 10 ? 19.32805  9.10913   1.79196   1.000 73.35566  ? 10  GLY B C    1 
ATOM   961  O  O    . GLY B 1 10 ? 20.44337  8.65388   1.52417   1.000 75.10633  ? 10  GLY B O    1 
ATOM   962  H  H    . GLY B 1 10 ? 17.45520  11.03396  3.19327   1.000 86.70465  ? 10  GLY B H    1 
ATOM   963  H  HA2  . GLY B 1 10 ? 19.44322  11.03776  2.41458   1.000 84.79892  ? 10  GLY B HA2  1 
ATOM   964  H  HA3  . GLY B 1 10 ? 19.84556  10.01425  3.53370   1.000 84.79892  ? 10  GLY B HA3  1 
ATOM   965  N  N    . GLN B 1 11 ? 18.21766  8.68207   1.18812   1.000 73.72913  ? 11  GLN B N    1 
ATOM   966  C  CA   . GLN B 1 11 ? 18.23382  7.62652   0.19334   1.000 67.74132  ? 11  GLN B CA   1 
ATOM   967  C  C    . GLN B 1 11 ? 17.43598  8.04652   -1.03222  1.000 68.43124  ? 11  GLN B C    1 
ATOM   968  O  O    . GLN B 1 11 ? 16.47765  8.81670   -0.93954  1.000 69.13068  ? 11  GLN B O    1 
ATOM   969  C  CB   . GLN B 1 11 ? 17.66073  6.31715   0.75724   1.000 80.90016  ? 11  GLN B CB   1 
ATOM   970  C  CG   . GLN B 1 11 ? 18.48117  5.71606   1.91506   1.000 84.66035  ? 11  GLN B CG   1 
ATOM   971  C  CD   . GLN B 1 11 ? 18.05835  4.28864   2.26844   1.000 85.53682  ? 11  GLN B CD   1 
ATOM   972  O  OE1  . GLN B 1 11 ? 17.24964  3.66915   1.56734   1.000 83.39678  ? 11  GLN B OE1  1 
ATOM   973  N  NE2  . GLN B 1 11 ? 18.61235  3.76080   3.35117   1.000 72.43885  ? 11  GLN B NE2  1 
ATOM   974  H  H    . GLN B 1 11 ? 17.43277  8.99736   1.34493   1.000 88.57202  ? 11  GLN B H    1 
ATOM   975  H  HA   . GLN B 1 11 ? 19.14757  7.46038   -0.08613  1.000 81.38664  ? 11  GLN B HA   1 
ATOM   976  H  HB2  . GLN B 1 11 ? 16.76457  6.48625   1.08762   1.000 97.17725  ? 11  GLN B HB2  1 
ATOM   977  H  HB3  . GLN B 1 11 ? 17.62910  5.65913   0.04478   1.000 97.17725  ? 11  GLN B HB3  1 
ATOM   978  H  HG2  . GLN B 1 11 ? 19.41693  5.69718   1.66160   1.000 101.68947 ? 11  GLN B HG2  1 
ATOM   979  H  HG3  . GLN B 1 11 ? 18.36308  6.26698   2.70420   1.000 101.68947 ? 11  GLN B HG3  1 
ATOM   980  H  HE21 . GLN B 1 11 ? 19.17296  4.21964   3.81506   1.000 87.02368  ? 11  GLN B HE21 1 
ATOM   981  H  HE22 . GLN B 1 11 ? 18.40802  2.96050   3.59216   1.000 87.02368  ? 11  GLN B HE22 1 
ATOM   982  N  N    . ASP B 1 12 ? 17.82874  7.52028   -2.18585  1.000 74.47906  ? 12  ASP B N    1 
ATOM   983  C  CA   . ASP B 1 12 ? 17.14079  7.82287   -3.43037  1.000 74.78828  ? 12  ASP B CA   1 
ATOM   984  C  C    . ASP B 1 12 ? 15.80180  7.09677   -3.45587  1.000 74.09465  ? 12  ASP B C    1 
ATOM   985  O  O    . ASP B 1 12 ? 15.61276  6.09672   -2.76345  1.000 71.60543  ? 12  ASP B O    1 
ATOM   986  C  CB   . ASP B 1 12 ? 17.99057  7.39958   -4.62874  1.000 85.32756  ? 12  ASP B CB   1 
ATOM   987  C  CG   . ASP B 1 12 ? 17.84736  8.34352   -5.80716  1.000 101.15067 ? 12  ASP B CG   1 
ATOM   988  O  OD1  . ASP B 1 12 ? 16.80615  8.28267   -6.49472  1.000 93.98254  ? 12  ASP B OD1  1 
ATOM   989  O  OD2  . ASP B 1 12 ? 18.77388  9.14458   -6.04542  1.000 104.88560 ? 12  ASP B OD2  1 
ATOM   990  H  H    . ASP B 1 12 ? 18.49413  6.98311   -2.27325  1.000 89.47193  ? 12  ASP B H    1 
ATOM   991  H  HA   . ASP B 1 12 ? 16.97654  8.77694   -3.48855  1.000 89.84300  ? 12  ASP B HA   1 
ATOM   992  H  HB2  . ASP B 1 12 ? 18.92449  7.38627   -4.36654  1.000 102.49013 ? 12  ASP B HB2  1 
ATOM   993  H  HB3  . ASP B 1 12 ? 17.71390  6.51531   -4.91615  1.000 102.49013 ? 12  ASP B HB3  1 
ATOM   994  N  N    . GLU B 1 13 ? 14.87476  7.60711   -4.25813  1.000 71.76622  ? 13  GLU B N    1 
ATOM   995  C  CA   . GLU B 1 13 ? 13.54652  7.00588   -4.37831  1.000 69.19235  ? 13  GLU B CA   1 
ATOM   996  C  C    . GLU B 1 13 ? 13.63612  5.60088   -4.96881  1.000 72.36431  ? 13  GLU B C    1 
ATOM   997  O  O    . GLU B 1 13 ? 13.05014  4.65406   -4.43067  1.000 72.01270  ? 13  GLU B O    1 
ATOM   998  C  CB   . GLU B 1 13 ? 12.62277  7.88990   -5.23268  1.000 65.20897  ? 13  GLU B CB   1 
ATOM   999  C  CG   . GLU B 1 13 ? 11.13149  7.50799   -5.17352  1.000 58.70517  ? 13  GLU B CG   1 
ATOM   1000 C  CD   . GLU B 1 13 ? 10.75288  6.37141   -6.12345  1.000 59.48499  ? 13  GLU B CD   1 
ATOM   1001 O  OE1  . GLU B 1 13 ? 11.50297  6.14702   -7.09954  1.000 63.01718  ? 13  GLU B OE1  1 
ATOM   1002 O  OE2  . GLU B 1 13 ? 9.71305   5.70646   -5.89619  1.000 54.61916  ? 13  GLU B OE2  1 
ATOM   1003 H  H    . GLU B 1 13 ? 14.98843  8.30470   -4.74729  1.000 86.21651  ? 13  GLU B H    1 
ATOM   1004 H  HA   . GLU B 1 13 ? 13.15417  6.93294   -3.49446  1.000 83.12787  ? 13  GLU B HA   1 
ATOM   1005 H  HB2  . GLU B 1 13 ? 12.70501  8.80695   -4.92927  1.000 78.34781  ? 13  GLU B HB2  1 
ATOM   1006 H  HB3  . GLU B 1 13 ? 12.90772  7.83036   -6.15846  1.000 78.34781  ? 13  GLU B HB3  1 
ATOM   1007 H  HG2  . GLU B 1 13 ? 10.91875  7.22218   -4.27186  1.000 70.54326  ? 13  GLU B HG2  1 
ATOM   1008 H  HG3  . GLU B 1 13 ? 10.59807  8.28048   -5.40596  1.000 70.54326  ? 13  GLU B HG3  1 
ATOM   1009 N  N    . GLU B 1 14 ? 14.37517  5.44433   -6.07426  1.000 68.71820  ? 14  GLU B N    1 
ATOM   1010 C  CA   . GLU B 1 14 ? 14.51319  4.13126   -6.69772  1.000 72.96029  ? 14  GLU B CA   1 
ATOM   1011 C  C    . GLU B 1 14 ? 15.02470  3.09426   -5.69973  1.000 67.19053  ? 14  GLU B C    1 
ATOM   1012 O  O    . GLU B 1 14 ? 14.57500  1.94065   -5.70892  1.000 63.49876  ? 14  GLU B O    1 
ATOM   1013 C  CB   . GLU B 1 14 ? 15.44594  4.22702   -7.90385  1.000 74.09820  ? 14  GLU B CB   1 
ATOM   1014 C  CG   . GLU B 1 14 ? 15.06926  3.33005   -9.06697  1.000 79.38030  ? 14  GLU B CG   1 
ATOM   1015 C  CD   . GLU B 1 14 ? 15.77176  3.73637   -10.35103 1.000 103.30015 ? 14  GLU B CD   1 
ATOM   1016 O  OE1  . GLU B 1 14 ? 17.02507  3.73687   -10.37681 1.000 103.76795 ? 14  GLU B OE1  1 
ATOM   1017 O  OE2  . GLU B 1 14 ? 15.06910  4.07857   -11.32834 1.000 109.98733 ? 14  GLU B OE2  1 
ATOM   1018 H  H    . GLU B 1 14 ? 14.79978  6.07628   -6.47341  1.000 82.55890  ? 14  GLU B H    1 
ATOM   1019 H  HA   . GLU B 1 14 ? 13.64346  3.83997   -7.01270  1.000 87.64941  ? 14  GLU B HA   1 
ATOM   1020 H  HB2  . GLU B 1 14 ? 15.44353  5.14159   -8.22724  1.000 89.01490  ? 14  GLU B HB2  1 
ATOM   1021 H  HB3  . GLU B 1 14 ? 16.34142  3.98261   -7.62263  1.000 89.01490  ? 14  GLU B HB3  1 
ATOM   1022 H  HG2  . GLU B 1 14 ? 15.32283  2.41701   -8.85979  1.000 95.35342  ? 14  GLU B HG2  1 
ATOM   1023 H  HG3  . GLU B 1 14 ? 14.11229  3.38595   -9.21625  1.000 95.35342  ? 14  GLU B HG3  1 
ATOM   1024 N  N    . ARG B 1 15 ? 15.94181  3.49077   -4.80968  1.000 65.50429  ? 15  ARG B N    1 
ATOM   1025 C  CA   . ARG B 1 15 ? 16.50661  2.52667   -3.86846  1.000 67.62325  ? 15  ARG B CA   1 
ATOM   1026 C  C    . ARG B 1 15 ? 15.51447  2.16203   -2.77170  1.000 63.73486  ? 15  ARG B C    1 
ATOM   1027 O  O    . ARG B 1 15 ? 15.25589  0.97705   -2.52391  1.000 62.05668  ? 15  ARG B O    1 
ATOM   1028 C  CB   . ARG B 1 15 ? 17.77875  3.06344   -3.23242  1.000 71.35445  ? 15  ARG B CB   1 
ATOM   1029 C  CG   . ARG B 1 15 ? 18.51763  1.95852   -2.49771  1.000 72.45575  ? 15  ARG B CG   1 
ATOM   1030 C  CD   . ARG B 1 15 ? 19.01602  2.37446   -1.12602  1.000 75.94478  ? 15  ARG B CD   1 
ATOM   1031 N  NE   . ARG B 1 15 ? 20.28222  1.71320   -0.83404  1.000 85.74766  ? 15  ARG B NE   1 
ATOM   1032 C  CZ   . ARG B 1 15 ? 20.94748  1.80665   0.31580   1.000 86.01631  ? 15  ARG B CZ   1 
ATOM   1033 N  NH1  . ARG B 1 15 ? 20.45954  2.52497   1.31870   1.000 76.49859  ? 15  ARG B NH1  1 
ATOM   1034 N  NH2  . ARG B 1 15 ? 22.10397  1.17187   0.46216   1.000 92.27710  ? 15  ARG B NH2  1 
ATOM   1035 H  H    . ARG B 1 15 ? 16.24538  4.29185   -4.73343  1.000 78.70221  ? 15  ARG B H    1 
ATOM   1036 H  HA   . ARG B 1 15 ? 16.73297  1.71431   -4.34820  1.000 81.24496  ? 15  ARG B HA   1 
ATOM   1037 H  HB2  . ARG B 1 15 ? 18.36153  3.41482   -3.92368  1.000 85.72240  ? 15  ARG B HB2  1 
ATOM   1038 H  HB3  . ARG B 1 15 ? 17.55066  3.75936   -2.59696  1.000 85.72240  ? 15  ARG B HB3  1 
ATOM   1039 H  HG2  . ARG B 1 15 ? 17.92864  1.19708   -2.38239  1.000 87.04396  ? 15  ARG B HG2  1 
ATOM   1040 H  HG3  . ARG B 1 15 ? 19.28892  1.69848   -3.02520  1.000 87.04396  ? 15  ARG B HG3  1 
ATOM   1041 H  HD2  . ARG B 1 15 ? 19.16096  3.33301   -1.10762  1.000 91.23079  ? 15  ARG B HD2  1 
ATOM   1042 H  HD3  . ARG B 1 15 ? 18.36862  2.11548   -0.45232  1.000 91.23079  ? 15  ARG B HD3  1 
ATOM   1043 H  HE   . ARG B 1 15 ? 20.61590  1.20734   -1.44456  1.000 102.99425 ? 15  ARG B HE   1 
ATOM   1044 H  HH11 . ARG B 1 15 ? 19.71561  2.93837   1.22259   1.000 91.89536  ? 15  ARG B HH11 1 
ATOM   1045 H  HH12 . ARG B 1 15 ? 20.89103  2.57975   2.06097   1.000 91.89536  ? 15  ARG B HH12 1 
ATOM   1046 H  HH21 . ARG B 1 15 ? 22.42114  0.70093   -0.18413  1.000 110.82957 ? 15  ARG B HH21 1 
ATOM   1047 H  HH22 . ARG B 1 15 ? 22.53160  1.22326   1.20605   1.000 110.82957 ? 15  ARG B HH22 1 
ATOM   1048 N  N    . VAL B 1 16 ? 14.99746  3.16334   -2.05474  1.000 61.27696  ? 16  VAL B N    1 
ATOM   1049 C  CA   . VAL B 1 16 ? 14.04386  2.87340   -0.98201  1.000 62.62226  ? 16  VAL B CA   1 
ATOM   1050 C  C    . VAL B 1 16 ? 12.83797  2.09327   -1.51492  1.000 59.27988  ? 16  VAL B C    1 
ATOM   1051 O  O    . VAL B 1 16 ? 12.34363  1.16992   -0.85338  1.000 52.60608  ? 16  VAL B O    1 
ATOM   1052 C  CB   . VAL B 1 16 ? 13.62097  4.17164   -0.25958  1.000 62.20239  ? 16  VAL B CB   1 
ATOM   1053 C  CG1  . VAL B 1 16 ? 13.18565  5.23769   -1.24148  1.000 69.00186  ? 16  VAL B CG1  1 
ATOM   1054 C  CG2  . VAL B 1 16 ? 12.48347  3.88479   0.73255   1.000 52.97275  ? 16  VAL B CG2  1 
ATOM   1055 H  H    . VAL B 1 16 ? 15.18104  3.99592   -2.16443  1.000 73.62941  ? 16  VAL B H    1 
ATOM   1056 H  HA   . VAL B 1 16 ? 14.48413  2.30994   -0.32718  1.000 75.24377  ? 16  VAL B HA   1 
ATOM   1057 H  HB   . VAL B 1 16 ? 14.37712  4.51484   0.24134   1.000 74.73993  ? 16  VAL B HB   1 
ATOM   1058 H  HG11 . VAL B 1 16 ? 13.73792  6.02566   -1.11678  1.000 82.89929  ? 16  VAL B HG11 1 
ATOM   1059 H  HG12 . VAL B 1 16 ? 13.28406  4.90533   -2.14404  1.000 82.89929  ? 16  VAL B HG12 1 
ATOM   1060 H  HG13 . VAL B 1 16 ? 12.25563  5.45662   -1.07614  1.000 82.89929  ? 16  VAL B HG13 1 
ATOM   1061 H  HG21 . VAL B 1 16 ? 12.37675  4.65242   1.31631   1.000 63.66436  ? 16  VAL B HG21 1 
ATOM   1062 H  HG22 . VAL B 1 16 ? 11.66077  3.72666   0.24293   1.000 63.66436  ? 16  VAL B HG22 1 
ATOM   1063 H  HG23 . VAL B 1 16 ? 12.71350  3.10239   1.25779   1.000 63.66436  ? 16  VAL B HG23 1 
ATOM   1064 N  N    . ARG B 1 17 ? 12.34340  2.43932   -2.71111  1.000 53.94629  ? 17  ARG B N    1 
ATOM   1065 C  CA   . ARG B 1 17 ? 11.25406  1.65638   -3.29655  1.000 56.45076  ? 17  ARG B CA   1 
ATOM   1066 C  C    . ARG B 1 17 ? 11.69841  0.22667   -3.57713  1.000 58.22753  ? 17  ARG B C    1 
ATOM   1067 O  O    . ARG B 1 17 ? 10.93921  -0.72631  -3.35150  1.000 53.53749  ? 17  ARG B O    1 
ATOM   1068 C  CB   . ARG B 1 17 ? 10.72607  2.31132   -4.58682  1.000 60.28949  ? 17  ARG B CB   1 
ATOM   1069 C  CG   . ARG B 1 17 ? 9.50699   1.54881   -5.21811  1.000 64.92869  ? 17  ARG B CG   1 
ATOM   1070 C  CD   . ARG B 1 17 ? 8.80243   2.29165   -6.38435  1.000 59.43609  ? 17  ARG B CD   1 
ATOM   1071 N  NE   . ARG B 1 17 ? 8.41792   3.65621   -6.03454  1.000 64.18934  ? 17  ARG B NE   1 
ATOM   1072 C  CZ   . ARG B 1 17 ? 7.20305   4.05170   -5.64831  1.000 69.99745  ? 17  ARG B CZ   1 
ATOM   1073 N  NH1  . ARG B 1 17 ? 7.01004   5.34384   -5.35860  1.000 65.76397  ? 17  ARG B NH1  1 
ATOM   1074 N  NH2  . ARG B 1 17 ? 6.17945   3.19614   -5.56122  1.000 65.96286  ? 17  ARG B NH2  1 
ATOM   1075 H  H    . ARG B 1 17 ? 12.61266  3.10155   -3.18826  1.000 64.83260  ? 17  ARG B H    1 
ATOM   1076 H  HA   . ARG B 1 17 ? 10.52149  1.61853   -2.66347  1.000 67.83797  ? 17  ARG B HA   1 
ATOM   1077 H  HB2  . ARG B 1 17 ? 10.43983  3.21612   -4.38507  1.000 72.44445  ? 17  ARG B HB2  1 
ATOM   1078 H  HB3  . ARG B 1 17 ? 11.43925  2.32960   -5.24392  1.000 72.44445  ? 17  ARG B HB3  1 
ATOM   1079 H  HG2  . ARG B 1 17 ? 9.81877   0.69719   -5.56137  1.000 78.01149  ? 17  ARG B HG2  1 
ATOM   1080 H  HG3  . ARG B 1 17 ? 8.84496   1.39774   -4.52496  1.000 78.01149  ? 17  ARG B HG3  1 
ATOM   1081 H  HD2  . ARG B 1 17 ? 9.41321   2.33996   -7.13656  1.000 71.42037  ? 17  ARG B HD2  1 
ATOM   1082 H  HD3  . ARG B 1 17 ? 8.00688   1.80038   -6.64002  1.000 71.42037  ? 17  ARG B HD3  1 
ATOM   1083 H  HE   . ARG B 1 17 ? 9.01754   4.26502   -6.12331  1.000 77.12426  ? 17  ARG B HE   1 
ATOM   1084 H  HH11 . ARG B 1 17 ? 7.66380   5.89942   -5.41597  1.000 79.01382  ? 17  ARG B HH11 1 
ATOM   1085 H  HH12 . ARG B 1 17 ? 6.23342   5.61806   -5.11232  1.000 79.01382  ? 17  ARG B HH12 1 
ATOM   1086 H  HH21 . ARG B 1 17 ? 6.29227   2.36414   -5.74531  1.000 79.25249  ? 17  ARG B HH21 1 
ATOM   1087 H  HH22 . ARG B 1 17 ? 5.40658   3.47844   -5.31256  1.000 79.25249  ? 17  ARG B HH22 1 
ATOM   1088 N  N    . ARG B 1 18 ? 12.92882  0.04760   -4.05989  1.000 60.07248  ? 18  ARG B N    1 
ATOM   1089 C  CA   . ARG B 1 18 ? 13.40588  -1.30117  -4.34873  1.000 60.72115  ? 18  ARG B CA   1 
ATOM   1090 C  C    . ARG B 1 18 ? 13.65693  -2.08727  -3.06340  1.000 60.39027  ? 18  ARG B C    1 
ATOM   1091 O  O    . ARG B 1 18 ? 13.37214  -3.29282  -3.00048  1.000 58.10100  ? 18  ARG B O    1 
ATOM   1092 C  CB   . ARG B 1 18 ? 14.66338  -1.23403  -5.20613  1.000 67.87499  ? 18  ARG B CB   1 
ATOM   1093 C  CG   . ARG B 1 18 ? 15.22264  -2.59127  -5.61115  1.000 64.60404  ? 18  ARG B CG   1 
ATOM   1094 C  CD   . ARG B 1 18 ? 16.53016  -2.43711  -6.40283  1.000 72.71422  ? 18  ARG B CD   1 
ATOM   1095 N  NE   . ARG B 1 18 ? 17.56715  -1.77379  -5.61052  1.000 79.45134  ? 18  ARG B NE   1 
ATOM   1096 C  CZ   . ARG B 1 18 ? 18.10427  -0.58365  -5.87568  1.000 72.14038  ? 18  ARG B CZ   1 
ATOM   1097 N  NH1  . ARG B 1 18 ? 17.73180  0.12406   -6.94266  1.000 65.00923  ? 18  ARG B NH1  1 
ATOM   1098 N  NH2  . ARG B 1 18 ? 19.03635  -0.10575  -5.06077  1.000 65.20606  ? 18  ARG B NH2  1 
ATOM   1099 H  H    . ARG B 1 18 ? 13.49328  0.67485   -4.22482  1.000 72.18404  ? 18  ARG B H    1 
ATOM   1100 H  HA   . ARG B 1 18 ? 12.72567  -1.77117  -4.85546  1.000 72.96243  ? 18  ARG B HA   1 
ATOM   1101 H  HB2  . ARG B 1 18 ? 14.45908  -0.74555  -6.01838  1.000 81.54704  ? 18  ARG B HB2  1 
ATOM   1102 H  HB3  . ARG B 1 18 ? 15.35239  -0.76665  -4.70861  1.000 81.54704  ? 18  ARG B HB3  1 
ATOM   1103 H  HG2  . ARG B 1 18 ? 15.41031  -3.11583  -4.81703  1.000 77.62191  ? 18  ARG B HG2  1 
ATOM   1104 H  HG3  . ARG B 1 18 ? 14.57845  -3.04960  -6.17236  1.000 77.62191  ? 18  ARG B HG3  1 
ATOM   1105 H  HD2  . ARG B 1 18 ? 16.85729  -3.31887  -6.64102  1.000 87.35413  ? 18  ARG B HD2  1 
ATOM   1106 H  HD3  . ARG B 1 18 ? 16.35599  -1.92380  -7.20442  1.000 87.35413  ? 18  ARG B HD3  1 
ATOM   1107 H  HE   . ARG B 1 18 ? 17.85417  -2.18801  -4.91410  1.000 95.43867  ? 18  ARG B HE   1 
ATOM   1108 H  HH11 . ARG B 1 18 ? 17.12954  -0.17299  -7.47704  1.000 78.10813  ? 18  ARG B HH11 1 
ATOM   1109 H  HH12 . ARG B 1 18 ? 18.09511  0.88922   -7.09363  1.000 78.10813  ? 18  ARG B HH12 1 
ATOM   1110 H  HH21 . ARG B 1 18 ? 19.28076  -0.56110  -4.37274  1.000 78.34433  ? 18  ARG B HH21 1 
ATOM   1111 H  HH22 . ARG B 1 18 ? 19.39563  0.65909   -5.22073  1.000 78.34433  ? 18  ARG B HH22 1 
ATOM   1112 N  N    . GLU B 1 19 ? 14.16956  -1.42144  -2.02027  1.000 59.50411  ? 19  GLU B N    1 
ATOM   1113 C  CA   . GLU B 1 19 ? 14.33449  -2.07878  -0.72516  1.000 56.34963  ? 19  GLU B CA   1 
ATOM   1114 C  C    . GLU B 1 19 ? 12.99137  -2.42156  -0.09698  1.000 57.15519  ? 19  GLU B C    1 
ATOM   1115 O  O    . GLU B 1 19 ? 12.85309  -3.46284  0.55778   1.000 52.89814  ? 19  GLU B O    1 
ATOM   1116 C  CB   . GLU B 1 19 ? 15.10446  -1.18411  0.22935   1.000 60.41319  ? 19  GLU B CB   1 
ATOM   1117 C  CG   . GLU B 1 19 ? 16.56028  -1.02729  -0.08501  1.000 77.23915  ? 19  GLU B CG   1 
ATOM   1118 C  CD   . GLU B 1 19 ? 17.23938  -0.08312  0.88225   1.000 88.09539  ? 19  GLU B CD   1 
ATOM   1119 O  OE1  . GLU B 1 19 ? 16.52317  0.57033   1.68496   1.000 76.27107  ? 19  GLU B OE1  1 
ATOM   1120 O  OE2  . GLU B 1 19 ? 18.48032  0.01207   0.82603   1.000 93.09809  ? 19  GLU B OE2  1 
ATOM   1121 H  H    . GLU B 1 19 ? 14.42470  -0.60018  -2.03878  1.000 71.50198  ? 19  GLU B H    1 
ATOM   1122 H  HA   . GLU B 1 19 ? 14.83449  -2.90136  -0.84353  1.000 67.71661  ? 19  GLU B HA   1 
ATOM   1123 H  HB2  . GLU B 1 19 ? 14.70733  -0.30007  0.20689   1.000 72.59288  ? 19  GLU B HB2  1 
ATOM   1124 H  HB3  . GLU B 1 19 ? 15.03482  -1.55156  1.12394   1.000 72.59288  ? 19  GLU B HB3  1 
ATOM   1125 H  HG2  . GLU B 1 19 ? 16.99648  -1.89184  -0.02221  1.000 92.78404  ? 19  GLU B HG2  1 
ATOM   1126 H  HG3  . GLU B 1 19 ? 16.65720  -0.66675  -0.97982  1.000 92.78404  ? 19  GLU B HG3  1 
ATOM   1127 N  N    . CYS B 1 20 ? 12.00750  -1.53109  -0.24612  1.000 52.49394  ? 20  CYS B N    1 
ATOM   1128 C  CA   . CYS B 1 20 ? 10.69614  -1.74738  0.36019   1.000 51.28412  ? 20  CYS B CA   1 
ATOM   1129 C  C    . CYS B 1 20 ? 10.00515  -2.94529  -0.26497  1.000 43.70997  ? 20  CYS B C    1 
ATOM   1130 O  O    . CYS B 1 20 ? 9.43085   -3.78096  0.44408   1.000 41.31182  ? 20  CYS B O    1 
ATOM   1131 C  CB   . CYS B 1 20 ? 9.85171   -0.47831  0.20524   1.000 46.45698  ? 20  CYS B CB   1 
ATOM   1132 S  SG   . CYS B 1 20 ? 8.36586   -0.31241  1.23881   1.000 38.31682  ? 20  CYS B SG   1 
ATOM   1133 H  H    . CYS B 1 20 ? 12.07576  -0.79824  -0.69125  1.000 63.08978  ? 20  CYS B H    1 
ATOM   1134 H  HA   . CYS B 1 20 ? 10.80801  -1.92238  1.30777   1.000 61.63799  ? 20  CYS B HA   1 
ATOM   1135 H  HB2  . CYS B 1 20 ? 10.41812  0.28583   0.39614   1.000 55.84543  ? 20  CYS B HB2  1 
ATOM   1136 H  HB3  . CYS B 1 20 ? 9.55868   -0.43620  -0.71768  1.000 55.84543  ? 20  CYS B HB3  1 
ATOM   1137 N  N    . LYS B 1 21 ? 10.05146  -3.04804  -1.59286  1.000 42.32144  ? 21  LYS B N    1 
ATOM   1138 C  CA   . LYS B 1 21 ? 9.49231   -4.20760  -2.27761  1.000 46.01504  ? 21  LYS B CA   1 
ATOM   1139 C  C    . LYS B 1 21 ? 10.15104  -5.48851  -1.79172  1.000 48.52563  ? 21  LYS B C    1 
ATOM   1140 O  O    . LYS B 1 21 ? 9.47000   -6.46592  -1.47063  1.000 45.98705  ? 21  LYS B O    1 
ATOM   1141 C  CB   . LYS B 1 21 ? 9.66442   -4.03957  -3.78668  1.000 44.57911  ? 21  LYS B CB   1 
ATOM   1142 C  CG   . LYS B 1 21 ? 9.09741   -5.18426  -4.63113  1.000 53.19311  ? 21  LYS B CG   1 
ATOM   1143 C  CD   . LYS B 1 21 ? 9.05167   -4.79142  -6.10325  1.000 52.71737  ? 21  LYS B CD   1 
ATOM   1144 C  CE   . LYS B 1 21 ? 8.52541   -5.91013  -7.01281  1.000 58.46790  ? 21  LYS B CE   1 
ATOM   1145 N  NZ   . LYS B 1 21 ? 9.57062   -6.93000  -7.35458  1.000 69.90907  ? 21  LYS B NZ   1 
ATOM   1146 H  H    . LYS B 1 21 ? 10.40071  -2.46121  -2.11641  1.000 50.88278  ? 21  LYS B H    1 
ATOM   1147 H  HA   . LYS B 1 21 ? 8.54328   -4.26424  -2.08519  1.000 55.31511  ? 21  LYS B HA   1 
ATOM   1148 H  HB2  . LYS B 1 21 ? 9.21558   -3.22428  -4.05962  1.000 53.59199  ? 21  LYS B HB2  1 
ATOM   1149 H  HB3  . LYS B 1 21 ? 10.61163  -3.97173  -3.98401  1.000 53.59199  ? 21  LYS B HB3  1 
ATOM   1150 H  HG2  . LYS B 1 21 ? 9.66552   -5.96556  -4.53963  1.000 63.92879  ? 21  LYS B HG2  1 
ATOM   1151 H  HG3  . LYS B 1 21 ? 8.19491   -5.38497  -4.33939  1.000 63.92879  ? 21  LYS B HG3  1 
ATOM   1152 H  HD2  . LYS B 1 21 ? 8.46732   -4.02354  -6.20592  1.000 63.35790  ? 21  LYS B HD2  1 
ATOM   1153 H  HD3  . LYS B 1 21 ? 9.94851   -4.56534  -6.39610  1.000 63.35790  ? 21  LYS B HD3  1 
ATOM   1154 H  HE2  . LYS B 1 21 ? 7.79835   -6.36716  -6.56211  1.000 70.25854  ? 21  LYS B HE2  1 
ATOM   1155 H  HE3  . LYS B 1 21 ? 8.20692   -5.51894  -7.84164  1.000 70.25854  ? 21  LYS B HE3  1 
ATOM   1156 H  HZ1  . LYS B 1 21 ? 9.22282   -7.55753  -7.88127  1.000 83.98794  ? 21  LYS B HZ1  1 
ATOM   1157 H  HZ2  . LYS B 1 21 ? 10.24896  -6.53984  -7.77917  1.000 83.98794  ? 21  LYS B HZ2  1 
ATOM   1158 H  HZ3  . LYS B 1 21 ? 9.87603   -7.31338  -6.61113  1.000 83.98794  ? 21  LYS B HZ3  1 
ATOM   1159 N  N    . GLU B 1 22 ? 11.48254  -5.49996  -1.71068  1.000 52.79639  ? 22  GLU B N    1 
ATOM   1160 C  CA   . GLU B 1 22 ? 12.16958  -6.68635  -1.20658  1.000 52.40841  ? 22  GLU B CA   1 
ATOM   1161 C  C    . GLU B 1 22 ? 11.67238  -7.06747  0.17744   1.000 50.00725  ? 22  GLU B C    1 
ATOM   1162 O  O    . GLU B 1 22 ? 11.38726  -8.24099  0.44713   1.000 54.02030  ? 22  GLU B O    1 
ATOM   1163 C  CB   . GLU B 1 22 ? 13.67553  -6.44927  -1.18381  1.000 57.18478  ? 22  GLU B CB   1 
ATOM   1164 C  CG   . GLU B 1 22 ? 14.23248  -6.32365  -2.56929  1.000 65.13916  ? 22  GLU B CG   1 
ATOM   1165 C  CD   . GLU B 1 22 ? 15.73268  -6.31473  -2.59331  1.000 66.04469  ? 22  GLU B CD   1 
ATOM   1166 O  OE1  . GLU B 1 22 ? 16.35011  -6.62563  -1.55037  1.000 64.25845  ? 22  GLU B OE1  1 
ATOM   1167 O  OE2  . GLU B 1 22 ? 16.28453  -5.99356  -3.66058  1.000 62.82205  ? 22  GLU B OE2  1 
ATOM   1168 H  H    . GLU B 1 22 ? 11.99870  -4.84963  -1.93577  1.000 63.45272  ? 22  GLU B H    1 
ATOM   1169 H  HA   . GLU B 1 22 ? 11.99289  -7.43026  -1.80363  1.000 62.98715  ? 22  GLU B HA   1 
ATOM   1170 H  HB2  . GLU B 1 22 ? 13.86351  -5.62675  -0.70470  1.000 68.71879  ? 22  GLU B HB2  1 
ATOM   1171 H  HB3  . GLU B 1 22 ? 14.10924  -7.19901  -0.74794  1.000 68.71879  ? 22  GLU B HB3  1 
ATOM   1172 H  HG2  . GLU B 1 22 ? 13.93220  -7.08007  -3.09730  1.000 78.26404  ? 22  GLU B HG2  1 
ATOM   1173 H  HG3  . GLU B 1 22 ? 13.91962  -5.50014  -2.96837  1.000 78.26404  ? 22  GLU B HG3  1 
ATOM   1174 N  N    . ARG B 1 23 ? 11.56903  -6.09338  1.07735   1.000 40.63432  ? 23  ARG B N    1 
ATOM   1175 C  CA   . ARG B 1 23 ? 11.07020  -6.40407  2.40889   1.000 45.35144  ? 23  ARG B CA   1 
ATOM   1176 C  C    . ARG B 1 23 ? 9.65572   -6.96394  2.34955   1.000 46.53993  ? 23  ARG B C    1 
ATOM   1177 O  O    . ARG B 1 23 ? 9.34269   -7.98002  2.99024   1.000 38.97679  ? 23  ARG B O    1 
ATOM   1178 C  CB   . ARG B 1 23 ? 11.09985  -5.16506  3.28676   1.000 48.00607  ? 23  ARG B CB   1 
ATOM   1179 C  CG   . ARG B 1 23 ? 11.11775  -5.56448  4.74990   1.000 56.39251  ? 23  ARG B CG   1 
ATOM   1180 C  CD   . ARG B 1 23 ? 10.65658  -4.44940  5.63229   1.000 63.10924  ? 23  ARG B CD   1 
ATOM   1181 N  NE   . ARG B 1 23 ? 11.56924  -3.32133  5.55495   1.000 67.17974  ? 23  ARG B NE   1 
ATOM   1182 C  CZ   . ARG B 1 23 ? 12.54818  -3.08998  6.41554   1.000 69.05544  ? 23  ARG B CZ   1 
ATOM   1183 N  NH1  . ARG B 1 23 ? 12.77398  -3.91616  7.43147   1.000 54.23866  ? 23  ARG B NH1  1 
ATOM   1184 N  NH2  . ARG B 1 23 ? 13.31719  -2.03094  6.24311   1.000 84.69426  ? 23  ARG B NH2  1 
ATOM   1185 H  H    . ARG B 1 23 ? 11.77491  -5.26908  0.94667   1.000 48.85824  ? 23  ARG B H    1 
ATOM   1186 H  HA   . ARG B 1 23 ? 11.64293  -7.07364  2.81379   1.000 54.51878  ? 23  ARG B HA   1 
ATOM   1187 H  HB2  . ARG B 1 23 ? 11.90095  -4.65194  3.09766   1.000 57.70434  ? 23  ARG B HB2  1 
ATOM   1188 H  HB3  . ARG B 1 23 ? 10.30658  -4.63150  3.12148   1.000 57.70434  ? 23  ARG B HB3  1 
ATOM   1189 H  HG2  . ARG B 1 23 ? 10.52597  -6.32074  4.88356   1.000 67.76806  ? 23  ARG B HG2  1 
ATOM   1190 H  HG3  . ARG B 1 23 ? 12.02393  -5.79884  5.00613   1.000 67.76806  ? 23  ARG B HG3  1 
ATOM   1191 H  HD2  . ARG B 1 23 ? 9.78696   -4.14943  5.32840   1.000 75.82814  ? 23  ARG B HD2  1 
ATOM   1192 H  HD3  . ARG B 1 23 ? 10.59852  -4.75887  6.54797   1.000 75.82814  ? 23  ARG B HD3  1 
ATOM   1193 H  HE   . ARG B 1 23 ? 11.46692  -2.76666  4.90653   1.000 80.71275  ? 23  ARG B HE   1 
ATOM   1194 H  HH11 . ARG B 1 23 ? 12.28131  -4.60899  7.54980   1.000 65.18344  ? 23  ARG B HH11 1 
ATOM   1195 H  HH12 . ARG B 1 23 ? 13.41713  -3.75203  7.97857   1.000 65.18344  ? 23  ARG B HH12 1 
ATOM   1196 H  HH21 . ARG B 1 23 ? 13.17474  -1.49682  5.58403   1.000 101.73016 ? 23  ARG B HH21 1 
ATOM   1197 H  HH22 . ARG B 1 23 ? 13.95789  -1.87509  6.79359   1.000 101.73016 ? 23  ARG B HH22 1 
ATOM   1198 N  N    . GLY B 1 24 ? 8.77434   -6.29530  1.60318   1.000 47.33447  ? 24  GLY B N    1 
ATOM   1199 C  CA   . GLY B 1 24 ? 7.44086   -6.83923  1.39583   1.000 40.67853  ? 24  GLY B CA   1 
ATOM   1200 C  C    . GLY B 1 24 ? 7.48396   -8.28367  0.96147   1.000 38.37631  ? 24  GLY B C    1 
ATOM   1201 O  O    . GLY B 1 24 ? 6.84933   -9.14922  1.56613   1.000 42.10279  ? 24  GLY B O    1 
ATOM   1202 H  H    . GLY B 1 24 ? 8.92252   -5.54205  1.21531   1.000 56.89842  ? 24  GLY B H    1 
ATOM   1203 H  HA2  . GLY B 1 24 ? 6.93373   -6.77953  2.22101   1.000 48.91130  ? 24  GLY B HA2  1 
ATOM   1204 H  HA3  . GLY B 1 24 ? 6.98211   -6.32461  0.71279   1.000 48.91130  ? 24  GLY B HA3  1 
ATOM   1205 N  N    . GLU B 1 25 ? 8.20236   -8.54917  -0.07891  1.000 41.93501  ? 25  GLU B N    1 
ATOM   1206 C  CA   . GLU B 1 25 ? 8.29599   -9.88713  -0.58645  1.000 49.47089  ? 25  GLU B CA   1 
ATOM   1207 C  C    . GLU B 1 25 ? 8.80994   -10.90273 0.45026   1.000 46.75683  ? 25  GLU B C    1 
ATOM   1208 O  O    . GLU B 1 25 ? 8.25342   -11.94157 0.57859   1.000 41.69030  ? 25  GLU B O    1 
ATOM   1209 C  CB   . GLU B 1 25 ? 9.14027   -9.91165  -1.85279  1.000 55.80560  ? 25  GLU B CB   1 
ATOM   1210 C  CG   . GLU B 1 25 ? 8.51904   -9.18794  -3.03056  1.000 56.56314  ? 25  GLU B CG   1 
ATOM   1211 C  CD   . GLU B 1 25 ? 9.48608   -8.96490  -4.17775  1.000 77.64363  ? 25  GLU B CD   1 
ATOM   1212 O  OE1  . GLU B 1 25 ? 10.72233  -8.90967  -3.96630  1.000 73.15072  ? 25  GLU B OE1  1 
ATOM   1213 O  OE2  . GLU B 1 25 ? 9.00583   -8.84528  -5.32412  1.000 83.15354  ? 25  GLU B OE2  1 
ATOM   1214 H  H    . GLU B 1 25 ? 8.65590   -7.96828  -0.52150  1.000 50.41906  ? 25  GLU B H    1 
ATOM   1215 H  HA   . GLU B 1 25 ? 7.40372   -10.17189 -0.83794  1.000 59.46213  ? 25  GLU B HA   1 
ATOM   1216 H  HB2  . GLU B 1 25 ? 9.99335   -9.49118  -1.66443  1.000 67.06378  ? 25  GLU B HB2  1 
ATOM   1217 H  HB3  . GLU B 1 25 ? 9.28083   -10.83472 -2.11494  1.000 67.06378  ? 25  GLU B HB3  1 
ATOM   1218 H  HG2  . GLU B 1 25 ? 7.77532   -9.71370  -3.36571  1.000 67.97282  ? 25  GLU B HG2  1 
ATOM   1219 H  HG3  . GLU B 1 25 ? 8.20239   -8.31960  -2.73469  1.000 67.97282  ? 25  GLU B HG3  1 
ATOM   1220 N  N    . ARG B 1 26 ? 9.84222   -10.57710 1.18560   1.000 43.73387  ? 26  ARG B N    1 
ATOM   1221 C  CA   . ARG B 1 26 ? 10.36583  -11.48535 2.19856   1.000 45.55580  ? 26  ARG B CA   1 
ATOM   1222 C  C    . ARG B 1 26 ? 9.33482   -11.74886 3.28813   1.000 42.96769  ? 26  ARG B C    1 
ATOM   1223 O  O    . ARG B 1 26 ? 9.20711   -12.88064 3.76261   1.000 44.81286  ? 26  ARG B O    1 
ATOM   1224 C  CB   . ARG B 1 26 ? 11.65146  -10.92028 2.79157   1.000 45.77908  ? 26  ARG B CB   1 
ATOM   1225 C  CG   . ARG B 1 26 ? 12.88986  -11.33826 2.01216   1.000 59.93552  ? 26  ARG B CG   1 
ATOM   1226 C  CD   . ARG B 1 26 ? 14.15514  -10.62320 2.45412   1.000 69.65541  ? 26  ARG B CD   1 
ATOM   1227 N  NE   . ARG B 1 26 ? 14.83066  -10.02053 1.30473   1.000 75.34634  ? 26  ARG B NE   1 
ATOM   1228 C  CZ   . ARG B 1 26 ? 15.68460  -10.66165 0.50974   1.000 72.55180  ? 26  ARG B CZ   1 
ATOM   1229 N  NH1  . ARG B 1 26 ? 15.98990  -11.93397 0.73757   1.000 66.43710  ? 26  ARG B NH1  1 
ATOM   1230 N  NH2  . ARG B 1 26 ? 16.23746  -10.02250 -0.51481  1.000 67.66884  ? 26  ARG B NH2  1 
ATOM   1231 H  H    . ARG B 1 26 ? 10.26786  -9.83242  1.12482   1.000 52.57769  ? 26  ARG B H    1 
ATOM   1232 H  HA   . ARG B 1 26 ? 10.57895  -12.33358 1.77869   1.000 54.76402  ? 26  ARG B HA   1 
ATOM   1233 H  HB2  . ARG B 1 26 ? 11.60485  -9.95124  2.78446   1.000 55.03195  ? 26  ARG B HB2  1 
ATOM   1234 H  HB3  . ARG B 1 26 ? 11.74728  -11.24125 3.70229   1.000 55.03195  ? 26  ARG B HB3  1 
ATOM   1235 H  HG2  . ARG B 1 26 ? 13.02938  -12.29090 2.13276   1.000 72.01968  ? 26  ARG B HG2  1 
ATOM   1236 H  HG3  . ARG B 1 26 ? 12.75007  -11.14124 1.07260   1.000 72.01968  ? 26  ARG B HG3  1 
ATOM   1237 H  HD2  . ARG B 1 26 ? 13.92220  -9.91496  3.07429   1.000 83.68354  ? 26  ARG B HD2  1 
ATOM   1238 H  HD3  . ARG B 1 26 ? 14.75625  -11.25540 2.87695   1.000 83.68354  ? 26  ARG B HD3  1 
ATOM   1239 H  HE   . ARG B 1 26 ? 14.66492  -9.19502  1.13048   1.000 90.51267  ? 26  ARG B HE   1 
ATOM   1240 H  HH11 . ARG B 1 26 ? 15.63459  -12.35559 1.39703   1.000 79.82157  ? 26  ARG B HH11 1 
ATOM   1241 H  HH12 . ARG B 1 26 ? 16.54407  -12.33976 0.21993   1.000 79.82157  ? 26  ARG B HH12 1 
ATOM   1242 H  HH21 . ARG B 1 26 ? 16.04334  -9.19754  -0.66215  1.000 81.29966  ? 26  ARG B HH21 1 
ATOM   1243 H  HH22 . ARG B 1 26 ? 16.79361  -10.43163 -1.02798  1.000 81.29966  ? 26  ARG B HH22 1 
ATOM   1244 N  N    . GLN B 1 27 ? 8.57440   -10.72773 3.68192   1.000 35.93400  ? 27  GLN B N    1 
ATOM   1245 C  CA   . GLN B 1 27 ? 7.61981   -10.84881 4.77678   1.000 33.75208  ? 27  GLN B CA   1 
ATOM   1246 C  C    . GLN B 1 27 ? 6.24680   -11.28571 4.31107   1.000 31.62294  ? 27  GLN B C    1 
ATOM   1247 O  O    . GLN B 1 27 ? 5.36685   -11.48937 5.14678   1.000 29.73992  ? 27  GLN B O    1 
ATOM   1248 C  CB   . GLN B 1 27 ? 7.48207   -9.51051  5.52233   1.000 35.86850  ? 27  GLN B CB   1 
ATOM   1249 C  CG   . GLN B 1 27 ? 8.72334   -9.04029  6.22499   1.000 43.77872  ? 27  GLN B CG   1 
ATOM   1250 C  CD   . GLN B 1 27 ? 8.92957   -9.75558  7.51800   1.000 50.07343  ? 27  GLN B CD   1 
ATOM   1251 O  OE1  . GLN B 1 27 ? 7.98236   -10.00299 8.26239   1.000 47.30886  ? 27  GLN B OE1  1 
ATOM   1252 N  NE2  . GLN B 1 27 ? 10.17816  -10.09157 7.80723   1.000 60.67590  ? 27  GLN B NE2  1 
ATOM   1253 H  H    . GLN B 1 27 ? 8.59511   -9.94522  3.32485   1.000 43.21786  ? 27  GLN B H    1 
ATOM   1254 H  HA   . GLN B 1 27 ? 7.94592   -11.50950 5.40721   1.000 40.59955  ? 27  GLN B HA   1 
ATOM   1255 H  HB2  . GLN B 1 27 ? 7.23449   -8.82632  4.88106   1.000 43.13926  ? 27  GLN B HB2  1 
ATOM   1256 H  HB3  . GLN B 1 27 ? 6.78230   -9.59904  6.18829   1.000 43.13926  ? 27  GLN B HB3  1 
ATOM   1257 H  HG2  . GLN B 1 27 ? 9.49335   -9.20730  5.65978   1.000 52.63152  ? 27  GLN B HG2  1 
ATOM   1258 H  HG3  . GLN B 1 27 ? 8.64414   -8.09173  6.41212   1.000 52.63152  ? 27  GLN B HG3  1 
ATOM   1259 H  HE21 . GLN B 1 27 ? 10.81294  -9.89909  7.26002   1.000 72.90813  ? 27  GLN B HE21 1 
ATOM   1260 H  HE22 . GLN B 1 27 ? 10.35341  -10.50565 8.54042   1.000 72.90813  ? 27  GLN B HE22 1 
ATOM   1261 N  N    . ASN B 1 28 ? 6.03523   -11.43406 3.00569   1.000 31.88565  ? 28  ASN B N    1 
ATOM   1262 C  CA   . ASN B 1 28 ? 4.72311   -11.80421 2.48959   1.000 30.52183  ? 28  ASN B CA   1 
ATOM   1263 C  C    . ASN B 1 28 ? 3.69910   -10.73102 2.81019   1.000 28.38188  ? 28  ASN B C    1 
ATOM   1264 O  O    . ASN B 1 28 ? 2.58458   -11.02365 3.25946   1.000 29.58332  ? 28  ASN B O    1 
ATOM   1265 C  CB   . ASN B 1 28 ? 4.28673   -13.16804 3.03445   1.000 27.48798  ? 28  ASN B CB   1 
ATOM   1266 C  CG   . ASN B 1 28 ? 5.19441   -14.25455 2.55499   1.000 32.01844  ? 28  ASN B CG   1 
ATOM   1267 O  OD1  . ASN B 1 28 ? 5.58426   -14.25303 1.38903   1.000 32.31923  ? 28  ASN B OD1  1 
ATOM   1268 N  ND2  . ASN B 1 28 ? 5.61794   -15.12103 3.44565   1.000 31.86648  ? 28  ASN B ND2  1 
ATOM   1269 H  H    . ASN B 1 28 ? 6.63448   -11.32655 2.39819   1.000 38.35984  ? 28  ASN B H    1 
ATOM   1270 H  HA   . ASN B 1 28 ? 4.77926   -11.87738 1.52392   1.000 36.72325  ? 28  ASN B HA   1 
ATOM   1271 H  HB2  . ASN B 1 28 ? 4.30026   -13.16278 4.00265   1.000 33.08264  ? 28  ASN B HB2  1 
ATOM   1272 H  HB3  . ASN B 1 28 ? 3.39159   -13.36396 2.71613   1.000 33.08264  ? 28  ASN B HB3  1 
ATOM   1273 H  HD21 . ASN B 1 28 ? 5.33428   -15.07794 4.25658   1.000 38.33683  ? 28  ASN B HD21 1 
ATOM   1274 H  HD22 . ASN B 1 28 ? 6.14796   -15.75565 3.20996   1.000 38.33683  ? 28  ASN B HD22 1 
ATOM   1275 N  N    . CYS B 1 29 ? 4.07624   -9.48184  2.50744   1.000 30.18578  ? 29  CYS B N    1 
ATOM   1276 C  CA   . CYS B 1 29 ? 3.27895   -8.29099  2.77562   1.000 23.05205  ? 29  CYS B CA   1 
ATOM   1277 C  C    . CYS B 1 29 ? 3.26580   -7.41987  1.52230   1.000 24.41323  ? 29  CYS B C    1 
ATOM   1278 O  O    . CYS B 1 29 ? 4.08606   -7.57500  0.62199   1.000 34.90697  ? 29  CYS B O    1 
ATOM   1279 C  CB   . CYS B 1 29 ? 3.80731   -7.50830  3.98408   1.000 28.48959  ? 29  CYS B CB   1 
ATOM   1280 S  SG   . CYS B 1 29 ? 3.82451   -8.51508  5.52539   1.000 29.52993  ? 29  CYS B SG   1 
ATOM   1281 H  H    . CYS B 1 29 ? 4.82597   -9.29939  2.12864   1.000 36.31999  ? 29  CYS B H    1 
ATOM   1282 H  HA   . CYS B 1 29 ? 2.36631   -8.55711  2.96658   1.000 27.75952  ? 29  CYS B HA   1 
ATOM   1283 H  HB2  . CYS B 1 29 ? 4.71608   -7.22221  3.80285   1.000 34.28456  ? 29  CYS B HB2  1 
ATOM   1284 H  HB3  . CYS B 1 29 ? 3.23961   -6.73655  4.13552   1.000 34.28456  ? 29  CYS B HB3  1 
ATOM   1285 N  N    . HIS B 1 30 ? 2.28734   -6.53171  1.46291   1.000 27.37460  ? 30  HIS B N    1 
ATOM   1286 C  CA   . HIS B 1 30 ? 2.17704   -5.49839  0.44493   1.000 25.58233  ? 30  HIS B CA   1 
ATOM   1287 C  C    . HIS B 1 30 ? 2.98921   -4.29386  0.89575   1.000 26.96624  ? 30  HIS B C    1 
ATOM   1288 O  O    . HIS B 1 30 ? 3.43983   -4.24464  2.04060   1.000 28.62216  ? 30  HIS B O    1 
ATOM   1289 C  CB   . HIS B 1 30 ? 0.71290   -5.12723  0.25207   1.000 28.12024  ? 30  HIS B CB   1 
ATOM   1290 C  CG   . HIS B 1 30 ? -0.10683  -6.24644  -0.28405  1.000 24.52064  ? 30  HIS B CG   1 
ATOM   1291 N  ND1  . HIS B 1 30 ? -0.53995  -6.29525  -1.59004  1.000 24.76572  ? 30  HIS B ND1  1 
ATOM   1292 C  CD2  . HIS B 1 30 ? -0.55980  -7.36924  0.30673   1.000 24.93678  ? 30  HIS B CD2  1 
ATOM   1293 C  CE1  . HIS B 1 30 ? -1.24536  -7.39151  -1.78106  1.000 30.35140  ? 30  HIS B CE1  1 
ATOM   1294 N  NE2  . HIS B 1 30 ? -1.28090  -8.04798  -0.64178  1.000 22.54086  ? 30  HIS B NE2  1 
ATOM   1295 H  H    . HIS B 1 30 ? 1.64226   -6.50733  2.03156   1.000 32.94658  ? 30  HIS B H    1 
ATOM   1296 H  HA   . HIS B 1 30 ? 2.53427   -5.82250  -0.39718  1.000 30.79585  ? 30  HIS B HA   1 
ATOM   1297 H  HB2  . HIS B 1 30 ? 0.33825   -4.86587  1.10775   1.000 33.84134  ? 30  HIS B HB2  1 
ATOM   1298 H  HB3  . HIS B 1 30 ? 0.65520   -4.38814  -0.37332  1.000 33.84134  ? 30  HIS B HB3  1 
ATOM   1299 H  HD1  . HIS B 1 30 ? -0.38507  -5.69538  -2.18659  1.000 29.81592  ? 30  HIS B HD1  1 
ATOM   1300 H  HD2  . HIS B 1 30 ? -0.43559  -7.61909  1.19387   1.000 30.02119  ? 30  HIS B HD2  1 
ATOM   1301 H  HE1  . HIS B 1 30 ? -1.64946  -7.65197  -2.57689  1.000 36.51874  ? 30  HIS B HE1  1 
ATOM   1302 N  N    . TYR B 1 31 ? 3.22435   -3.34335  -0.01328  1.000 26.52890  ? 31  TYR B N    1 
ATOM   1303 C  CA   . TYR B 1 31 ? 4.09351   -2.22306  0.35322   1.000 25.23618  ? 31  TYR B CA   1 
ATOM   1304 C  C    . TYR B 1 31 ? 3.64422   -0.97472  -0.39356  1.000 31.55462  ? 31  TYR B C    1 
ATOM   1305 O  O    . TYR B 1 31 ? 3.04346   -1.06086  -1.46696  1.000 26.43095  ? 31  TYR B O    1 
ATOM   1306 C  CB   . TYR B 1 31 ? 5.55468   -2.55108  0.03948   1.000 30.25760  ? 31  TYR B CB   1 
ATOM   1307 C  CG   . TYR B 1 31 ? 5.90553   -2.33100  -1.39871  1.000 35.04925  ? 31  TYR B CG   1 
ATOM   1308 C  CD1  . TYR B 1 31 ? 5.70969   -3.31315  -2.35228  1.000 38.68706  ? 31  TYR B CD1  1 
ATOM   1309 C  CD2  . TYR B 1 31 ? 6.41937   -1.12179  -1.80465  1.000 41.97240  ? 31  TYR B CD2  1 
ATOM   1310 C  CE1  . TYR B 1 31 ? 6.01379   -3.07946  -3.69641  1.000 44.08907  ? 31  TYR B CE1  1 
ATOM   1311 C  CE2  . TYR B 1 31 ? 6.72385   -0.87692  -3.13564  1.000 49.54467  ? 31  TYR B CE2  1 
ATOM   1312 C  CZ   . TYR B 1 31 ? 6.52169   -1.85325  -4.07420  1.000 46.14976  ? 31  TYR B CZ   1 
ATOM   1313 O  OH   . TYR B 1 31 ? 6.84283   -1.55441  -5.39026  1.000 54.22796  ? 31  TYR B OH   1 
ATOM   1314 H  H    . TYR B 1 31 ? 2.90874   -3.32217  -0.81261  1.000 31.93174  ? 31  TYR B H    1 
ATOM   1315 H  HA   . TYR B 1 31 ? 4.01080   -2.05842  1.30284   1.000 30.38048  ? 31  TYR B HA   1 
ATOM   1316 H  HB2  . TYR B 1 31 ? 6.12752   -1.98309  0.57798   1.000 36.40617  ? 31  TYR B HB2  1 
ATOM   1317 H  HB3  . TYR B 1 31 ? 5.72063   -3.48359  0.24930   1.000 36.40617  ? 31  TYR B HB3  1 
ATOM   1318 H  HD1  . TYR B 1 31 ? 5.35744   -4.13508  -2.09862  1.000 46.52153  ? 31  TYR B HD1  1 
ATOM   1319 H  HD2  . TYR B 1 31 ? 6.54932   -0.44809  -1.17704  1.000 50.46394  ? 31  TYR B HD2  1 
ATOM   1320 H  HE1  . TYR B 1 31 ? 5.87552   -3.74500  -4.33103  1.000 53.00394  ? 31  TYR B HE1  1 
ATOM   1321 H  HE2  . TYR B 1 31 ? 7.06699   -0.05101  -3.38968  1.000 59.55067  ? 31  TYR B HE2  1 
ATOM   1322 H  HH   . TYR B 1 31 ? 7.13700   -0.76925  -5.44323  1.000 65.17060  ? 31  TYR B HH   1 
ATOM   1323 N  N    . VAL B 1 32 ? 3.88745   0.18588   0.21322   1.000 28.54125  ? 32  VAL B N    1 
ATOM   1324 C  CA   . VAL B 1 32 ? 3.71933   1.48370   -0.42768  1.000 28.17633  ? 32  VAL B CA   1 
ATOM   1325 C  C    . VAL B 1 32 ? 4.88879   2.36363   -0.01271  1.000 30.64820  ? 32  VAL B C    1 
ATOM   1326 O  O    . VAL B 1 32 ? 5.51642   2.12646   1.01264   1.000 27.63167  ? 32  VAL B O    1 
ATOM   1327 C  CB   . VAL B 1 32 ? 2.37838   2.14136   -0.03746  1.000 23.87248  ? 32  VAL B CB   1 
ATOM   1328 C  CG1  . VAL B 1 32 ? 1.19366   1.24965   -0.45475  1.000 25.34453  ? 32  VAL B CG1  1 
ATOM   1329 C  CG2  . VAL B 1 32 ? 2.32722   2.47797   1.43647   1.000 33.64372  ? 32  VAL B CG2  1 
ATOM   1330 H  H    . VAL B 1 32 ? 4.16080   0.24572   1.02607   1.000 34.34656  ? 32  VAL B H    1 
ATOM   1331 H  HA   . VAL B 1 32 ? 3.74051   1.37582   -1.39180  1.000 33.90866  ? 32  VAL B HA   1 
ATOM   1332 H  HB   . VAL B 1 32 ? 2.29623   2.97575   -0.52572  1.000 28.74403  ? 32  VAL B HB   1 
ATOM   1333 H  HG11 . VAL B 1 32 ? 0.36501   1.70943   -0.24784  1.000 30.51049  ? 32  VAL B HG11 1 
ATOM   1334 H  HG12 . VAL B 1 32 ? 1.24849   1.07811   -1.40797  1.000 30.51049  ? 32  VAL B HG12 1 
ATOM   1335 H  HG13 . VAL B 1 32 ? 1.23931   0.41329   0.03517   1.000 30.51049  ? 32  VAL B HG13 1 
ATOM   1336 H  HG21 . VAL B 1 32 ? 1.41513   2.70511   1.67555   1.000 40.46952  ? 32  VAL B HG21 1 
ATOM   1337 H  HG22 . VAL B 1 32 ? 2.62051   1.70702   1.94612   1.000 40.46952  ? 32  VAL B HG22 1 
ATOM   1338 H  HG23 . VAL B 1 32 ? 2.91176   3.23228   1.61109   1.000 40.46952  ? 32  VAL B HG23 1 
ATOM   1339 N  N    . ILE B 1 33 ? 5.18737   3.37211   -0.83442  1.000 30.41701  ? 33  ILE B N    1 
ATOM   1340 C  CA   . ILE B 1 33 ? 6.22865   4.36481   -0.56908  1.000 31.94076  ? 33  ILE B CA   1 
ATOM   1341 C  C    . ILE B 1 33 ? 5.57040   5.73728   -0.44609  1.000 30.33804  ? 33  ILE B C    1 
ATOM   1342 O  O    . ILE B 1 33 ? 4.84927   6.16862   -1.35134  1.000 27.77626  ? 33  ILE B O    1 
ATOM   1343 C  CB   . ILE B 1 33 ? 7.27640   4.39541   -1.70260  1.000 39.02676  ? 33  ILE B CB   1 
ATOM   1344 C  CG1  . ILE B 1 33 ? 7.84965   3.00887   -1.97758  1.000 42.03416  ? 33  ILE B CG1  1 
ATOM   1345 C  CG2  . ILE B 1 33 ? 8.36595   5.42161   -1.41535  1.000 39.07538  ? 33  ILE B CG2  1 
ATOM   1346 C  CD1  . ILE B 1 33 ? 8.60329   2.45456   -0.82820  1.000 42.64171  ? 33  ILE B CD1  1 
ATOM   1347 H  H    . ILE B 1 33 ? 4.78244   3.50520   -1.58185  1.000 36.59747  ? 33  ILE B H    1 
ATOM   1348 H  HA   . ILE B 1 33 ? 6.67620   4.15908   0.26617   1.000 38.42597  ? 33  ILE B HA   1 
ATOM   1349 H  HB   . ILE B 1 33 ? 6.81831   4.68091   -2.50835  1.000 46.92916  ? 33  ILE B HB   1 
ATOM   1350 H  HG12 . ILE B 1 33 ? 7.12423   2.39874   -2.18282  1.000 50.53805  ? 33  ILE B HG12 1 
ATOM   1351 H  HG13 . ILE B 1 33 ? 8.45653   3.06467   -2.73141  1.000 50.53805  ? 33  ILE B HG13 1 
ATOM   1352 H  HG21 . ILE B 1 33 ? 9.09960   5.28147   -2.03464  1.000 46.98751  ? 33  ILE B HG21 1 
ATOM   1353 H  HG22 . ILE B 1 33 ? 8.00152   6.31351   -1.53085  1.000 46.98751  ? 33  ILE B HG22 1 
ATOM   1354 H  HG23 . ILE B 1 33 ? 8.67708   5.30520   -0.50369  1.000 46.98751  ? 33  ILE B HG23 1 
ATOM   1355 H  HD11 . ILE B 1 33 ? 8.97313   1.60246   -1.09330  1.000 51.26711  ? 33  ILE B HD11 1 
ATOM   1356 H  HD12 . ILE B 1 33 ? 9.31870   3.06398   -0.58791  1.000 51.26711  ? 33  ILE B HD12 1 
ATOM   1357 H  HD13 . ILE B 1 33 ? 8.00093   2.33486   -0.07765  1.000 51.26711  ? 33  ILE B HD13 1 
ATOM   1358 N  N    . HIS B 1 34 ? 5.86470   6.44675   0.63623   1.000 31.60799  ? 34  HIS B N    1 
ATOM   1359 C  CA   . HIS B 1 34 ? 5.31461   7.77199   0.89110   1.000 29.03344  ? 34  HIS B CA   1 
ATOM   1360 C  C    . HIS B 1 34 ? 6.46570   8.74473   0.94525   1.000 40.67024  ? 34  HIS B C    1 
ATOM   1361 O  O    . HIS B 1 34 ? 7.50530   8.43067   1.52283   1.000 37.80917  ? 34  HIS B O    1 
ATOM   1362 C  CB   . HIS B 1 34 ? 4.50877   7.78457   2.19961   1.000 30.29065  ? 34  HIS B CB   1 
ATOM   1363 C  CG   . HIS B 1 34 ? 4.34409   9.13573   2.81904   1.000 38.75748  ? 34  HIS B CG   1 
ATOM   1364 N  ND1  . HIS B 1 34 ? 3.47801   10.08274  2.34266   1.000 34.05095  ? 34  HIS B ND1  1 
ATOM   1365 C  CD2  . HIS B 1 34 ? 4.92410   9.69361   3.91101   1.000 38.29071  ? 34  HIS B CD2  1 
ATOM   1366 C  CE1  . HIS B 1 34 ? 3.52695   11.17134  3.08784   1.000 44.67412  ? 34  HIS B CE1  1 
ATOM   1367 N  NE2  . HIS B 1 34 ? 4.40083   10.96123  4.04966   1.000 39.86718  ? 34  HIS B NE2  1 
ATOM   1368 H  H    . HIS B 1 34 ? 6.39602   6.17372   1.25537   1.000 38.02665  ? 34  HIS B H    1 
ATOM   1369 H  HA   . HIS B 1 34 ? 4.72685   8.03055   0.16463   1.000 34.93718  ? 34  HIS B HA   1 
ATOM   1370 H  HB2  . HIS B 1 34 ? 3.62276   7.43764   2.01528   1.000 36.44584  ? 34  HIS B HB2  1 
ATOM   1371 H  HB3  . HIS B 1 34 ? 4.95580   7.21537   2.84558   1.000 36.44584  ? 34  HIS B HB3  1 
ATOM   1372 H  HD2  . HIS B 1 34 ? 5.56230   9.29730   4.45927   1.000 46.04590  ? 34  HIS B HD2  1 
ATOM   1373 H  HE1  . HIS B 1 34 ? 3.03355   11.94871  2.95609   1.000 53.70600  ? 34  HIS B HE1  1 
ATOM   1374 H  HE2  . HIS B 1 34 ? 4.61066   11.52413  4.66556   1.000 47.93767  ? 34  HIS B HE2  1 
ATOM   1375 N  N    . LYS B 1 35 ? 6.29006   9.91047   0.32587   1.000 44.85590  ? 35  LYS B N    1 
ATOM   1376 C  CA   . LYS B 1 35 ? 7.31746   10.94514  0.27701   1.000 52.52950  ? 35  LYS B CA   1 
ATOM   1377 C  C    . LYS B 1 35 ? 7.03057   11.95432  1.38031   1.000 54.51683  ? 35  LYS B C    1 
ATOM   1378 O  O    . LYS B 1 35 ? 5.95857   12.56730  1.38617   1.000 52.32982  ? 35  LYS B O    1 
ATOM   1379 C  CB   . LYS B 1 35 ? 7.33982   11.64431  -1.08414  1.000 56.42500  ? 35  LYS B CB   1 
ATOM   1380 C  CG   . LYS B 1 35 ? 8.31931   12.81652  -1.23571  1.000 66.91688  ? 35  LYS B CG   1 
ATOM   1381 C  CD   . LYS B 1 35 ? 7.96388   13.63995  -2.50113  1.000 71.75739  ? 35  LYS B CD   1 
ATOM   1382 C  CE   . LYS B 1 35 ? 8.70091   14.99113  -2.61591  1.000 67.16231  ? 35  LYS B CE   1 
ATOM   1383 N  NZ   . LYS B 1 35 ? 9.72800   14.92494  -3.66763  1.000 58.23308  ? 35  LYS B NZ   1 
ATOM   1384 H  H    . LYS B 1 35 ? 5.56566   10.12952  -0.08251  1.000 53.92414  ? 35  LYS B H    1 
ATOM   1385 H  HA   . LYS B 1 35 ? 8.18863   10.54951  0.43615   1.000 63.13245  ? 35  LYS B HA   1 
ATOM   1386 H  HB2  . LYS B 1 35 ? 7.57187   10.98692  -1.75835  1.000 67.80705  ? 35  LYS B HB2  1 
ATOM   1387 H  HB3  . LYS B 1 35 ? 6.45027   11.98689  -1.26281  1.000 67.80705  ? 35  LYS B HB3  1 
ATOM   1388 H  HG2  . LYS B 1 35 ? 8.25948   13.40112  -0.46457  1.000 80.39731  ? 35  LYS B HG2  1 
ATOM   1389 H  HG3  . LYS B 1 35 ? 9.22175   12.47457  -1.33318  1.000 80.39731  ? 35  LYS B HG3  1 
ATOM   1390 H  HD2  . LYS B 1 35 ? 8.18891   13.11506  -3.28512  1.000 86.20593  ? 35  LYS B HD2  1 
ATOM   1391 H  HD3  . LYS B 1 35 ? 7.01154   13.82563  -2.49423  1.000 86.20593  ? 35  LYS B HD3  1 
ATOM   1392 H  HE2  . LYS B 1 35 ? 8.06593   15.68509  -2.85310  1.000 80.69183  ? 35  LYS B HE2  1 
ATOM   1393 H  HE3  . LYS B 1 35 ? 9.13064   15.20150  -1.77530  1.000 80.69183  ? 35  LYS B HE3  1 
ATOM   1394 H  HZ1  . LYS B 1 35 ? 9.34920   14.73722  -4.45106  1.000 69.97676  ? 35  LYS B HZ1  1 
ATOM   1395 H  HZ2  . LYS B 1 35 ? 10.15016  15.70597  -3.73034  1.000 69.97676  ? 35  LYS B HZ2  1 
ATOM   1396 H  HZ3  . LYS B 1 35 ? 10.32057  14.29029  -3.47367  1.000 69.97676  ? 35  LYS B HZ3  1 
ATOM   1397 N  N    . GLU B 1 36 ? 7.99340   12.15150  2.25378   1.000 57.21627  ? 36  GLU B N    1 
ATOM   1398 C  CA   . GLU B 1 36 ? 7.89650   13.09339  3.33913   1.000 65.63248  ? 36  GLU B CA   1 
ATOM   1399 C  C    . GLU B 1 36 ? 9.03513   14.09549  3.02419   1.000 68.43392  ? 36  GLU B C    1 
ATOM   1400 O  O    . GLU B 1 36 ? 10.19677  13.82071  3.20617   1.000 65.17452  ? 36  GLU B O    1 
ATOM   1401 C  CB   . GLU B 1 36 ? 8.09318   12.38246  4.63829   1.000 59.18971  ? 36  GLU B CB   1 
ATOM   1402 C  CG   . GLU B 1 36 ? 7.76419   13.19251  5.86595   1.000 58.82843  ? 36  GLU B CG   1 
ATOM   1403 C  CD   . GLU B 1 36 ? 6.28726   13.27456  6.17844   1.000 62.39910  ? 36  GLU B CD   1 
ATOM   1404 O  OE1  . GLU B 1 36 ? 5.52236   12.39647  5.82254   1.000 49.49740  ? 36  GLU B OE1  1 
ATOM   1405 O  OE2  . GLU B 1 36 ? 5.87701   14.24877  6.78441   1.000 68.09894  ? 36  GLU B OE2  1 
ATOM   1406 H  H    . GLU B 1 36 ? 8.74345   11.73203  2.23552   1.000 68.75657  ? 36  GLU B H    1 
ATOM   1407 H  HA   . GLU B 1 36 ? 7.04074   13.54896  3.33350   1.000 78.85603  ? 36  GLU B HA   1 
ATOM   1408 H  HB2  . GLU B 1 36 ? 7.52927   11.59350  4.64683   1.000 71.12470  ? 36  GLU B HB2  1 
ATOM   1409 H  HB3  . GLU B 1 36 ? 9.02344   12.11635  4.70525   1.000 71.12470  ? 36  GLU B HB3  1 
ATOM   1410 H  HG2  . GLU B 1 36 ? 8.20542   12.79123  6.63070   1.000 70.69117  ? 36  GLU B HG2  1 
ATOM   1411 H  HG3  . GLU B 1 36 ? 8.08974   14.09742  5.73805   1.000 70.69117  ? 36  GLU B HG3  1 
ATOM   1412 N  N    . GLY B 1 37 ? 8.63943   15.21862  2.45922   1.000 73.23791  ? 37  GLY B N    1 
ATOM   1413 C  CA   . GLY B 1 37 ? 9.59491   16.17660  1.93990   1.000 69.89056  ? 37  GLY B CA   1 
ATOM   1414 C  C    . GLY B 1 37 ? 10.72517  15.53615  1.15720   1.000 67.34289  ? 37  GLY B C    1 
ATOM   1415 O  O    . GLY B 1 37 ? 10.51732  15.06892  0.03177   1.000 59.76448  ? 37  GLY B O    1 
ATOM   1416 H  H    . GLY B 1 37 ? 7.81798   15.45213  2.36318   1.000 87.98254  ? 37  GLY B H    1 
ATOM   1417 H  HA2  . GLY B 1 37 ? 9.13670   16.80089  1.35653   1.000 83.96572  ? 37  GLY B HA2  1 
ATOM   1418 H  HA3  . GLY B 1 37 ? 9.98028   16.67591  2.67676   1.000 83.96572  ? 37  GLY B HA3  1 
ATOM   1419 N  N    . ASN B 1 38 ? 11.92432  15.50697  1.75023   1.000 70.30976  ? 38  ASN B N    1 
ATOM   1420 C  CA   . ASN B 1 38 ? 13.10178  14.89731  1.14294   1.000 72.51019  ? 38  ASN B CA   1 
ATOM   1421 C  C    . ASN B 1 38 ? 13.38602  13.50225  1.69321   1.000 68.11085  ? 38  ASN B C    1 
ATOM   1422 O  O    . ASN B 1 38 ? 14.41060  12.90831  1.34547   1.000 64.60344  ? 38  ASN B O    1 
ATOM   1423 C  CB   . ASN B 1 38 ? 14.33178  15.79257  1.33492   1.000 72.05176  ? 38  ASN B CB   1 
ATOM   1424 C  CG   . ASN B 1 38 ? 15.44441  15.47592  0.34715   1.000 86.69839  ? 38  ASN B CG   1 
ATOM   1425 O  OD1  . ASN B 1 38 ? 15.24557  14.71204  -0.59544  1.000 88.78624  ? 38  ASN B OD1  1 
ATOM   1426 N  ND2  . ASN B 1 38 ? 16.61740  16.06763  0.55306   1.000 95.20857  ? 38  ASN B ND2  1 
ATOM   1427 H  H    . ASN B 1 38 ? 12.07918  15.84463  2.52547   1.000 84.46877  ? 38  ASN B H    1 
ATOM   1428 H  HA   . ASN B 1 38 ? 12.94739  14.81059  0.18942   1.000 87.10929  ? 38  ASN B HA   1 
ATOM   1429 H  HB2  . ASN B 1 38 ? 14.07227  16.71865  1.20848   1.000 86.55916  ? 38  ASN B HB2  1 
ATOM   1430 H  HB3  . ASN B 1 38 ? 14.68015  15.66423  2.23124   1.000 86.55916  ? 38  ASN B HB3  1 
ATOM   1431 H  HD21 . ASN B 1 38 ? 17.27431  15.91826  0.01860   1.000 114.34734 ? 38  ASN B HD21 1 
ATOM   1432 H  HD22 . ASN B 1 38 ? 16.71956  16.59721  1.22253   1.000 114.34734 ? 38  ASN B HD22 1 
ATOM   1433 N  N    . CYS B 1 39 ? 12.50815  12.97003  2.53787   1.000 69.59198  ? 39  CYS B N    1 
ATOM   1434 C  CA   . CYS B 1 39 ? 12.58520  11.59570  3.00082   1.000 72.70264  ? 39  CYS B CA   1 
ATOM   1435 C  C    . CYS B 1 39 ? 11.50157  10.76737  2.32505   1.000 66.44493  ? 39  CYS B C    1 
ATOM   1436 O  O    . CYS B 1 39 ? 10.47281  11.27935  1.87601   1.000 61.99000  ? 39  CYS B O    1 
ATOM   1437 C  CB   . CYS B 1 39 ? 12.42008  11.51898  4.51585   1.000 73.75812  ? 39  CYS B CB   1 
ATOM   1438 S  SG   . CYS B 1 39 ? 13.68703  12.47540  5.40239   1.000 87.15126  ? 39  CYS B SG   1 
ATOM   1439 H  H    . CYS B 1 39 ? 11.84016  13.39999  2.86582   1.000 83.60743  ? 39  CYS B H    1 
ATOM   1440 H  HA   . CYS B 1 39 ? 13.44910  11.22026  2.76802   1.000 87.34022  ? 39  CYS B HA   1 
ATOM   1441 H  HB2  . CYS B 1 39 ? 11.55009  11.87385  4.75833   1.000 88.60679  ? 39  CYS B HB2  1 
ATOM   1442 H  HB3  . CYS B 1 39 ? 12.49129  10.59343  4.79609   1.000 88.60679  ? 39  CYS B HB3  1 
ATOM   1443 N  N    . TYR B 1 40 ? 11.75295  9.47736   2.24259   1.000 64.88674  ? 40  TYR B N    1 
ATOM   1444 C  CA   . TYR B 1 40 ? 10.74206  8.53043   1.82379   1.000 60.63366  ? 40  TYR B CA   1 
ATOM   1445 C  C    . TYR B 1 40 ? 10.48420  7.59074   2.98558   1.000 56.60694  ? 40  TYR B C    1 
ATOM   1446 O  O    . TYR B 1 40 ? 11.40190  7.26673   3.74361   1.000 49.48503  ? 40  TYR B O    1 
ATOM   1447 C  CB   . TYR B 1 40 ? 11.18483  7.75889   0.58385   1.000 61.43308  ? 40  TYR B CB   1 
ATOM   1448 C  CG   . TYR B 1 40 ? 11.39127  8.64671   -0.62165  1.000 64.97098  ? 40  TYR B CG   1 
ATOM   1449 C  CD1  . TYR B 1 40 ? 10.32610  8.93981   -1.46579  1.000 66.02929  ? 40  TYR B CD1  1 
ATOM   1450 C  CD2  . TYR B 1 40 ? 12.64466  9.19342   -0.91479  1.000 61.69881  ? 40  TYR B CD2  1 
ATOM   1451 C  CE1  . TYR B 1 40 ? 10.48892  9.74786   -2.57151  1.000 65.97210  ? 40  TYR B CE1  1 
ATOM   1452 C  CE2  . TYR B 1 40 ? 12.82027  10.00423  -2.02992  1.000 62.38472  ? 40  TYR B CE2  1 
ATOM   1453 C  CZ   . TYR B 1 40 ? 11.72161  10.27076  -2.85453  1.000 62.55679  ? 40  TYR B CZ   1 
ATOM   1454 O  OH   . TYR B 1 40 ? 11.81873  11.06986  -3.97039  1.000 59.42953  ? 40  TYR B OH   1 
ATOM   1455 H  H    . TYR B 1 40 ? 12.51254  9.11882   2.42623   1.000 77.96115  ? 40  TYR B H    1 
ATOM   1456 H  HA   . TYR B 1 40 ? 9.91727   8.99684   1.61719   1.000 72.85745  ? 40  TYR B HA   1 
ATOM   1457 H  HB2  . TYR B 1 40 ? 12.02506  7.31198   0.77426   1.000 73.81675  ? 40  TYR B HB2  1 
ATOM   1458 H  HB3  . TYR B 1 40 ? 10.50491  7.10417   0.36024   1.000 73.81675  ? 40  TYR B HB3  1 
ATOM   1459 H  HD1  . TYR B 1 40 ? 9.48687   8.58408   -1.28102  1.000 79.33221  ? 40  TYR B HD1  1 
ATOM   1460 H  HD2  . TYR B 1 40 ? 13.36981  9.00657   -0.36250  1.000 74.13563  ? 40  TYR B HD2  1 
ATOM   1461 H  HE1  . TYR B 1 40 ? 9.76570   9.93056   -3.12664  1.000 79.26357  ? 40  TYR B HE1  1 
ATOM   1462 H  HE2  . TYR B 1 40 ? 13.65501  10.36537  -2.22388  1.000 74.95872  ? 40  TYR B HE2  1 
ATOM   1463 H  HH   . TYR B 1 40 ? 12.60821  11.34179  -4.06106  1.000 71.41250  ? 40  TYR B HH   1 
ATOM   1464 N  N    . VAL B 1 41 ? 9.22740   7.18098   3.12160   1.000 46.53098  ? 41  VAL B N    1 
ATOM   1465 C  CA   . VAL B 1 41 ? 8.79413   6.21785   4.12516   1.000 39.58274  ? 41  VAL B CA   1 
ATOM   1466 C  C    . VAL B 1 41 ? 8.33323   4.94692   3.41634   1.000 44.95839  ? 41  VAL B C    1 
ATOM   1467 O  O    . VAL B 1 41 ? 7.51191   5.00739   2.48584   1.000 32.40794  ? 41  VAL B O    1 
ATOM   1468 C  CB   . VAL B 1 41 ? 7.66107   6.79531   4.98626   1.000 38.92954  ? 41  VAL B CB   1 
ATOM   1469 C  CG1  . VAL B 1 41 ? 7.25954   5.80995   6.06107   1.000 43.89479  ? 41  VAL B CG1  1 
ATOM   1470 C  CG2  . VAL B 1 41 ? 8.05571   8.14518   5.56934   1.000 46.76003  ? 41  VAL B CG2  1 
ATOM   1471 H  H    . VAL B 1 41 ? 8.58405   7.45939   2.62327   1.000 55.93423  ? 41  VAL B H    1 
ATOM   1472 H  HA   . VAL B 1 41 ? 9.53886   5.99482   4.70554   1.000 47.59634  ? 41  VAL B HA   1 
ATOM   1473 H  HB   . VAL B 1 41 ? 6.88732   6.93874   4.41889   1.000 46.81250  ? 41  VAL B HB   1 
ATOM   1474 H  HG11 . VAL B 1 41 ? 6.64406   6.24424   6.67245   1.000 52.77080  ? 41  VAL B HG11 1 
ATOM   1475 H  HG12 . VAL B 1 41 ? 6.82782   5.04562   5.64845   1.000 52.77080  ? 41  VAL B HG12 1 
ATOM   1476 H  HG13 . VAL B 1 41 ? 8.05400   5.52433   6.53961   1.000 52.77080  ? 41  VAL B HG13 1 
ATOM   1477 H  HG21 . VAL B 1 41 ? 7.54432   8.30664   6.37722   1.000 56.20910  ? 41  VAL B HG21 1 
ATOM   1478 H  HG22 . VAL B 1 41 ? 9.00370   8.13200   5.77230   1.000 56.20910  ? 41  VAL B HG22 1 
ATOM   1479 H  HG23 . VAL B 1 41 ? 7.87058   8.83612   4.91424   1.000 56.20910  ? 41  VAL B HG23 1 
ATOM   1480 N  N    . CYS B 1 42 ? 8.84529   3.79900   3.86959   1.000 37.36828  ? 42  CYS B N    1 
ATOM   1481 C  CA   . CYS B 1 42 ? 8.43192   2.49991   3.36647   1.000 37.87665  ? 42  CYS B CA   1 
ATOM   1482 C  C    . CYS B 1 42 ? 7.33413   1.96779   4.26701   1.000 40.92196  ? 42  CYS B C    1 
ATOM   1483 O  O    . CYS B 1 42 ? 7.52291   1.85725   5.47896   1.000 35.40309  ? 42  CYS B O    1 
ATOM   1484 C  CB   . CYS B 1 42 ? 9.58895   1.50464   3.34458   1.000 39.18088  ? 42  CYS B CB   1 
ATOM   1485 S  SG   . CYS B 1 42 ? 9.08281   -0.20878  3.15074   1.000 40.55165  ? 42  CYS B SG   1 
ATOM   1486 H  H    . CYS B 1 42 ? 9.44653   3.75272   4.48232   1.000 44.93899  ? 42  CYS B H    1 
ATOM   1487 H  HA   . CYS B 1 42 ? 8.08206   2.59129   2.46641   1.000 45.54904  ? 42  CYS B HA   1 
ATOM   1488 H  HB2  . CYS B 1 42 ? 10.17437  1.72521   2.60318   1.000 47.11411  ? 42  CYS B HB2  1 
ATOM   1489 H  HB3  . CYS B 1 42 ? 10.07708  1.57600   4.17998   1.000 47.11411  ? 42  CYS B HB3  1 
ATOM   1490 N  N    . GLY B 1 43 ? 6.17779   1.66719   3.68036   1.000 33.53476  ? 43  GLY B N    1 
ATOM   1491 C  CA   . GLY B 1 43 ? 5.04171   1.17990   4.42260   1.000 26.74381  ? 43  GLY B CA   1 
ATOM   1492 C  C    . GLY B 1 43 ? 4.80505   -0.26714  4.02957   1.000 30.02942  ? 43  GLY B C    1 
ATOM   1493 O  O    . GLY B 1 43 ? 4.78395   -0.59429  2.84498   1.000 31.37329  ? 43  GLY B O    1 
ATOM   1494 H  H    . GLY B 1 43 ? 6.03280   1.74154   2.83602   1.000 40.33877  ? 43  GLY B H    1 
ATOM   1495 H  HA2  . GLY B 1 43 ? 5.21031   1.22986   5.37678   1.000 32.18962  ? 43  GLY B HA2  1 
ATOM   1496 H  HA3  . GLY B 1 43 ? 4.25267   1.70276   4.21000   1.000 32.18962  ? 43  GLY B HA3  1 
ATOM   1497 N  N    . ILE B 1 44 ? 4.67583   -1.12564  5.04207   1.000 32.16634  ? 44  ILE B N    1 
ATOM   1498 C  CA   . ILE B 1 44 ? 4.50534   -2.56824  4.85927   1.000 30.40111  ? 44  ILE B CA   1 
ATOM   1499 C  C    . ILE B 1 44 ? 3.16173   -2.93609  5.45858   1.000 24.23720  ? 44  ILE B C    1 
ATOM   1500 O  O    . ILE B 1 44 ? 2.89140   -2.63137  6.62350   1.000 29.19491  ? 44  ILE B O    1 
ATOM   1501 C  CB   . ILE B 1 44 ? 5.64505   -3.36867  5.51676   1.000 31.89469  ? 44  ILE B CB   1 
ATOM   1502 C  CG1  . ILE B 1 44 ? 7.01214   -3.04755  4.86084   1.000 36.53041  ? 44  ILE B CG1  1 
ATOM   1503 C  CG2  . ILE B 1 44 ? 5.33297   -4.83964  5.47056   1.000 30.58249  ? 44  ILE B CG2  1 
ATOM   1504 C  CD1  . ILE B 1 44 ? 7.12019   -3.47800  3.40099   1.000 38.58745  ? 44  ILE B CD1  1 
ATOM   1505 H  H    . ILE B 1 44 ? 4.68471   -0.88823  5.86858   1.000 38.69666  ? 44  ILE B H    1 
ATOM   1506 H  HA   . ILE B 1 44 ? 4.48502   -2.77789  3.91231   1.000 36.57838  ? 44  ILE B HA   1 
ATOM   1507 H  HB   . ILE B 1 44 ? 5.69384   -3.10440  6.44771   1.000 38.37069  ? 44  ILE B HB   1 
ATOM   1508 H  HG12 . ILE B 1 44 ? 7.15968   -2.08947  4.89858   1.000 43.93354  ? 44  ILE B HG12 1 
ATOM   1509 H  HG13 . ILE B 1 44 ? 7.70629   -3.50547  5.35723   1.000 43.93354  ? 44  ILE B HG13 1 
ATOM   1510 H  HG21 . ILE B 1 44 ? 6.15139   -5.33852  5.61711   1.000 36.79604  ? 44  ILE B HG21 1 
ATOM   1511 H  HG22 . ILE B 1 44 ? 4.68922   -5.05054  6.16524   1.000 36.79604  ? 44  ILE B HG22 1 
ATOM   1512 H  HG23 . ILE B 1 44 ? 4.96658   -5.05573  4.59900   1.000 36.79604  ? 44  ILE B HG23 1 
ATOM   1513 H  HD11 . ILE B 1 44 ? 8.01112   -3.27133  3.07827   1.000 46.40200  ? 44  ILE B HD11 1 
ATOM   1514 H  HD12 . ILE B 1 44 ? 6.96042   -4.43259  3.33789   1.000 46.40200  ? 44  ILE B HD12 1 
ATOM   1515 H  HD13 . ILE B 1 44 ? 6.46023   -2.99631  2.87839   1.000 46.40200  ? 44  ILE B HD13 1 
ATOM   1516 N  N    . ILE B 1 45 ? 2.28680   -3.53977  4.64894   1.000 25.79872  ? 45  ILE B N    1 
ATOM   1517 C  CA   . ILE B 1 45 ? 0.92697   -3.83853  5.07483   1.000 22.25205  ? 45  ILE B CA   1 
ATOM   1518 C  C    . ILE B 1 45 ? 0.75559   -5.33194  4.94198   1.000 25.32403  ? 45  ILE B C    1 
ATOM   1519 O  O    . ILE B 1 45 ? 0.90737   -5.86378  3.83964   1.000 25.63429  ? 45  ILE B O    1 
ATOM   1520 C  CB   . ILE B 1 45 ? -0.11969  -3.11274  4.20978   1.000 31.16268  ? 45  ILE B CB   1 
ATOM   1521 C  CG1  . ILE B 1 45 ? 0.13535   -1.59977  4.14574   1.000 34.09672  ? 45  ILE B CG1  1 
ATOM   1522 C  CG2  . ILE B 1 45 ? -1.47933  -3.38692  4.76851   1.000 25.20470  ? 45  ILE B CG2  1 
ATOM   1523 C  CD1  . ILE B 1 45 ? 1.19684   -1.16895  3.17480   1.000 31.32110  ? 45  ILE B CD1  1 
ATOM   1524 H  H    . ILE B 1 45 ? 2.46242   -3.78612  3.84369   1.000 31.05552  ? 45  ILE B H    1 
ATOM   1525 H  HA   . ILE B 1 45 ? 0.80122   -3.58673  6.00281   1.000 26.79951  ? 45  ILE B HA   1 
ATOM   1526 H  HB   . ILE B 1 45 ? -0.07805  -3.47154  3.31005   1.000 37.49227  ? 45  ILE B HB   1 
ATOM   1527 H  HG12 . ILE B 1 45 ? -0.68842  -1.15674  3.89159   1.000 41.01312  ? 45  ILE B HG12 1 
ATOM   1528 H  HG13 . ILE B 1 45 ? 0.40731   -1.29897  5.02621   1.000 41.01312  ? 45  ILE B HG13 1 
ATOM   1529 H  HG21 . ILE B 1 45 ? -2.12751  -2.83156  4.30758   1.000 30.34270  ? 45  ILE B HG21 1 
ATOM   1530 H  HG22 . ILE B 1 45 ? -1.69712  -4.32269  4.63674   1.000 30.34270  ? 45  ILE B HG22 1 
ATOM   1531 H  HG23 . ILE B 1 45 ? -1.47913  -3.17660  5.71593   1.000 30.34270  ? 45  ILE B HG23 1 
ATOM   1532 H  HD11 . ILE B 1 45 ? 1.02255   -0.25362  2.90695   1.000 37.68237  ? 45  ILE B HD11 1 
ATOM   1533 H  HD12 . ILE B 1 45 ? 2.06464   -1.22568  3.60356   1.000 37.68237  ? 45  ILE B HD12 1 
ATOM   1534 H  HD13 . ILE B 1 45 ? 1.16915   -1.74868  2.39829   1.000 37.68237  ? 45  ILE B HD13 1 
ATOM   1535 N  N    . CYS B 1 46 ? 0.39129   -5.98951  6.04343   1.000 26.43659  ? 46  CYS B N    1 
ATOM   1536 C  CA   . CYS B 1 46 ? 0.35791   -7.43574  6.14774   1.000 23.59204  ? 46  CYS B CA   1 
ATOM   1537 C  C    . CYS B 1 46 ? -1.01304  -7.93121  6.58954   1.000 27.19246  ? 46  CYS B C    1 
ATOM   1538 O  O    . CYS B 1 46 ? -1.56980  -7.40334  7.55789   1.000 26.47778  ? 46  CYS B O    1 
ATOM   1539 C  CB   . CYS B 1 46 ? 1.40378   -7.87395  7.18946   1.000 25.65230  ? 46  CYS B CB   1 
ATOM   1540 S  SG   . CYS B 1 46 ? 3.06936   -7.27174  6.98641   1.000 27.81444  ? 46  CYS B SG   1 
ATOM   1541 H  H    . CYS B 1 46 ? 0.15054   -5.59528  6.76917   1.000 31.82096  ? 46  CYS B H    1 
ATOM   1542 H  HA   . CYS B 1 46 ? 0.57746   -7.83600  5.29219   1.000 28.40750  ? 46  CYS B HA   1 
ATOM   1543 H  HB2  . CYS B 1 46 ? 1.09960   -7.57631  8.06087   1.000 30.87982  ? 46  CYS B HB2  1 
ATOM   1544 H  HB3  . CYS B 1 46 ? 1.44822   -8.84244  7.18338   1.000 30.87982  ? 46  CYS B HB3  1 
ATOM   1545 N  N    . TRP B 1 47 ? -1.51146  -9.02786  5.96654   1.000 25.22907  ? 47  TRP B N    1 
ATOM   1546 C  CA   . TRP B 1 47 ? -2.81366  -9.60725  6.29846   1.000 24.15522  ? 47  TRP B CA   1 
ATOM   1547 C  C    . TRP B 1 47 ? -2.75178  -11.00134 7.00270   1.000 25.67403  ? 47  TRP B C    1 
ATOM   1548 O  O    . TRP B 1 47 ? -1.64609  -11.44698 7.25838   1.000 29.94544  ? 47  TRP B O    1 
ATOM   1549 C  CB   . TRP B 1 47 ? -3.67109  -9.77759  5.02181   1.000 25.55736  ? 47  TRP B CB   1 
ATOM   1550 C  CG   . TRP B 1 47 ? -4.47322  -8.58804  4.71148   1.000 32.77659  ? 47  TRP B CG   1 
ATOM   1551 C  CD1  . TRP B 1 47 ? -5.74449  -8.32961  5.14183   1.000 34.43074  ? 47  TRP B CD1  1 
ATOM   1552 C  CD2  . TRP B 1 47 ? -4.07935  -7.46461  3.92794   1.000 27.08790  ? 47  TRP B CD2  1 
ATOM   1553 N  NE1  . TRP B 1 47 ? -6.16499  -7.11719  4.67604   1.000 34.04031  ? 47  TRP B NE1  1 
ATOM   1554 C  CE2  . TRP B 1 47 ? -5.16381  -6.55882  3.92596   1.000 33.88282  ? 47  TRP B CE2  1 
ATOM   1555 C  CE3  . TRP B 1 47 ? -2.92430  -7.12569  3.23843   1.000 27.03838  ? 47  TRP B CE3  1 
ATOM   1556 C  CZ2  . TRP B 1 47 ? -5.12003  -5.34658  3.26859   1.000 29.26837  ? 47  TRP B CZ2  1 
ATOM   1557 C  CZ3  . TRP B 1 47 ? -2.89360  -5.91453  2.57550   1.000 26.47415  ? 47  TRP B CZ3  1 
ATOM   1558 C  CH2  . TRP B 1 47 ? -3.99308  -5.04597  2.59126   1.000 24.73770  ? 47  TRP B CH2  1 
ATOM   1559 H  H    . TRP B 1 47 ? -1.09915  -9.45075  5.34153   1.000 30.37194  ? 47  TRP B H    1 
ATOM   1560 H  HA   . TRP B 1 47 ? -3.28343  -8.99936  6.89035   1.000 29.08332  ? 47  TRP B HA   1 
ATOM   1561 H  HB2  . TRP B 1 47 ? -3.08437  -9.94899  4.26839   1.000 30.76588  ? 47  TRP B HB2  1 
ATOM   1562 H  HB3  . TRP B 1 47 ? -4.27735  -10.52416 5.14628   1.000 30.76588  ? 47  TRP B HB3  1 
ATOM   1563 H  HD1  . TRP B 1 47 ? -6.24971  -8.89698  5.67769   1.000 41.41395  ? 47  TRP B HD1  1 
ATOM   1564 H  HE1  . TRP B 1 47 ? -6.93385  -6.76276  4.82640   1.000 40.94543  ? 47  TRP B HE1  1 
ATOM   1565 H  HE3  . TRP B 1 47 ? -2.18996  -7.69687  3.22501   1.000 32.54311  ? 47  TRP B HE3  1 
ATOM   1566 H  HZ2  . TRP B 1 47 ? -5.84990  -4.77008  3.26991   1.000 35.21910  ? 47  TRP B HZ2  1 
ATOM   1567 H  HZ3  . TRP B 1 47 ? -2.12920  -5.67270  2.10385   1.000 31.86603  ? 47  TRP B HZ3  1 
ATOM   1568 H  HH2  . TRP B 1 47 ? -3.94053  -4.23796  2.13345   1.000 29.78229  ? 47  TRP B HH2  1 
HETATM 1569 ZN ZN   . ZN  C 2 .  ? -2.07290  -9.93796  -0.31763  1.000 24.35236  ? 101 ZN  A ZN   1 
HETATM 1570 ZN ZN   . ZN  D 2 .  ? 1.95433   9.87244   0.82208   1.000 30.81689  ? 102 ZN  A ZN   1 
HETATM 1571 C  C1   . MLI E 3 .  ? 3.63647   12.38034  -2.14975  1.000 51.57969  ? 103 MLI A C1   1 
HETATM 1572 C  C2   . MLI E 3 .  ? 2.55328   12.85585  -3.09144  1.000 53.89931  ? 103 MLI A C2   1 
HETATM 1573 C  C3   . MLI E 3 .  ? 3.14616   11.20651  -1.30263  1.000 39.55488  ? 103 MLI A C3   1 
HETATM 1574 O  O6   . MLI E 3 .  ? 2.83508   13.04862  -4.31431  1.000 54.60831  ? 103 MLI A O6   1 
HETATM 1575 O  O7   . MLI E 3 .  ? 1.38485   13.05225  -2.64214  1.000 54.46013  ? 103 MLI A O7   1 
HETATM 1576 O  O8   . MLI E 3 .  ? 2.04351   11.23037  -0.72471  1.000 40.84757  ? 103 MLI A O8   1 
HETATM 1577 O  O9   . MLI E 3 .  ? 3.85808   10.19654  -1.17946  1.000 38.04785  ? 103 MLI A O9   1 
HETATM 1578 H  H11  . MLI E 3 .  ? 4.40795   12.09993  -2.66639  1.000 61.99268  ? 103 MLI A H11  1 
HETATM 1579 H  H12  . MLI E 3 .  ? 3.89326   13.10974  -1.56472  1.000 61.99268  ? 103 MLI A H12  1 
HETATM 1580 C  C1   . MLI F 3 .  ? -1.27694  11.65095  2.64774   1.000 35.57205  ? 104 MLI A C1   1 
HETATM 1581 C  C2   . MLI F 3 .  ? -0.78973  13.07562  2.45652   1.000 53.61327  ? 104 MLI A C2   1 
HETATM 1582 C  C3   . MLI F 3 .  ? -0.16953  10.75174  2.13384   1.000 34.19963  ? 104 MLI A C3   1 
HETATM 1583 O  O6   . MLI F 3 .  ? -0.94558  13.68254  1.35377   1.000 51.51698  ? 104 MLI A O6   1 
HETATM 1584 O  O7   . MLI F 3 .  ? -0.21044  13.62595  3.43268   1.000 55.19773  ? 104 MLI A O7   1 
HETATM 1585 O  O8   . MLI F 3 .  ? 0.57492   11.17353  1.21008   1.000 32.18639  ? 104 MLI A O8   1 
HETATM 1586 O  O9   . MLI F 3 .  ? 0.00977   9.61141   2.61692   1.000 33.24821  ? 104 MLI A O9   1 
HETATM 1587 H  H11  . MLI F 3 .  ? -1.43581  11.47803  3.58845   1.000 42.78351  ? 104 MLI A H11  1 
HETATM 1588 H  H12  . MLI F 3 .  ? -2.09064  11.50426  2.14120   1.000 42.78351  ? 104 MLI A H12  1 
HETATM 1589 O  O    . HOH G 4 .  ? -0.14248  12.30893  -0.64892  1.000 47.30788  ? 201 HOH A O    1 
HETATM 1590 O  O    . HOH G 4 .  ? -2.55972  -6.28420  -5.48458  1.000 33.83436  ? 202 HOH A O    1 
HETATM 1591 O  O    . HOH G 4 .  ? -7.31489  -12.48638 5.47121   1.000 34.87774  ? 203 HOH A O    1 
HETATM 1592 O  O    . HOH G 4 .  ? -5.43424  -14.77762 -1.19339  1.000 28.06645  ? 204 HOH A O    1 
HETATM 1593 O  O    . HOH G 4 .  ? -10.42375 -16.09747 1.48933   1.000 38.06186  ? 205 HOH A O    1 
HETATM 1594 O  O    . HOH G 4 .  ? -7.06850  5.76110   5.35001   1.000 37.71284  ? 206 HOH A O    1 
HETATM 1595 O  O    . HOH G 4 .  ? -4.98661  12.97317  -9.64847  1.000 38.26453  ? 207 HOH A O    1 
HETATM 1596 O  O    . HOH G 4 .  ? -9.70301  9.63897   -8.32335  1.000 37.87994  ? 208 HOH A O    1 
HETATM 1597 O  O    . HOH G 4 .  ? -14.41186 0.71458   -10.82813 1.000 33.07732  ? 209 HOH A O    1 
HETATM 1598 O  O    . HOH G 4 .  ? -11.30604 -8.40719  -14.26202 1.000 40.34097  ? 210 HOH A O    1 
HETATM 1599 O  O    . HOH G 4 .  ? 0.04210   -0.00780  -4.69067  1.000 43.84249  ? 211 HOH A O    1 
HETATM 1600 O  O    . HOH G 4 .  ? -12.21413 -1.31715  -4.22969  1.000 41.56651  ? 212 HOH A O    1 
HETATM 1601 O  O    . HOH G 4 .  ? -12.65680 -11.00274 -11.93714 1.000 49.14244  ? 213 HOH A O    1 
HETATM 1602 O  O    . HOH G 4 .  ? -12.38037 -15.01012 0.06374   1.000 38.26776  ? 214 HOH A O    1 
HETATM 1603 O  O    . HOH G 4 .  ? -2.46769  5.78313   -4.38811  1.000 37.23429  ? 215 HOH A O    1 
HETATM 1604 O  O    . HOH G 4 .  ? -11.23087 -0.09913  8.36161   1.000 43.33869  ? 216 HOH A O    1 
HETATM 1605 O  O    . HOH G 4 .  ? -6.06285  -3.58948  -12.93516 1.000 42.48871  ? 217 HOH A O    1 
HETATM 1606 O  O    . HOH H 4 .  ? 8.57469   -0.74464  11.60118  1.000 39.00038  ? 101 HOH B O    1 
HETATM 1607 O  O    . HOH H 4 .  ? 8.49650   -5.70291  7.84206   1.000 42.46077  ? 102 HOH B O    1 
HETATM 1608 O  O    . HOH H 4 .  ? -2.17389  -13.83685 8.48028   1.000 33.73320  ? 103 HOH B O    1 
HETATM 1609 O  O    . HOH H 4 .  ? 4.52226   5.99204   -4.08509  1.000 43.15673  ? 104 HOH B O    1 
HETATM 1610 O  O    . HOH H 4 .  ? 2.78256   0.03040   -4.06220  1.000 41.77121  ? 105 HOH B O    1 
HETATM 1611 O  O    . HOH H 4 .  ? -0.04550  -9.98058  3.50640   1.000 30.25862  ? 106 HOH B O    1 
HETATM 1612 O  O    . HOH H 4 .  ? 13.25201  0.70344   1.82314   1.000 52.11403  ? 107 HOH B O    1 
HETATM 1613 O  O    . HOH H 4 .  ? -5.92217  -9.86764  9.12796   1.000 45.72145  ? 108 HOH B O    1 
# 
